data_1GHH
#
_entry.id   1GHH
#
_cell.length_a   1.000
_cell.length_b   1.000
_cell.length_c   1.000
_cell.angle_alpha   90.00
_cell.angle_beta   90.00
_cell.angle_gamma   90.00
#
_symmetry.space_group_name_H-M   'P 1'
#
_entity_poly.entity_id   1
_entity_poly.type   'polypeptide(L)'
_entity_poly.pdbx_seq_one_letter_code
;MRIEVTIAKTSPLPAGAIDALAGELSRRIQYAFPDNEGHVSVRYAAANNLSVIGATKEDKQRISEILQETWESADDWFVS
E
;
_entity_poly.pdbx_strand_id   A
#
# COMPACT_ATOMS: atom_id res chain seq x y z
N MET A 1 5.01 -1.92 13.46
CA MET A 1 4.79 -2.80 12.27
C MET A 1 5.38 -2.11 11.04
N ARG A 2 5.99 -2.89 10.14
CA ARG A 2 6.54 -2.35 8.90
C ARG A 2 5.90 -3.04 7.71
N ILE A 3 5.45 -2.25 6.75
CA ILE A 3 4.77 -2.77 5.56
C ILE A 3 5.53 -2.39 4.30
N GLU A 4 5.87 -3.39 3.48
CA GLU A 4 6.61 -3.14 2.23
C GLU A 4 5.88 -3.71 1.02
N VAL A 5 5.71 -2.85 0.01
CA VAL A 5 5.00 -3.23 -1.22
C VAL A 5 5.91 -3.10 -2.43
N THR A 6 5.93 -4.15 -3.26
CA THR A 6 6.75 -4.17 -4.48
C THR A 6 5.86 -4.35 -5.69
N ILE A 7 6.11 -3.54 -6.70
CA ILE A 7 5.36 -3.58 -7.94
C ILE A 7 6.28 -3.95 -9.10
N ALA A 8 5.85 -4.89 -9.93
CA ALA A 8 6.65 -5.32 -11.06
C ALA A 8 6.83 -4.18 -12.05
N LYS A 9 8.09 -4.00 -12.42
CA LYS A 9 8.49 -2.95 -13.35
C LYS A 9 7.79 -3.11 -14.68
N THR A 10 7.37 -4.34 -15.00
CA THR A 10 6.66 -4.59 -16.25
C THR A 10 5.35 -3.81 -16.27
N SER A 11 4.97 -3.24 -15.13
CA SER A 11 3.74 -2.45 -15.02
C SER A 11 4.04 -1.04 -14.52
N PRO A 12 4.48 -0.16 -15.39
CA PRO A 12 4.82 1.23 -15.03
C PRO A 12 3.60 2.13 -14.75
N LEU A 13 3.67 2.87 -13.65
CA LEU A 13 2.59 3.79 -13.26
C LEU A 13 3.06 5.23 -13.56
N PRO A 14 2.17 6.13 -13.90
CA PRO A 14 2.57 7.53 -14.24
C PRO A 14 3.52 8.12 -13.19
N ALA A 15 4.37 9.01 -13.68
CA ALA A 15 5.39 9.69 -12.88
C ALA A 15 4.80 10.45 -11.68
N GLY A 16 3.94 9.81 -10.90
CA GLY A 16 3.35 10.46 -9.74
C GLY A 16 2.47 9.50 -8.94
N ALA A 17 2.09 8.41 -9.61
CA ALA A 17 1.21 7.43 -9.01
C ALA A 17 1.82 6.64 -7.85
N ILE A 18 3.08 6.27 -7.95
CA ILE A 18 3.71 5.50 -6.87
C ILE A 18 3.65 6.32 -5.57
N ASP A 19 4.08 7.56 -5.66
CA ASP A 19 4.05 8.43 -4.49
C ASP A 19 2.62 8.58 -4.01
N ALA A 20 1.66 8.68 -4.93
CA ALA A 20 0.28 8.83 -4.53
C ALA A 20 -0.23 7.57 -3.82
N LEU A 21 0.17 6.41 -4.35
CA LEU A 21 -0.22 5.12 -3.80
C LEU A 21 0.29 4.97 -2.37
N ALA A 22 1.58 5.26 -2.17
CA ALA A 22 2.19 5.15 -0.86
C ALA A 22 1.50 6.09 0.14
N GLY A 23 1.13 7.28 -0.30
CA GLY A 23 0.44 8.22 0.58
C GLY A 23 -0.95 7.73 0.94
N GLU A 24 -1.70 7.21 -0.03
CA GLU A 24 -3.04 6.73 0.26
C GLU A 24 -2.99 5.52 1.18
N LEU A 25 -2.06 4.61 0.92
CA LEU A 25 -1.94 3.42 1.76
C LEU A 25 -1.59 3.76 3.20
N SER A 26 -0.67 4.69 3.38
CA SER A 26 -0.28 5.08 4.73
C SER A 26 -1.46 5.61 5.52
N ARG A 27 -2.26 6.49 4.92
CA ARG A 27 -3.41 7.05 5.62
C ARG A 27 -4.36 5.93 6.04
N ARG A 28 -4.56 4.96 5.14
CA ARG A 28 -5.45 3.84 5.43
C ARG A 28 -4.92 3.01 6.61
N ILE A 29 -3.60 2.81 6.62
CA ILE A 29 -2.97 2.02 7.68
C ILE A 29 -3.10 2.70 9.05
N GLN A 30 -2.83 4.00 9.09
CA GLN A 30 -2.93 4.72 10.34
C GLN A 30 -4.35 4.67 10.88
N TYR A 31 -5.37 4.78 10.02
CA TYR A 31 -6.73 4.73 10.50
C TYR A 31 -7.05 3.34 11.05
N ALA A 32 -6.57 2.30 10.39
CA ALA A 32 -6.83 0.93 10.82
C ALA A 32 -6.05 0.58 12.09
N PHE A 33 -4.82 1.09 12.19
CA PHE A 33 -3.95 0.80 13.34
C PHE A 33 -3.60 2.10 14.08
N PRO A 34 -4.42 2.52 15.01
CA PRO A 34 -4.18 3.77 15.79
C PRO A 34 -3.06 3.65 16.83
N ASP A 35 -2.89 2.43 17.36
CA ASP A 35 -1.90 2.18 18.41
C ASP A 35 -0.54 1.70 17.90
N ASN A 36 -0.39 1.39 16.60
CA ASN A 36 0.91 0.89 16.11
C ASN A 36 1.45 1.73 14.96
N GLU A 37 2.71 2.15 15.02
CA GLU A 37 3.29 2.92 13.93
C GLU A 37 3.34 2.08 12.66
N GLY A 38 2.74 2.58 11.58
CA GLY A 38 2.78 1.86 10.30
C GLY A 38 3.65 2.58 9.28
N HIS A 39 4.67 1.91 8.71
CA HIS A 39 5.52 2.56 7.70
C HIS A 39 5.33 1.83 6.38
N VAL A 40 4.95 2.57 5.34
CA VAL A 40 4.70 1.96 4.04
C VAL A 40 5.69 2.42 2.99
N SER A 41 6.29 1.46 2.28
CA SER A 41 7.25 1.77 1.22
C SER A 41 6.82 1.11 -0.08
N VAL A 42 7.00 1.81 -1.19
CA VAL A 42 6.63 1.27 -2.50
C VAL A 42 7.82 1.44 -3.45
N ARG A 43 8.21 0.35 -4.09
CA ARG A 43 9.34 0.39 -5.03
C ARG A 43 9.17 -0.63 -6.14
N TYR A 44 9.88 -0.41 -7.25
CA TYR A 44 9.81 -1.33 -8.37
C TYR A 44 10.76 -2.51 -8.12
N ALA A 45 10.29 -3.71 -8.42
CA ALA A 45 11.07 -4.92 -8.23
C ALA A 45 10.82 -5.86 -9.41
N ALA A 46 11.62 -6.90 -9.55
CA ALA A 46 11.43 -7.82 -10.66
C ALA A 46 10.04 -8.45 -10.58
N ALA A 47 9.48 -8.58 -9.36
CA ALA A 47 8.17 -9.22 -9.21
C ALA A 47 7.27 -8.51 -8.19
N ASN A 48 5.96 -8.62 -8.37
CA ASN A 48 5.00 -8.05 -7.42
C ASN A 48 5.04 -8.89 -6.16
N ASN A 49 5.24 -8.25 -5.01
CA ASN A 49 5.28 -8.96 -3.73
C ASN A 49 4.82 -8.05 -2.60
N LEU A 50 4.22 -8.64 -1.57
CA LEU A 50 3.75 -7.89 -0.39
C LEU A 50 4.41 -8.55 0.82
N SER A 51 5.17 -7.79 1.61
CA SER A 51 5.82 -8.34 2.81
C SER A 51 5.40 -7.55 4.04
N VAL A 52 4.96 -8.25 5.09
CA VAL A 52 4.56 -7.60 6.35
C VAL A 52 5.39 -8.17 7.49
N ILE A 53 6.05 -7.30 8.25
CA ILE A 53 6.87 -7.73 9.40
C ILE A 53 6.37 -7.11 10.69
N GLY A 54 6.17 -7.96 11.72
CA GLY A 54 5.72 -7.46 13.02
C GLY A 54 4.20 -7.50 13.17
N ALA A 55 3.51 -8.24 12.29
CA ALA A 55 2.04 -8.31 12.34
C ALA A 55 1.53 -9.73 12.49
N THR A 56 0.27 -9.82 12.92
CA THR A 56 -0.47 -11.06 13.09
C THR A 56 -1.22 -11.40 11.81
N LYS A 57 -1.57 -12.67 11.67
CA LYS A 57 -2.24 -13.15 10.47
C LYS A 57 -3.56 -12.40 10.22
N GLU A 58 -4.33 -12.11 11.26
CA GLU A 58 -5.59 -11.39 11.09
C GLU A 58 -5.32 -9.96 10.61
N ASP A 59 -4.27 -9.32 11.16
CA ASP A 59 -3.94 -7.95 10.75
C ASP A 59 -3.57 -7.95 9.27
N LYS A 60 -2.78 -8.95 8.90
CA LYS A 60 -2.34 -9.09 7.53
C LYS A 60 -3.52 -9.29 6.57
N GLN A 61 -4.52 -10.09 6.94
CA GLN A 61 -5.67 -10.27 6.06
C GLN A 61 -6.39 -8.93 5.91
N ARG A 62 -6.56 -8.21 7.03
CA ARG A 62 -7.24 -6.92 6.98
C ARG A 62 -6.46 -5.99 6.04
N ILE A 63 -5.14 -5.97 6.18
CA ILE A 63 -4.33 -5.12 5.32
C ILE A 63 -4.51 -5.50 3.86
N SER A 64 -4.51 -6.80 3.55
CA SER A 64 -4.73 -7.20 2.17
C SER A 64 -6.10 -6.67 1.75
N GLU A 65 -7.12 -6.76 2.62
CA GLU A 65 -8.45 -6.26 2.27
C GLU A 65 -8.39 -4.77 2.01
N ILE A 66 -7.66 -4.04 2.85
CA ILE A 66 -7.53 -2.59 2.68
C ILE A 66 -6.90 -2.28 1.33
N LEU A 67 -5.84 -3.01 1.00
CA LEU A 67 -5.17 -2.81 -0.26
C LEU A 67 -6.16 -3.06 -1.40
N GLN A 68 -6.94 -4.11 -1.28
CA GLN A 68 -7.93 -4.41 -2.29
C GLN A 68 -8.91 -3.25 -2.43
N GLU A 69 -9.48 -2.79 -1.31
CA GLU A 69 -10.48 -1.71 -1.37
C GLU A 69 -9.91 -0.39 -1.90
N THR A 70 -8.73 0.00 -1.43
CA THR A 70 -8.12 1.26 -1.90
C THR A 70 -7.91 1.18 -3.39
N TRP A 71 -7.35 0.05 -3.80
CA TRP A 71 -7.06 -0.22 -5.18
C TRP A 71 -8.33 -0.17 -6.01
N GLU A 72 -9.43 -0.69 -5.49
CA GLU A 72 -10.70 -0.68 -6.22
C GLU A 72 -11.36 0.70 -6.22
N SER A 73 -10.94 1.62 -5.34
CA SER A 73 -11.57 2.96 -5.30
C SER A 73 -10.62 4.02 -5.87
N ALA A 74 -9.69 3.58 -6.71
CA ALA A 74 -8.68 4.45 -7.29
C ALA A 74 -9.19 5.70 -8.01
N ASP A 75 -10.34 5.62 -8.68
CA ASP A 75 -10.87 6.76 -9.40
C ASP A 75 -11.30 7.91 -8.48
N ASP A 76 -11.53 7.62 -7.21
CA ASP A 76 -11.97 8.66 -6.26
C ASP A 76 -10.82 9.34 -5.50
N TRP A 77 -9.88 8.56 -4.98
CA TRP A 77 -8.78 9.15 -4.20
C TRP A 77 -7.55 9.51 -5.04
N PHE A 78 -7.39 8.93 -6.23
CA PHE A 78 -6.23 9.28 -7.06
C PHE A 78 -6.53 10.47 -7.94
N VAL A 79 -5.61 11.44 -7.89
CA VAL A 79 -5.71 12.67 -8.67
C VAL A 79 -4.48 12.77 -9.58
N SER A 80 -4.65 13.20 -10.83
CA SER A 80 -3.52 13.33 -11.76
C SER A 80 -3.40 14.77 -12.25
N GLU A 81 -2.18 15.24 -12.36
CA GLU A 81 -1.92 16.61 -12.82
C GLU A 81 -2.34 16.77 -14.28
N MET A 1 5.47 -1.82 13.58
CA MET A 1 5.12 -2.70 12.43
C MET A 1 5.59 -2.02 11.15
N ARG A 2 6.09 -2.81 10.19
CA ARG A 2 6.56 -2.25 8.91
C ARG A 2 5.89 -2.95 7.73
N ILE A 3 5.42 -2.16 6.78
CA ILE A 3 4.74 -2.69 5.59
C ILE A 3 5.52 -2.32 4.32
N GLU A 4 5.88 -3.34 3.52
CA GLU A 4 6.63 -3.09 2.28
C GLU A 4 5.90 -3.66 1.07
N VAL A 5 5.73 -2.81 0.05
CA VAL A 5 5.02 -3.21 -1.18
C VAL A 5 5.93 -3.09 -2.41
N THR A 6 5.95 -4.14 -3.24
CA THR A 6 6.76 -4.16 -4.46
C THR A 6 5.87 -4.34 -5.67
N ILE A 7 6.12 -3.52 -6.68
CA ILE A 7 5.36 -3.55 -7.92
C ILE A 7 6.28 -3.94 -9.08
N ALA A 8 5.84 -4.89 -9.90
CA ALA A 8 6.64 -5.33 -11.03
C ALA A 8 6.83 -4.19 -12.01
N LYS A 9 8.09 -4.03 -12.39
CA LYS A 9 8.51 -2.98 -13.31
C LYS A 9 7.81 -3.13 -14.65
N THR A 10 7.38 -4.34 -14.98
CA THR A 10 6.67 -4.58 -16.23
C THR A 10 5.37 -3.79 -16.25
N SER A 11 4.99 -3.21 -15.11
CA SER A 11 3.75 -2.42 -15.02
C SER A 11 4.05 -1.00 -14.54
N PRO A 12 4.49 -0.14 -15.42
CA PRO A 12 4.83 1.27 -15.08
C PRO A 12 3.59 2.15 -14.80
N LEU A 13 3.66 2.91 -13.70
CA LEU A 13 2.58 3.81 -13.33
C LEU A 13 3.06 5.25 -13.59
N PRO A 14 2.19 6.17 -13.96
CA PRO A 14 2.61 7.56 -14.26
C PRO A 14 3.55 8.13 -13.19
N ALA A 15 4.40 9.05 -13.64
CA ALA A 15 5.40 9.71 -12.81
C ALA A 15 4.78 10.44 -11.61
N GLY A 16 3.94 9.77 -10.84
CA GLY A 16 3.30 10.40 -9.69
C GLY A 16 2.46 9.39 -8.91
N ALA A 17 2.15 8.29 -9.58
CA ALA A 17 1.30 7.25 -8.99
C ALA A 17 1.93 6.47 -7.83
N ILE A 18 3.20 6.13 -7.92
CA ILE A 18 3.82 5.37 -6.83
C ILE A 18 3.76 6.19 -5.53
N ASP A 19 4.17 7.45 -5.62
CA ASP A 19 4.14 8.32 -4.46
C ASP A 19 2.72 8.47 -3.96
N ALA A 20 1.75 8.56 -4.88
CA ALA A 20 0.37 8.71 -4.47
C ALA A 20 -0.13 7.46 -3.76
N LEU A 21 0.23 6.30 -4.29
CA LEU A 21 -0.16 5.03 -3.73
C LEU A 21 0.34 4.88 -2.30
N ALA A 22 1.63 5.17 -2.11
CA ALA A 22 2.24 5.07 -0.78
C ALA A 22 1.54 6.02 0.19
N GLY A 23 1.14 7.19 -0.28
CA GLY A 23 0.43 8.14 0.60
C GLY A 23 -0.97 7.65 0.95
N GLU A 24 -1.71 7.13 -0.02
CA GLU A 24 -3.07 6.68 0.29
C GLU A 24 -3.01 5.49 1.25
N LEU A 25 -2.07 4.58 1.03
CA LEU A 25 -1.95 3.41 1.87
C LEU A 25 -1.61 3.77 3.32
N SER A 26 -0.68 4.70 3.50
CA SER A 26 -0.26 5.10 4.84
C SER A 26 -1.44 5.66 5.63
N ARG A 27 -2.22 6.53 5.02
CA ARG A 27 -3.36 7.11 5.70
C ARG A 27 -4.31 5.98 6.12
N ARG A 28 -4.50 5.02 5.23
CA ARG A 28 -5.35 3.87 5.54
C ARG A 28 -4.81 3.06 6.72
N ILE A 29 -3.50 2.91 6.76
CA ILE A 29 -2.84 2.15 7.82
C ILE A 29 -2.98 2.82 9.19
N GLN A 30 -2.74 4.12 9.23
CA GLN A 30 -2.84 4.86 10.49
C GLN A 30 -4.24 4.83 11.04
N TYR A 31 -5.27 4.95 10.20
CA TYR A 31 -6.63 4.92 10.69
C TYR A 31 -6.94 3.52 11.24
N ALA A 32 -6.42 2.50 10.58
CA ALA A 32 -6.64 1.12 11.00
C ALA A 32 -5.87 0.76 12.28
N PHE A 33 -4.65 1.30 12.39
CA PHE A 33 -3.79 1.04 13.55
C PHE A 33 -3.44 2.32 14.28
N PRO A 34 -4.29 2.76 15.20
CA PRO A 34 -4.06 4.02 15.97
C PRO A 34 -2.94 3.90 17.01
N ASP A 35 -2.75 2.69 17.55
CA ASP A 35 -1.75 2.45 18.60
C ASP A 35 -0.40 1.94 18.07
N ASN A 36 -0.27 1.65 16.77
CA ASN A 36 1.01 1.12 16.27
C ASN A 36 1.55 1.92 15.09
N GLU A 37 2.80 2.35 15.13
CA GLU A 37 3.37 3.09 14.01
C GLU A 37 3.43 2.25 12.73
N GLY A 38 2.83 2.75 11.65
CA GLY A 38 2.87 2.03 10.38
C GLY A 38 3.74 2.74 9.35
N HIS A 39 4.74 2.06 8.77
CA HIS A 39 5.59 2.70 7.74
C HIS A 39 5.40 1.96 6.43
N VAL A 40 5.02 2.67 5.36
CA VAL A 40 4.78 2.04 4.07
C VAL A 40 5.79 2.48 3.01
N SER A 41 6.36 1.51 2.32
CA SER A 41 7.33 1.80 1.24
C SER A 41 6.90 1.13 -0.05
N VAL A 42 7.08 1.84 -1.17
CA VAL A 42 6.72 1.28 -2.48
C VAL A 42 7.88 1.47 -3.44
N ARG A 43 8.28 0.37 -4.10
CA ARG A 43 9.40 0.42 -5.05
C ARG A 43 9.22 -0.60 -6.17
N TYR A 44 9.92 -0.38 -7.27
CA TYR A 44 9.86 -1.30 -8.40
C TYR A 44 10.79 -2.49 -8.14
N ALA A 45 10.31 -3.69 -8.46
CA ALA A 45 11.08 -4.91 -8.26
C ALA A 45 10.84 -5.84 -9.46
N ALA A 46 11.65 -6.89 -9.60
CA ALA A 46 11.47 -7.80 -10.72
C ALA A 46 10.08 -8.43 -10.66
N ALA A 47 9.51 -8.56 -9.45
CA ALA A 47 8.19 -9.19 -9.32
C ALA A 47 7.32 -8.47 -8.29
N ASN A 48 6.01 -8.54 -8.48
CA ASN A 48 5.07 -7.96 -7.53
C ASN A 48 5.11 -8.79 -6.26
N ASN A 49 5.32 -8.14 -5.11
CA ASN A 49 5.38 -8.85 -3.83
C ASN A 49 4.92 -7.92 -2.71
N LEU A 50 4.32 -8.51 -1.68
CA LEU A 50 3.85 -7.77 -0.51
C LEU A 50 4.47 -8.43 0.72
N SER A 51 5.21 -7.67 1.52
CA SER A 51 5.84 -8.22 2.73
C SER A 51 5.39 -7.43 3.95
N VAL A 52 4.94 -8.13 4.99
CA VAL A 52 4.51 -7.50 6.24
C VAL A 52 5.32 -8.08 7.39
N ILE A 53 5.99 -7.21 8.16
CA ILE A 53 6.80 -7.65 9.30
C ILE A 53 6.29 -7.05 10.60
N GLY A 54 6.01 -7.90 11.59
CA GLY A 54 5.54 -7.43 12.89
C GLY A 54 4.02 -7.48 13.01
N ALA A 55 3.34 -8.25 12.14
CA ALA A 55 1.87 -8.32 12.18
C ALA A 55 1.37 -9.75 12.36
N THR A 56 0.10 -9.83 12.77
CA THR A 56 -0.63 -11.07 12.98
C THR A 56 -1.39 -11.44 11.71
N LYS A 57 -1.72 -12.72 11.58
CA LYS A 57 -2.40 -13.23 10.39
C LYS A 57 -3.73 -12.50 10.13
N GLU A 58 -4.52 -12.24 11.17
CA GLU A 58 -5.78 -11.53 10.98
C GLU A 58 -5.52 -10.12 10.48
N ASP A 59 -4.47 -9.49 11.01
CA ASP A 59 -4.11 -8.15 10.60
C ASP A 59 -3.73 -8.16 9.13
N LYS A 60 -2.94 -9.16 8.76
CA LYS A 60 -2.50 -9.30 7.38
C LYS A 60 -3.68 -9.50 6.43
N GLN A 61 -4.67 -10.29 6.83
CA GLN A 61 -5.83 -10.47 5.96
C GLN A 61 -6.55 -9.13 5.80
N ARG A 62 -6.70 -8.39 6.92
CA ARG A 62 -7.37 -7.10 6.85
C ARG A 62 -6.63 -6.16 5.90
N ILE A 63 -5.30 -6.10 6.04
CA ILE A 63 -4.52 -5.24 5.18
C ILE A 63 -4.69 -5.62 3.72
N SER A 64 -4.69 -6.91 3.43
CA SER A 64 -4.89 -7.34 2.05
C SER A 64 -6.25 -6.81 1.62
N GLU A 65 -7.28 -6.93 2.49
CA GLU A 65 -8.60 -6.43 2.14
C GLU A 65 -8.53 -4.93 1.88
N ILE A 66 -7.81 -4.21 2.72
CA ILE A 66 -7.68 -2.76 2.55
C ILE A 66 -7.03 -2.43 1.21
N LEU A 67 -5.97 -3.15 0.89
CA LEU A 67 -5.29 -2.92 -0.37
C LEU A 67 -6.26 -3.17 -1.51
N GLN A 68 -7.05 -4.22 -1.37
CA GLN A 68 -8.03 -4.51 -2.39
C GLN A 68 -9.03 -3.35 -2.51
N GLU A 69 -9.60 -2.91 -1.39
CA GLU A 69 -10.59 -1.82 -1.44
C GLU A 69 -10.01 -0.51 -1.94
N THR A 70 -8.83 -0.10 -1.46
CA THR A 70 -8.24 1.16 -1.92
C THR A 70 -8.01 1.08 -3.41
N TRP A 71 -7.43 -0.05 -3.80
CA TRP A 71 -7.12 -0.31 -5.19
C TRP A 71 -8.39 -0.25 -6.02
N GLU A 72 -9.49 -0.77 -5.51
CA GLU A 72 -10.76 -0.75 -6.24
C GLU A 72 -11.40 0.64 -6.25
N SER A 73 -10.97 1.56 -5.37
CA SER A 73 -11.58 2.90 -5.33
C SER A 73 -10.63 3.97 -5.89
N ALA A 74 -9.70 3.52 -6.72
CA ALA A 74 -8.67 4.39 -7.27
C ALA A 74 -9.19 5.65 -8.00
N ASP A 75 -10.35 5.55 -8.65
CA ASP A 75 -10.88 6.71 -9.39
C ASP A 75 -11.32 7.84 -8.45
N ASP A 76 -11.58 7.55 -7.18
CA ASP A 76 -12.03 8.57 -6.24
C ASP A 76 -10.87 9.24 -5.49
N TRP A 77 -9.93 8.47 -4.98
CA TRP A 77 -8.81 9.07 -4.22
C TRP A 77 -7.60 9.42 -5.07
N PHE A 78 -7.45 8.84 -6.26
CA PHE A 78 -6.31 9.19 -7.11
C PHE A 78 -6.62 10.39 -7.98
N VAL A 79 -5.74 11.38 -7.93
CA VAL A 79 -5.89 12.61 -8.70
C VAL A 79 -4.65 12.79 -9.59
N SER A 80 -4.80 13.44 -10.75
CA SER A 80 -3.64 13.65 -11.64
C SER A 80 -3.69 15.07 -12.22
N GLU A 81 -2.52 15.71 -12.26
CA GLU A 81 -2.43 17.07 -12.79
C GLU A 81 -3.07 17.15 -14.17
N MET A 1 5.59 -1.61 13.57
CA MET A 1 5.25 -2.50 12.41
C MET A 1 5.73 -1.84 11.12
N ARG A 2 6.26 -2.64 10.19
CA ARG A 2 6.75 -2.11 8.91
C ARG A 2 6.05 -2.83 7.75
N ILE A 3 5.56 -2.04 6.80
CA ILE A 3 4.85 -2.59 5.64
C ILE A 3 5.60 -2.23 4.36
N GLU A 4 5.92 -3.25 3.54
CA GLU A 4 6.64 -3.00 2.28
C GLU A 4 5.89 -3.58 1.07
N VAL A 5 5.71 -2.74 0.05
CA VAL A 5 4.99 -3.14 -1.16
C VAL A 5 5.89 -3.03 -2.40
N THR A 6 5.91 -4.08 -3.22
CA THR A 6 6.71 -4.08 -4.46
C THR A 6 5.82 -4.28 -5.66
N ILE A 7 6.06 -3.47 -6.68
CA ILE A 7 5.31 -3.52 -7.91
C ILE A 7 6.23 -3.90 -9.08
N ALA A 8 5.80 -4.84 -9.90
CA ALA A 8 6.60 -5.27 -11.04
C ALA A 8 6.79 -4.13 -12.03
N LYS A 9 8.05 -3.97 -12.40
CA LYS A 9 8.47 -2.93 -13.32
C LYS A 9 7.76 -3.08 -14.67
N THR A 10 7.35 -4.30 -15.00
CA THR A 10 6.64 -4.55 -16.25
C THR A 10 5.34 -3.75 -16.25
N SER A 11 4.98 -3.18 -15.11
CA SER A 11 3.75 -2.39 -14.98
C SER A 11 4.08 -0.98 -14.50
N PRO A 12 4.51 -0.09 -15.38
CA PRO A 12 4.86 1.30 -15.02
C PRO A 12 3.63 2.19 -14.72
N LEU A 13 3.71 2.94 -13.61
CA LEU A 13 2.64 3.85 -13.22
C LEU A 13 3.11 5.29 -13.48
N PRO A 14 2.24 6.21 -13.82
CA PRO A 14 2.65 7.62 -14.12
C PRO A 14 3.60 8.19 -13.07
N ALA A 15 4.46 9.10 -13.53
CA ALA A 15 5.47 9.76 -12.71
C ALA A 15 4.88 10.49 -11.50
N GLY A 16 4.05 9.81 -10.73
CA GLY A 16 3.44 10.44 -9.56
C GLY A 16 2.57 9.43 -8.82
N ALA A 17 2.22 8.35 -9.50
CA ALA A 17 1.34 7.34 -8.93
C ALA A 17 1.94 6.53 -7.78
N ILE A 18 3.21 6.16 -7.88
CA ILE A 18 3.83 5.39 -6.80
C ILE A 18 3.78 6.21 -5.50
N ASP A 19 4.21 7.45 -5.58
CA ASP A 19 4.19 8.34 -4.42
C ASP A 19 2.76 8.49 -3.91
N ALA A 20 1.80 8.59 -4.83
CA ALA A 20 0.41 8.74 -4.41
C ALA A 20 -0.11 7.48 -3.69
N LEU A 21 0.24 6.32 -4.24
CA LEU A 21 -0.16 5.05 -3.67
C LEU A 21 0.37 4.90 -2.24
N ALA A 22 1.66 5.18 -2.08
CA ALA A 22 2.29 5.08 -0.77
C ALA A 22 1.61 6.02 0.20
N GLY A 23 1.19 7.18 -0.27
CA GLY A 23 0.50 8.14 0.58
C GLY A 23 -0.89 7.65 0.96
N GLU A 24 -1.65 7.14 -0.02
CA GLU A 24 -2.99 6.66 0.30
C GLU A 24 -2.93 5.45 1.24
N LEU A 25 -1.98 4.57 1.01
CA LEU A 25 -1.84 3.38 1.85
C LEU A 25 -1.48 3.73 3.29
N SER A 26 -0.57 4.68 3.47
CA SER A 26 -0.15 5.07 4.82
C SER A 26 -1.31 5.61 5.62
N ARG A 27 -2.12 6.49 5.03
CA ARG A 27 -3.26 7.04 5.75
C ARG A 27 -4.18 5.90 6.17
N ARG A 28 -4.36 4.94 5.28
CA ARG A 28 -5.21 3.79 5.58
C ARG A 28 -4.64 2.97 6.75
N ILE A 29 -3.32 2.81 6.76
CA ILE A 29 -2.65 2.04 7.81
C ILE A 29 -2.81 2.71 9.18
N GLN A 30 -2.58 4.00 9.21
CA GLN A 30 -2.69 4.76 10.45
C GLN A 30 -4.10 4.71 11.01
N TYR A 31 -5.13 4.81 10.17
CA TYR A 31 -6.50 4.77 10.67
C TYR A 31 -6.81 3.38 11.24
N ALA A 32 -6.33 2.34 10.57
CA ALA A 32 -6.58 0.96 11.01
C ALA A 32 -5.80 0.62 12.28
N PHE A 33 -4.57 1.13 12.37
CA PHE A 33 -3.70 0.88 13.53
C PHE A 33 -3.35 2.19 14.24
N PRO A 34 -4.17 2.63 15.18
CA PRO A 34 -3.94 3.90 15.92
C PRO A 34 -2.81 3.81 16.95
N ASP A 35 -2.61 2.61 17.48
CA ASP A 35 -1.62 2.37 18.53
C ASP A 35 -0.25 1.91 18.01
N ASN A 36 -0.09 1.63 16.71
CA ASN A 36 1.20 1.14 16.20
C ASN A 36 1.74 1.97 15.04
N GLU A 37 2.99 2.40 15.10
CA GLU A 37 3.58 3.16 14.00
C GLU A 37 3.64 2.31 12.73
N GLY A 38 3.02 2.81 11.66
CA GLY A 38 3.07 2.08 10.38
C GLY A 38 3.92 2.80 9.34
N HIS A 39 4.90 2.13 8.74
CA HIS A 39 5.73 2.77 7.71
C HIS A 39 5.51 2.03 6.40
N VAL A 40 5.10 2.75 5.35
CA VAL A 40 4.83 2.13 4.07
C VAL A 40 5.82 2.57 3.01
N SER A 41 6.40 1.60 2.31
CA SER A 41 7.36 1.89 1.24
C SER A 41 6.91 1.22 -0.04
N VAL A 42 7.08 1.93 -1.16
CA VAL A 42 6.70 1.38 -2.46
C VAL A 42 7.85 1.55 -3.43
N ARG A 43 8.24 0.46 -4.09
CA ARG A 43 9.34 0.49 -5.03
C ARG A 43 9.16 -0.52 -6.15
N TYR A 44 9.86 -0.31 -7.25
CA TYR A 44 9.79 -1.24 -8.39
C TYR A 44 10.73 -2.41 -8.15
N ALA A 45 10.25 -3.61 -8.48
CA ALA A 45 11.03 -4.84 -8.31
C ALA A 45 10.77 -5.77 -9.48
N ALA A 46 11.57 -6.83 -9.61
CA ALA A 46 11.37 -7.76 -10.72
C ALA A 46 9.98 -8.38 -10.65
N ALA A 47 9.41 -8.50 -9.44
CA ALA A 47 8.08 -9.11 -9.29
C ALA A 47 7.21 -8.40 -8.26
N ASN A 48 5.89 -8.48 -8.45
CA ASN A 48 4.95 -7.89 -7.50
C ASN A 48 4.97 -8.72 -6.22
N ASN A 49 5.15 -8.07 -5.07
CA ASN A 49 5.17 -8.77 -3.79
C ASN A 49 4.71 -7.85 -2.66
N LEU A 50 4.11 -8.45 -1.62
CA LEU A 50 3.64 -7.71 -0.45
C LEU A 50 4.27 -8.36 0.78
N SER A 51 5.01 -7.60 1.58
CA SER A 51 5.64 -8.15 2.79
C SER A 51 5.21 -7.36 4.02
N VAL A 52 4.75 -8.06 5.06
CA VAL A 52 4.35 -7.41 6.31
C VAL A 52 5.14 -8.01 7.46
N ILE A 53 5.80 -7.15 8.25
CA ILE A 53 6.59 -7.61 9.39
C ILE A 53 6.07 -7.02 10.70
N GLY A 54 5.81 -7.89 11.69
CA GLY A 54 5.34 -7.42 12.99
C GLY A 54 3.81 -7.48 13.12
N ALA A 55 3.13 -8.22 12.23
CA ALA A 55 1.67 -8.30 12.27
C ALA A 55 1.18 -9.74 12.43
N THR A 56 -0.08 -9.83 12.87
CA THR A 56 -0.80 -11.10 13.06
C THR A 56 -1.51 -11.48 11.77
N LYS A 57 -1.81 -12.76 11.63
CA LYS A 57 -2.45 -13.28 10.43
C LYS A 57 -3.78 -12.56 10.15
N GLU A 58 -4.57 -12.29 11.19
CA GLU A 58 -5.83 -11.59 10.98
C GLU A 58 -5.58 -10.16 10.50
N ASP A 59 -4.53 -9.54 11.04
CA ASP A 59 -4.19 -8.18 10.64
C ASP A 59 -3.79 -8.18 9.18
N LYS A 60 -3.00 -9.18 8.82
CA LYS A 60 -2.54 -9.31 7.44
C LYS A 60 -3.71 -9.52 6.49
N GLN A 61 -4.70 -10.32 6.88
CA GLN A 61 -5.85 -10.52 6.01
C GLN A 61 -6.56 -9.18 5.85
N ARG A 62 -6.73 -8.45 6.96
CA ARG A 62 -7.41 -7.16 6.90
C ARG A 62 -6.66 -6.21 5.97
N ILE A 63 -5.34 -6.15 6.11
CA ILE A 63 -4.54 -5.28 5.26
C ILE A 63 -4.71 -5.67 3.80
N SER A 64 -4.70 -6.95 3.49
CA SER A 64 -4.90 -7.37 2.11
C SER A 64 -6.28 -6.87 1.67
N GLU A 65 -7.31 -6.95 2.54
CA GLU A 65 -8.64 -6.47 2.16
C GLU A 65 -8.59 -4.97 1.89
N ILE A 66 -7.87 -4.24 2.74
CA ILE A 66 -7.75 -2.79 2.57
C ILE A 66 -7.10 -2.45 1.23
N LEU A 67 -6.03 -3.15 0.90
CA LEU A 67 -5.33 -2.91 -0.35
C LEU A 67 -6.29 -3.17 -1.50
N GLN A 68 -7.07 -4.22 -1.39
CA GLN A 68 -8.04 -4.52 -2.43
C GLN A 68 -9.05 -3.38 -2.57
N GLU A 69 -9.66 -2.95 -1.46
CA GLU A 69 -10.65 -1.89 -1.51
C GLU A 69 -10.10 -0.57 -2.06
N THR A 70 -8.93 -0.16 -1.59
CA THR A 70 -8.33 1.08 -2.06
C THR A 70 -8.09 1.01 -3.56
N TRP A 71 -7.51 -0.11 -3.96
CA TRP A 71 -7.19 -0.35 -5.36
C TRP A 71 -8.46 -0.30 -6.20
N GLU A 72 -9.55 -0.85 -5.68
CA GLU A 72 -10.82 -0.85 -6.41
C GLU A 72 -11.48 0.53 -6.42
N SER A 73 -11.06 1.46 -5.53
CA SER A 73 -11.69 2.79 -5.48
C SER A 73 -10.74 3.86 -6.03
N ALA A 74 -9.79 3.43 -6.86
CA ALA A 74 -8.78 4.32 -7.42
C ALA A 74 -9.29 5.56 -8.14
N ASP A 75 -10.39 5.44 -8.84
CA ASP A 75 -10.94 6.59 -9.58
C ASP A 75 -11.37 7.73 -8.65
N ASP A 76 -11.59 7.43 -7.37
CA ASP A 76 -12.02 8.46 -6.42
C ASP A 76 -10.85 9.12 -5.67
N TRP A 77 -9.90 8.34 -5.16
CA TRP A 77 -8.78 8.93 -4.39
C TRP A 77 -7.57 9.29 -5.25
N PHE A 78 -7.42 8.70 -6.43
CA PHE A 78 -6.28 9.04 -7.28
C PHE A 78 -6.61 10.25 -8.15
N VAL A 79 -5.75 11.27 -8.06
CA VAL A 79 -5.91 12.49 -8.82
C VAL A 79 -4.71 12.62 -9.76
N SER A 80 -4.87 13.23 -10.92
CA SER A 80 -3.74 13.39 -11.85
C SER A 80 -3.73 14.81 -12.42
N GLU A 81 -2.54 15.39 -12.51
CA GLU A 81 -2.39 16.74 -13.02
C GLU A 81 -2.68 16.77 -14.52
N MET A 1 5.13 -1.97 13.37
CA MET A 1 4.98 -2.83 12.16
C MET A 1 5.57 -2.11 10.95
N ARG A 2 6.19 -2.88 10.05
CA ARG A 2 6.76 -2.32 8.82
C ARG A 2 6.11 -3.00 7.63
N ILE A 3 5.65 -2.19 6.69
CA ILE A 3 4.95 -2.70 5.50
C ILE A 3 5.71 -2.30 4.23
N GLU A 4 6.06 -3.29 3.41
CA GLU A 4 6.78 -3.02 2.17
C GLU A 4 6.03 -3.59 0.97
N VAL A 5 5.81 -2.74 -0.03
CA VAL A 5 5.08 -3.15 -1.24
C VAL A 5 5.96 -3.00 -2.47
N THR A 6 5.98 -4.03 -3.32
CA THR A 6 6.77 -3.99 -4.54
C THR A 6 5.86 -4.19 -5.74
N ILE A 7 6.10 -3.37 -6.76
CA ILE A 7 5.34 -3.42 -8.00
C ILE A 7 6.26 -3.83 -9.14
N ALA A 8 5.81 -4.78 -9.95
CA ALA A 8 6.61 -5.23 -11.08
C ALA A 8 6.80 -4.12 -12.08
N LYS A 9 8.05 -3.96 -12.47
CA LYS A 9 8.46 -2.94 -13.42
C LYS A 9 7.74 -3.11 -14.76
N THR A 10 7.31 -4.35 -15.06
CA THR A 10 6.59 -4.61 -16.29
C THR A 10 5.30 -3.79 -16.30
N SER A 11 4.93 -3.23 -15.15
CA SER A 11 3.70 -2.43 -15.04
C SER A 11 4.01 -1.03 -14.50
N PRO A 12 4.49 -0.14 -15.34
CA PRO A 12 4.83 1.26 -14.94
C PRO A 12 3.61 2.14 -14.65
N LEU A 13 3.68 2.89 -13.55
CA LEU A 13 2.61 3.81 -13.16
C LEU A 13 3.08 5.24 -13.46
N PRO A 14 2.20 6.15 -13.81
CA PRO A 14 2.61 7.54 -14.14
C PRO A 14 3.57 8.12 -13.08
N ALA A 15 4.44 9.01 -13.56
CA ALA A 15 5.47 9.66 -12.75
C ALA A 15 4.90 10.43 -11.55
N GLY A 16 4.05 9.78 -10.75
CA GLY A 16 3.49 10.46 -9.58
C GLY A 16 2.57 9.51 -8.80
N ALA A 17 2.16 8.44 -9.45
CA ALA A 17 1.23 7.50 -8.86
C ALA A 17 1.81 6.69 -7.69
N ILE A 18 3.07 6.25 -7.80
CA ILE A 18 3.66 5.48 -6.72
C ILE A 18 3.67 6.30 -5.43
N ASP A 19 4.14 7.54 -5.52
CA ASP A 19 4.15 8.39 -4.34
C ASP A 19 2.73 8.57 -3.85
N ALA A 20 1.78 8.69 -4.77
CA ALA A 20 0.39 8.85 -4.37
C ALA A 20 -0.11 7.59 -3.66
N LEU A 21 0.27 6.43 -4.18
CA LEU A 21 -0.12 5.15 -3.62
C LEU A 21 0.40 5.00 -2.20
N ALA A 22 1.69 5.28 -2.02
CA ALA A 22 2.31 5.17 -0.70
C ALA A 22 1.59 6.09 0.26
N GLY A 23 1.21 7.27 -0.21
CA GLY A 23 0.50 8.22 0.64
C GLY A 23 -0.91 7.71 0.99
N GLU A 24 -1.65 7.22 0.00
CA GLU A 24 -3.00 6.73 0.29
C GLU A 24 -2.93 5.52 1.24
N LEU A 25 -1.95 4.65 1.02
CA LEU A 25 -1.83 3.46 1.86
C LEU A 25 -1.49 3.80 3.30
N SER A 26 -0.58 4.74 3.51
CA SER A 26 -0.17 5.11 4.87
C SER A 26 -1.35 5.66 5.67
N ARG A 27 -2.13 6.55 5.08
CA ARG A 27 -3.28 7.11 5.78
C ARG A 27 -4.22 5.99 6.18
N ARG A 28 -4.40 5.02 5.28
CA ARG A 28 -5.27 3.87 5.55
C ARG A 28 -4.74 3.04 6.70
N ILE A 29 -3.42 2.84 6.74
CA ILE A 29 -2.78 2.05 7.79
C ILE A 29 -2.93 2.72 9.15
N GLN A 30 -2.72 4.01 9.19
CA GLN A 30 -2.84 4.75 10.45
C GLN A 30 -4.26 4.70 10.98
N TYR A 31 -5.28 4.81 10.13
CA TYR A 31 -6.65 4.75 10.61
C TYR A 31 -6.95 3.37 11.19
N ALA A 32 -6.47 2.33 10.53
CA ALA A 32 -6.72 0.96 10.98
C ALA A 32 -5.95 0.64 12.26
N PHE A 33 -4.74 1.18 12.37
CA PHE A 33 -3.88 0.95 13.53
C PHE A 33 -3.53 2.26 14.23
N PRO A 34 -4.36 2.72 15.14
CA PRO A 34 -4.11 4.00 15.88
C PRO A 34 -3.00 3.90 16.92
N ASP A 35 -2.75 2.68 17.41
CA ASP A 35 -1.74 2.46 18.46
C ASP A 35 -0.38 1.96 17.95
N ASN A 36 -0.22 1.69 16.64
CA ASN A 36 1.08 1.17 16.15
C ASN A 36 1.64 1.98 14.99
N GLU A 37 2.90 2.38 15.05
CA GLU A 37 3.49 3.13 13.94
C GLU A 37 3.56 2.28 12.68
N GLY A 38 2.97 2.77 11.60
CA GLY A 38 3.02 2.04 10.33
C GLY A 38 3.88 2.74 9.30
N HIS A 39 4.87 2.07 8.71
CA HIS A 39 5.72 2.70 7.68
C HIS A 39 5.52 1.95 6.37
N VAL A 40 5.12 2.67 5.32
CA VAL A 40 4.85 2.03 4.03
C VAL A 40 5.87 2.47 2.99
N SER A 41 6.48 1.50 2.32
CA SER A 41 7.45 1.79 1.25
C SER A 41 7.02 1.13 -0.05
N VAL A 42 7.19 1.85 -1.16
CA VAL A 42 6.82 1.32 -2.47
C VAL A 42 7.98 1.50 -3.43
N ARG A 43 8.38 0.40 -4.09
CA ARG A 43 9.49 0.44 -5.05
C ARG A 43 9.28 -0.56 -6.17
N TYR A 44 9.96 -0.36 -7.30
CA TYR A 44 9.87 -1.29 -8.42
C TYR A 44 10.79 -2.49 -8.14
N ALA A 45 10.30 -3.68 -8.48
CA ALA A 45 11.06 -4.92 -8.28
C ALA A 45 10.81 -5.86 -9.45
N ALA A 46 11.62 -6.90 -9.57
CA ALA A 46 11.45 -7.84 -10.68
C ALA A 46 10.07 -8.47 -10.61
N ALA A 47 9.48 -8.58 -9.41
CA ALA A 47 8.16 -9.21 -9.27
C ALA A 47 7.27 -8.49 -8.26
N ASN A 48 5.97 -8.56 -8.48
CA ASN A 48 5.00 -7.97 -7.57
C ASN A 48 5.01 -8.79 -6.28
N ASN A 49 5.18 -8.13 -5.14
CA ASN A 49 5.20 -8.82 -3.85
C ASN A 49 4.74 -7.88 -2.72
N LEU A 50 4.15 -8.47 -1.69
CA LEU A 50 3.68 -7.73 -0.51
C LEU A 50 4.30 -8.38 0.72
N SER A 51 5.03 -7.62 1.54
CA SER A 51 5.65 -8.18 2.75
C SER A 51 5.21 -7.40 3.99
N VAL A 52 4.78 -8.12 5.04
CA VAL A 52 4.37 -7.48 6.30
C VAL A 52 5.18 -8.09 7.44
N ILE A 53 5.84 -7.23 8.23
CA ILE A 53 6.65 -7.70 9.37
C ILE A 53 6.15 -7.10 10.68
N GLY A 54 5.87 -7.96 11.67
CA GLY A 54 5.43 -7.49 12.99
C GLY A 54 3.90 -7.52 13.13
N ALA A 55 3.20 -8.26 12.27
CA ALA A 55 1.74 -8.33 12.32
C ALA A 55 1.22 -9.75 12.49
N THR A 56 -0.03 -9.82 12.92
CA THR A 56 -0.77 -11.08 13.11
C THR A 56 -1.49 -11.45 11.83
N LYS A 57 -1.80 -12.74 11.70
CA LYS A 57 -2.47 -13.25 10.51
C LYS A 57 -3.78 -12.51 10.23
N GLU A 58 -4.56 -12.19 11.25
CA GLU A 58 -5.81 -11.48 11.03
C GLU A 58 -5.54 -10.06 10.55
N ASP A 59 -4.48 -9.43 11.08
CA ASP A 59 -4.12 -8.08 10.66
C ASP A 59 -3.72 -8.10 9.19
N LYS A 60 -2.93 -9.10 8.84
CA LYS A 60 -2.46 -9.24 7.46
C LYS A 60 -3.63 -9.44 6.52
N GLN A 61 -4.64 -10.22 6.91
CA GLN A 61 -5.79 -10.41 6.03
C GLN A 61 -6.49 -9.07 5.87
N ARG A 62 -6.65 -8.33 6.98
CA ARG A 62 -7.31 -7.05 6.91
C ARG A 62 -6.56 -6.12 5.97
N ILE A 63 -5.24 -6.08 6.12
CA ILE A 63 -4.44 -5.22 5.26
C ILE A 63 -4.62 -5.62 3.79
N SER A 64 -4.62 -6.92 3.50
CA SER A 64 -4.84 -7.35 2.12
C SER A 64 -6.21 -6.84 1.69
N GLU A 65 -7.24 -6.91 2.55
CA GLU A 65 -8.57 -6.43 2.18
C GLU A 65 -8.51 -4.92 1.91
N ILE A 66 -7.80 -4.19 2.75
CA ILE A 66 -7.69 -2.74 2.56
C ILE A 66 -7.04 -2.43 1.22
N LEU A 67 -5.96 -3.14 0.92
CA LEU A 67 -5.28 -2.91 -0.34
C LEU A 67 -6.25 -3.19 -1.47
N GLN A 68 -7.06 -4.23 -1.32
CA GLN A 68 -8.04 -4.55 -2.33
C GLN A 68 -9.04 -3.39 -2.47
N GLU A 69 -9.67 -2.96 -1.37
CA GLU A 69 -10.67 -1.88 -1.45
C GLU A 69 -10.10 -0.57 -2.00
N THR A 70 -8.93 -0.16 -1.52
CA THR A 70 -8.33 1.08 -1.99
C THR A 70 -8.09 1.00 -3.48
N TRP A 71 -7.51 -0.12 -3.87
CA TRP A 71 -7.20 -0.39 -5.26
C TRP A 71 -8.46 -0.34 -6.09
N GLU A 72 -9.57 -0.87 -5.57
CA GLU A 72 -10.84 -0.87 -6.30
C GLU A 72 -11.48 0.52 -6.31
N SER A 73 -11.06 1.44 -5.43
CA SER A 73 -11.69 2.78 -5.39
C SER A 73 -10.74 3.85 -5.95
N ALA A 74 -9.79 3.41 -6.77
CA ALA A 74 -8.77 4.29 -7.34
C ALA A 74 -9.28 5.54 -8.06
N ASP A 75 -10.40 5.43 -8.75
CA ASP A 75 -10.93 6.58 -9.48
C ASP A 75 -11.38 7.72 -8.55
N ASP A 76 -11.62 7.42 -7.27
CA ASP A 76 -12.06 8.45 -6.33
C ASP A 76 -10.88 9.15 -5.62
N TRP A 77 -9.89 8.39 -5.15
CA TRP A 77 -8.78 9.00 -4.40
C TRP A 77 -7.55 9.34 -5.26
N PHE A 78 -7.41 8.75 -6.44
CA PHE A 78 -6.26 9.07 -7.29
C PHE A 78 -6.55 10.26 -8.17
N VAL A 79 -5.67 11.25 -8.13
CA VAL A 79 -5.80 12.47 -8.91
C VAL A 79 -4.56 12.63 -9.79
N SER A 80 -4.73 13.05 -11.06
CA SER A 80 -3.58 13.22 -11.95
C SER A 80 -3.53 14.66 -12.48
N GLU A 81 -2.31 15.19 -12.55
CA GLU A 81 -2.12 16.56 -13.03
C GLU A 81 -2.70 16.73 -14.43
N MET A 1 5.60 -1.85 13.74
CA MET A 1 5.27 -2.72 12.58
C MET A 1 5.74 -2.03 11.29
N ARG A 2 6.26 -2.81 10.35
CA ARG A 2 6.73 -2.26 9.07
C ARG A 2 6.06 -2.97 7.89
N ILE A 3 5.59 -2.17 6.95
CA ILE A 3 4.92 -2.70 5.76
C ILE A 3 5.67 -2.32 4.50
N GLU A 4 6.03 -3.32 3.69
CA GLU A 4 6.75 -3.07 2.43
C GLU A 4 5.99 -3.64 1.23
N VAL A 5 5.79 -2.80 0.23
CA VAL A 5 5.06 -3.20 -0.98
C VAL A 5 5.94 -3.06 -2.23
N THR A 6 5.94 -4.10 -3.07
CA THR A 6 6.72 -4.09 -4.31
C THR A 6 5.80 -4.28 -5.50
N ILE A 7 6.02 -3.46 -6.52
CA ILE A 7 5.24 -3.51 -7.75
C ILE A 7 6.15 -3.91 -8.92
N ALA A 8 5.69 -4.86 -9.73
CA ALA A 8 6.47 -5.32 -10.87
C ALA A 8 6.66 -4.19 -11.88
N LYS A 9 7.92 -4.04 -12.28
CA LYS A 9 8.33 -3.02 -13.22
C LYS A 9 7.63 -3.17 -14.56
N THR A 10 7.21 -4.40 -14.89
CA THR A 10 6.50 -4.65 -16.14
C THR A 10 5.20 -3.85 -16.16
N SER A 11 4.84 -3.27 -15.02
CA SER A 11 3.61 -2.48 -14.91
C SER A 11 3.92 -1.06 -14.40
N PRO A 12 4.39 -0.18 -15.26
CA PRO A 12 4.72 1.22 -14.89
C PRO A 12 3.51 2.11 -14.62
N LEU A 13 3.58 2.88 -13.54
CA LEU A 13 2.51 3.80 -13.17
C LEU A 13 2.98 5.25 -13.41
N PRO A 14 2.12 6.16 -13.79
CA PRO A 14 2.54 7.55 -14.09
C PRO A 14 3.50 8.12 -13.03
N ALA A 15 4.36 9.01 -13.50
CA ALA A 15 5.38 9.67 -12.67
C ALA A 15 4.80 10.40 -11.47
N GLY A 16 3.96 9.74 -10.69
CA GLY A 16 3.36 10.38 -9.52
C GLY A 16 2.49 9.41 -8.73
N ALA A 17 2.12 8.32 -9.39
CA ALA A 17 1.24 7.33 -8.79
C ALA A 17 1.85 6.54 -7.62
N ILE A 18 3.12 6.18 -7.71
CA ILE A 18 3.73 5.43 -6.63
C ILE A 18 3.66 6.25 -5.35
N ASP A 19 4.07 7.51 -5.46
CA ASP A 19 4.04 8.40 -4.31
C ASP A 19 2.61 8.56 -3.81
N ALA A 20 1.65 8.67 -4.72
CA ALA A 20 0.27 8.82 -4.30
C ALA A 20 -0.22 7.57 -3.57
N LEU A 21 0.16 6.40 -4.09
CA LEU A 21 -0.22 5.12 -3.49
C LEU A 21 0.31 4.99 -2.07
N ALA A 22 1.62 5.25 -1.90
CA ALA A 22 2.25 5.16 -0.59
C ALA A 22 1.58 6.13 0.39
N GLY A 23 1.26 7.33 -0.06
CA GLY A 23 0.59 8.30 0.81
C GLY A 23 -0.80 7.81 1.19
N GLU A 24 -1.55 7.31 0.22
CA GLU A 24 -2.89 6.84 0.55
C GLU A 24 -2.83 5.64 1.49
N LEU A 25 -1.91 4.71 1.22
CA LEU A 25 -1.79 3.53 2.06
C LEU A 25 -1.41 3.89 3.50
N SER A 26 -0.49 4.82 3.67
CA SER A 26 -0.07 5.20 5.01
C SER A 26 -1.25 5.73 5.83
N ARG A 27 -2.05 6.61 5.24
CA ARG A 27 -3.19 7.16 5.98
C ARG A 27 -4.13 6.04 6.40
N ARG A 28 -4.36 5.07 5.51
CA ARG A 28 -5.24 3.95 5.82
C ARG A 28 -4.69 3.13 6.99
N ILE A 29 -3.37 2.90 6.97
CA ILE A 29 -2.72 2.13 8.02
C ILE A 29 -2.86 2.83 9.38
N GLN A 30 -2.60 4.13 9.41
CA GLN A 30 -2.70 4.88 10.65
C GLN A 30 -4.11 4.83 11.20
N TYR A 31 -5.13 4.94 10.35
CA TYR A 31 -6.50 4.90 10.85
C TYR A 31 -6.81 3.51 11.41
N ALA A 32 -6.33 2.47 10.74
CA ALA A 32 -6.58 1.09 11.16
C ALA A 32 -5.80 0.75 12.44
N PHE A 33 -4.57 1.24 12.53
CA PHE A 33 -3.70 0.97 13.67
C PHE A 33 -3.33 2.27 14.40
N PRO A 34 -4.12 2.71 15.34
CA PRO A 34 -3.85 3.97 16.10
C PRO A 34 -2.73 3.84 17.13
N ASP A 35 -2.57 2.61 17.64
CA ASP A 35 -1.58 2.33 18.68
C ASP A 35 -0.22 1.84 18.15
N ASN A 36 -0.10 1.55 16.85
CA ASN A 36 1.20 1.05 16.33
C ASN A 36 1.71 1.89 15.17
N GLU A 37 2.95 2.34 15.21
CA GLU A 37 3.52 3.12 14.12
C GLU A 37 3.57 2.28 12.84
N GLY A 38 2.96 2.79 11.77
CA GLY A 38 3.00 2.08 10.49
C GLY A 38 3.87 2.79 9.46
N HIS A 39 4.87 2.12 8.88
CA HIS A 39 5.72 2.76 7.85
C HIS A 39 5.51 2.02 6.54
N VAL A 40 5.13 2.72 5.48
CA VAL A 40 4.86 2.08 4.20
C VAL A 40 5.86 2.52 3.14
N SER A 41 6.44 1.53 2.45
CA SER A 41 7.40 1.82 1.37
C SER A 41 6.95 1.14 0.09
N VAL A 42 7.11 1.84 -1.03
CA VAL A 42 6.74 1.29 -2.34
C VAL A 42 7.91 1.47 -3.31
N ARG A 43 8.31 0.36 -3.95
CA ARG A 43 9.43 0.40 -4.89
C ARG A 43 9.21 -0.61 -6.02
N TYR A 44 9.88 -0.38 -7.15
CA TYR A 44 9.76 -1.29 -8.29
C TYR A 44 10.69 -2.48 -8.08
N ALA A 45 10.20 -3.67 -8.45
CA ALA A 45 10.98 -4.90 -8.30
C ALA A 45 10.74 -5.79 -9.51
N ALA A 46 11.54 -6.83 -9.66
CA ALA A 46 11.37 -7.74 -10.79
C ALA A 46 9.98 -8.39 -10.74
N ALA A 47 9.41 -8.51 -9.54
CA ALA A 47 8.09 -9.15 -9.40
C ALA A 47 7.19 -8.46 -8.38
N ASN A 48 5.88 -8.59 -8.57
CA ASN A 48 4.93 -8.02 -7.62
C ASN A 48 4.93 -8.87 -6.36
N ASN A 49 5.09 -8.23 -5.21
CA ASN A 49 5.13 -8.93 -3.93
C ASN A 49 4.66 -8.01 -2.81
N LEU A 50 4.06 -8.60 -1.77
CA LEU A 50 3.60 -7.84 -0.60
C LEU A 50 4.24 -8.50 0.62
N SER A 51 4.98 -7.73 1.41
CA SER A 51 5.62 -8.27 2.60
C SER A 51 5.20 -7.49 3.84
N VAL A 52 4.78 -8.19 4.88
CA VAL A 52 4.39 -7.55 6.14
C VAL A 52 5.22 -8.14 7.28
N ILE A 53 5.90 -7.28 8.04
CA ILE A 53 6.73 -7.72 9.16
C ILE A 53 6.26 -7.09 10.46
N GLY A 54 6.00 -7.91 11.47
CA GLY A 54 5.57 -7.41 12.77
C GLY A 54 4.05 -7.43 12.92
N ALA A 55 3.36 -8.18 12.05
CA ALA A 55 1.89 -8.25 12.11
C ALA A 55 1.38 -9.67 12.26
N THR A 56 0.13 -9.76 12.68
CA THR A 56 -0.60 -11.02 12.87
C THR A 56 -1.34 -11.38 11.58
N LYS A 57 -1.68 -12.66 11.44
CA LYS A 57 -2.35 -13.15 10.24
C LYS A 57 -3.66 -12.42 10.00
N GLU A 58 -4.44 -12.15 11.03
CA GLU A 58 -5.70 -11.44 10.87
C GLU A 58 -5.46 -10.02 10.39
N ASP A 59 -4.41 -9.38 10.93
CA ASP A 59 -4.09 -8.02 10.52
C ASP A 59 -3.71 -8.03 9.05
N LYS A 60 -2.94 -9.04 8.66
CA LYS A 60 -2.50 -9.17 7.28
C LYS A 60 -3.68 -9.39 6.34
N GLN A 61 -4.67 -10.19 6.71
CA GLN A 61 -5.82 -10.38 5.83
C GLN A 61 -6.53 -9.04 5.67
N ARG A 62 -6.69 -8.31 6.79
CA ARG A 62 -7.36 -7.02 6.72
C ARG A 62 -6.61 -6.08 5.79
N ILE A 63 -5.28 -6.05 5.92
CA ILE A 63 -4.48 -5.18 5.07
C ILE A 63 -4.64 -5.57 3.59
N SER A 64 -4.62 -6.86 3.30
CA SER A 64 -4.82 -7.26 1.91
C SER A 64 -6.19 -6.75 1.47
N GLU A 65 -7.21 -6.86 2.33
CA GLU A 65 -8.54 -6.38 1.97
C GLU A 65 -8.50 -4.87 1.72
N ILE A 66 -7.82 -4.13 2.58
CA ILE A 66 -7.75 -2.67 2.40
C ILE A 66 -7.09 -2.34 1.06
N LEU A 67 -6.01 -3.03 0.76
CA LEU A 67 -5.32 -2.79 -0.49
C LEU A 67 -6.28 -3.06 -1.64
N GLN A 68 -7.03 -4.13 -1.52
CA GLN A 68 -8.00 -4.47 -2.54
C GLN A 68 -9.02 -3.34 -2.69
N GLU A 69 -9.63 -2.92 -1.59
CA GLU A 69 -10.63 -1.86 -1.65
C GLU A 69 -10.07 -0.56 -2.22
N THR A 70 -8.88 -0.17 -1.78
CA THR A 70 -8.26 1.06 -2.28
C THR A 70 -8.06 0.96 -3.78
N TRP A 71 -7.47 -0.16 -4.17
CA TRP A 71 -7.17 -0.44 -5.56
C TRP A 71 -8.45 -0.38 -6.39
N GLU A 72 -9.55 -0.89 -5.85
CA GLU A 72 -10.83 -0.89 -6.57
C GLU A 72 -11.47 0.50 -6.59
N SER A 73 -11.05 1.44 -5.72
CA SER A 73 -11.68 2.78 -5.71
C SER A 73 -10.74 3.82 -6.29
N ALA A 74 -9.80 3.38 -7.12
CA ALA A 74 -8.78 4.25 -7.69
C ALA A 74 -9.32 5.48 -8.43
N ASP A 75 -10.42 5.31 -9.15
CA ASP A 75 -11.00 6.43 -9.91
C ASP A 75 -11.45 7.58 -9.00
N ASP A 76 -11.71 7.28 -7.74
CA ASP A 76 -12.16 8.30 -6.79
C ASP A 76 -11.01 8.98 -6.05
N TRP A 77 -10.04 8.22 -5.55
CA TRP A 77 -8.93 8.82 -4.79
C TRP A 77 -7.69 9.15 -5.62
N PHE A 78 -7.52 8.55 -6.80
CA PHE A 78 -6.35 8.87 -7.63
C PHE A 78 -6.66 10.08 -8.48
N VAL A 79 -5.78 11.08 -8.39
CA VAL A 79 -5.93 12.34 -9.12
C VAL A 79 -4.72 12.52 -10.04
N SER A 80 -4.92 13.04 -11.25
CA SER A 80 -3.78 13.25 -12.17
C SER A 80 -3.77 14.69 -12.68
N GLU A 81 -2.58 15.27 -12.74
CA GLU A 81 -2.43 16.65 -13.21
C GLU A 81 -2.85 16.76 -14.68
N MET A 1 5.47 -1.91 13.60
CA MET A 1 5.17 -2.78 12.42
C MET A 1 5.67 -2.10 11.15
N ARG A 2 6.22 -2.88 10.22
CA ARG A 2 6.73 -2.32 8.95
C ARG A 2 6.06 -3.00 7.77
N ILE A 3 5.60 -2.20 6.82
CA ILE A 3 4.93 -2.72 5.62
C ILE A 3 5.70 -2.34 4.37
N GLU A 4 6.07 -3.33 3.56
CA GLU A 4 6.81 -3.06 2.31
C GLU A 4 6.06 -3.64 1.10
N VAL A 5 5.86 -2.79 0.10
CA VAL A 5 5.13 -3.20 -1.11
C VAL A 5 6.01 -3.05 -2.37
N THR A 6 6.01 -4.10 -3.21
CA THR A 6 6.80 -4.06 -4.46
C THR A 6 5.89 -4.25 -5.66
N ILE A 7 6.13 -3.43 -6.67
CA ILE A 7 5.36 -3.47 -7.91
C ILE A 7 6.27 -3.88 -9.06
N ALA A 8 5.81 -4.83 -9.88
CA ALA A 8 6.60 -5.27 -11.01
C ALA A 8 6.78 -4.15 -12.01
N LYS A 9 8.04 -3.97 -12.38
CA LYS A 9 8.44 -2.92 -13.31
C LYS A 9 7.74 -3.09 -14.66
N THR A 10 7.33 -4.32 -14.97
CA THR A 10 6.62 -4.59 -16.22
C THR A 10 5.32 -3.80 -16.24
N SER A 11 4.96 -3.23 -15.09
CA SER A 11 3.74 -2.43 -14.97
C SER A 11 4.07 -1.03 -14.48
N PRO A 12 4.53 -0.16 -15.35
CA PRO A 12 4.89 1.24 -14.99
C PRO A 12 3.68 2.13 -14.71
N LEU A 13 3.76 2.89 -13.61
CA LEU A 13 2.70 3.80 -13.22
C LEU A 13 3.15 5.24 -13.49
N PRO A 14 2.26 6.15 -13.84
CA PRO A 14 2.65 7.56 -14.16
C PRO A 14 3.59 8.16 -13.10
N ALA A 15 4.43 9.08 -13.58
CA ALA A 15 5.43 9.76 -12.76
C ALA A 15 4.85 10.51 -11.56
N GLY A 16 4.01 9.84 -10.77
CA GLY A 16 3.41 10.48 -9.60
C GLY A 16 2.55 9.50 -8.83
N ALA A 17 2.20 8.41 -9.50
CA ALA A 17 1.32 7.39 -8.94
C ALA A 17 1.93 6.59 -7.79
N ILE A 18 3.19 6.21 -7.88
CA ILE A 18 3.80 5.45 -6.80
C ILE A 18 3.74 6.26 -5.53
N ASP A 19 4.16 7.51 -5.64
CA ASP A 19 4.14 8.40 -4.49
C ASP A 19 2.70 8.56 -3.99
N ALA A 20 1.73 8.67 -4.90
CA ALA A 20 0.35 8.82 -4.48
C ALA A 20 -0.15 7.56 -3.75
N LEU A 21 0.22 6.40 -4.27
CA LEU A 21 -0.16 5.13 -3.68
C LEU A 21 0.36 4.98 -2.26
N ALA A 22 1.65 5.27 -2.09
CA ALA A 22 2.29 5.17 -0.78
C ALA A 22 1.61 6.10 0.22
N GLY A 23 1.26 7.30 -0.21
CA GLY A 23 0.59 8.24 0.68
C GLY A 23 -0.80 7.76 1.06
N GLU A 24 -1.57 7.23 0.11
CA GLU A 24 -2.91 6.75 0.45
C GLU A 24 -2.84 5.57 1.40
N LEU A 25 -1.94 4.63 1.14
CA LEU A 25 -1.82 3.45 1.99
C LEU A 25 -1.44 3.78 3.43
N SER A 26 -0.49 4.70 3.61
CA SER A 26 -0.07 5.07 4.96
C SER A 26 -1.24 5.62 5.77
N ARG A 27 -2.03 6.51 5.17
CA ARG A 27 -3.16 7.08 5.88
C ARG A 27 -4.12 5.97 6.29
N ARG A 28 -4.35 5.01 5.40
CA ARG A 28 -5.25 3.88 5.70
C ARG A 28 -4.72 3.05 6.86
N ILE A 29 -3.41 2.83 6.86
CA ILE A 29 -2.77 2.05 7.91
C ILE A 29 -2.90 2.73 9.28
N GLN A 30 -2.64 4.03 9.32
CA GLN A 30 -2.73 4.79 10.56
C GLN A 30 -4.15 4.76 11.13
N TYR A 31 -5.18 4.91 10.31
CA TYR A 31 -6.54 4.89 10.82
C TYR A 31 -6.86 3.51 11.41
N ALA A 32 -6.41 2.46 10.74
CA ALA A 32 -6.68 1.09 11.19
C ALA A 32 -5.90 0.76 12.47
N PHE A 33 -4.67 1.26 12.55
CA PHE A 33 -3.80 1.00 13.71
C PHE A 33 -3.41 2.31 14.40
N PRO A 34 -4.21 2.79 15.32
CA PRO A 34 -3.94 4.06 16.04
C PRO A 34 -2.82 3.93 17.07
N ASP A 35 -2.64 2.71 17.57
CA ASP A 35 -1.66 2.43 18.61
C ASP A 35 -0.29 1.97 18.09
N ASN A 36 -0.15 1.68 16.79
CA ASN A 36 1.15 1.18 16.27
C ASN A 36 1.68 1.99 15.10
N GLU A 37 2.94 2.41 15.14
CA GLU A 37 3.52 3.15 14.03
C GLU A 37 3.58 2.27 12.77
N GLY A 38 2.98 2.76 11.69
CA GLY A 38 3.02 2.01 10.42
C GLY A 38 3.89 2.70 9.38
N HIS A 39 4.89 2.02 8.80
CA HIS A 39 5.73 2.66 7.78
C HIS A 39 5.52 1.92 6.46
N VAL A 40 5.12 2.64 5.41
CA VAL A 40 4.84 2.01 4.12
C VAL A 40 5.83 2.45 3.06
N SER A 41 6.40 1.48 2.35
CA SER A 41 7.37 1.78 1.28
C SER A 41 6.93 1.10 -0.02
N VAL A 42 7.10 1.82 -1.13
CA VAL A 42 6.74 1.28 -2.44
C VAL A 42 7.91 1.44 -3.39
N ARG A 43 8.32 0.33 -4.03
CA ARG A 43 9.45 0.37 -4.96
C ARG A 43 9.25 -0.63 -6.10
N TYR A 44 9.93 -0.39 -7.20
CA TYR A 44 9.85 -1.30 -8.34
C TYR A 44 10.79 -2.49 -8.09
N ALA A 45 10.30 -3.69 -8.39
CA ALA A 45 11.07 -4.92 -8.22
C ALA A 45 10.80 -5.84 -9.40
N ALA A 46 11.59 -6.90 -9.53
CA ALA A 46 11.38 -7.82 -10.65
C ALA A 46 9.99 -8.46 -10.58
N ALA A 47 9.41 -8.57 -9.38
CA ALA A 47 8.10 -9.20 -9.23
C ALA A 47 7.21 -8.47 -8.21
N ASN A 48 5.90 -8.55 -8.43
CA ASN A 48 4.95 -7.95 -7.50
C ASN A 48 4.97 -8.78 -6.22
N ASN A 49 5.16 -8.13 -5.08
CA ASN A 49 5.20 -8.83 -3.79
C ASN A 49 4.75 -7.91 -2.67
N LEU A 50 4.16 -8.50 -1.63
CA LEU A 50 3.69 -7.74 -0.46
C LEU A 50 4.33 -8.41 0.75
N SER A 51 5.08 -7.66 1.56
CA SER A 51 5.70 -8.22 2.75
C SER A 51 5.28 -7.43 3.98
N VAL A 52 4.85 -8.14 5.03
CA VAL A 52 4.45 -7.49 6.28
C VAL A 52 5.25 -8.08 7.43
N ILE A 53 5.91 -7.22 8.21
CA ILE A 53 6.72 -7.69 9.35
C ILE A 53 6.20 -7.08 10.65
N GLY A 54 5.95 -7.93 11.65
CA GLY A 54 5.47 -7.45 12.96
C GLY A 54 3.95 -7.50 13.08
N ALA A 55 3.28 -8.25 12.21
CA ALA A 55 1.81 -8.32 12.24
C ALA A 55 1.30 -9.76 12.38
N THR A 56 0.04 -9.84 12.79
CA THR A 56 -0.69 -11.09 12.96
C THR A 56 -1.42 -11.44 11.67
N LYS A 57 -1.74 -12.72 11.51
CA LYS A 57 -2.40 -13.20 10.30
C LYS A 57 -3.73 -12.48 10.05
N GLU A 58 -4.52 -12.21 11.08
CA GLU A 58 -5.78 -11.51 10.89
C GLU A 58 -5.52 -10.08 10.43
N ASP A 59 -4.46 -9.46 10.96
CA ASP A 59 -4.11 -8.10 10.56
C ASP A 59 -3.73 -8.11 9.08
N LYS A 60 -2.93 -9.11 8.71
CA LYS A 60 -2.48 -9.23 7.33
C LYS A 60 -3.66 -9.46 6.38
N GLN A 61 -4.64 -10.27 6.76
CA GLN A 61 -5.78 -10.46 5.87
C GLN A 61 -6.49 -9.12 5.73
N ARG A 62 -6.65 -8.39 6.84
CA ARG A 62 -7.32 -7.10 6.80
C ARG A 62 -6.57 -6.16 5.86
N ILE A 63 -5.26 -6.12 5.99
CA ILE A 63 -4.45 -5.25 5.13
C ILE A 63 -4.65 -5.65 3.67
N SER A 64 -4.66 -6.94 3.38
CA SER A 64 -4.88 -7.37 2.00
C SER A 64 -6.25 -6.84 1.58
N GLU A 65 -7.28 -6.96 2.45
CA GLU A 65 -8.60 -6.47 2.10
C GLU A 65 -8.55 -4.96 1.83
N ILE A 66 -7.84 -4.22 2.67
CA ILE A 66 -7.73 -2.77 2.49
C ILE A 66 -7.11 -2.44 1.14
N LEU A 67 -6.03 -3.13 0.81
CA LEU A 67 -5.36 -2.90 -0.45
C LEU A 67 -6.33 -3.16 -1.58
N GLN A 68 -7.11 -4.23 -1.45
CA GLN A 68 -8.08 -4.55 -2.48
C GLN A 68 -9.10 -3.42 -2.62
N GLU A 69 -9.72 -3.00 -1.52
CA GLU A 69 -10.73 -1.95 -1.57
C GLU A 69 -10.19 -0.63 -2.10
N THR A 70 -9.02 -0.22 -1.64
CA THR A 70 -8.43 1.04 -2.10
C THR A 70 -8.20 0.98 -3.61
N TRP A 71 -7.64 -0.14 -4.02
CA TRP A 71 -7.33 -0.38 -5.40
C TRP A 71 -8.59 -0.34 -6.25
N GLU A 72 -9.69 -0.91 -5.75
CA GLU A 72 -10.95 -0.91 -6.50
C GLU A 72 -11.61 0.47 -6.50
N SER A 73 -11.20 1.39 -5.60
CA SER A 73 -11.82 2.73 -5.57
C SER A 73 -10.88 3.79 -6.11
N ALA A 74 -9.93 3.35 -6.93
CA ALA A 74 -8.91 4.23 -7.49
C ALA A 74 -9.40 5.49 -8.21
N ASP A 75 -10.56 5.42 -8.84
CA ASP A 75 -11.09 6.58 -9.59
C ASP A 75 -11.52 7.75 -8.68
N ASP A 76 -11.76 7.49 -7.40
CA ASP A 76 -12.20 8.55 -6.48
C ASP A 76 -11.04 9.26 -5.78
N TRP A 77 -10.06 8.52 -5.29
CA TRP A 77 -8.96 9.14 -4.55
C TRP A 77 -7.75 9.50 -5.42
N PHE A 78 -7.64 8.94 -6.61
CA PHE A 78 -6.50 9.27 -7.48
C PHE A 78 -6.83 10.48 -8.34
N VAL A 79 -5.97 11.48 -8.28
CA VAL A 79 -6.15 12.73 -9.02
C VAL A 79 -4.90 13.03 -9.83
N SER A 80 -5.03 13.68 -10.98
CA SER A 80 -3.87 14.02 -11.81
C SER A 80 -4.02 15.44 -12.35
N GLU A 81 -2.94 16.22 -12.27
CA GLU A 81 -2.97 17.59 -12.76
C GLU A 81 -3.10 17.61 -14.28
N MET A 1 5.27 -1.98 13.39
CA MET A 1 5.01 -2.83 12.20
C MET A 1 5.58 -2.14 10.96
N ARG A 2 6.16 -2.93 10.06
CA ARG A 2 6.72 -2.37 8.81
C ARG A 2 6.04 -3.05 7.63
N ILE A 3 5.57 -2.23 6.69
CA ILE A 3 4.88 -2.75 5.51
C ILE A 3 5.62 -2.36 4.24
N GLU A 4 5.98 -3.35 3.42
CA GLU A 4 6.71 -3.09 2.18
C GLU A 4 5.97 -3.64 0.96
N VAL A 5 5.77 -2.79 -0.04
CA VAL A 5 5.05 -3.18 -1.27
C VAL A 5 5.95 -3.03 -2.50
N THR A 6 5.95 -4.07 -3.35
CA THR A 6 6.74 -4.06 -4.58
C THR A 6 5.84 -4.23 -5.78
N ILE A 7 6.11 -3.46 -6.82
CA ILE A 7 5.35 -3.49 -8.06
C ILE A 7 6.25 -3.90 -9.22
N ALA A 8 5.79 -4.84 -10.04
CA ALA A 8 6.57 -5.31 -11.17
C ALA A 8 6.74 -4.21 -12.20
N LYS A 9 7.97 -4.08 -12.64
CA LYS A 9 8.37 -3.09 -13.62
C LYS A 9 7.61 -3.26 -14.93
N THR A 10 7.14 -4.47 -15.22
CA THR A 10 6.37 -4.71 -16.43
C THR A 10 5.12 -3.84 -16.40
N SER A 11 4.82 -3.25 -15.23
CA SER A 11 3.63 -2.41 -15.07
C SER A 11 4.00 -1.01 -14.53
N PRO A 12 4.48 -0.13 -15.39
CA PRO A 12 4.85 1.25 -15.00
C PRO A 12 3.67 2.17 -14.70
N LEU A 13 3.76 2.93 -13.60
CA LEU A 13 2.69 3.85 -13.20
C LEU A 13 3.16 5.30 -13.49
N PRO A 14 2.27 6.20 -13.84
CA PRO A 14 2.68 7.60 -14.16
C PRO A 14 3.63 8.20 -13.12
N ALA A 15 4.49 9.09 -13.61
CA ALA A 15 5.51 9.77 -12.81
C ALA A 15 4.93 10.53 -11.62
N GLY A 16 4.05 9.90 -10.85
CA GLY A 16 3.46 10.56 -9.69
C GLY A 16 2.59 9.59 -8.90
N ALA A 17 2.20 8.50 -9.57
CA ALA A 17 1.31 7.52 -8.97
C ALA A 17 1.91 6.71 -7.83
N ILE A 18 3.17 6.33 -7.93
CA ILE A 18 3.78 5.55 -6.86
C ILE A 18 3.74 6.36 -5.57
N ASP A 19 4.17 7.61 -5.66
CA ASP A 19 4.15 8.48 -4.50
C ASP A 19 2.71 8.63 -4.01
N ALA A 20 1.75 8.75 -4.93
CA ALA A 20 0.37 8.91 -4.50
C ALA A 20 -0.14 7.66 -3.79
N LEU A 21 0.21 6.50 -4.33
CA LEU A 21 -0.19 5.23 -3.77
C LEU A 21 0.33 5.06 -2.34
N ALA A 22 1.61 5.34 -2.17
CA ALA A 22 2.24 5.24 -0.86
C ALA A 22 1.56 6.19 0.13
N GLY A 23 1.16 7.36 -0.33
CA GLY A 23 0.47 8.31 0.52
C GLY A 23 -0.93 7.82 0.88
N GLU A 24 -1.69 7.31 -0.09
CA GLU A 24 -3.04 6.84 0.21
C GLU A 24 -2.99 5.61 1.13
N LEU A 25 -2.04 4.72 0.89
CA LEU A 25 -1.95 3.52 1.72
C LEU A 25 -1.59 3.85 3.16
N SER A 26 -0.69 4.80 3.36
CA SER A 26 -0.27 5.18 4.71
C SER A 26 -1.43 5.75 5.52
N ARG A 27 -2.18 6.68 4.95
CA ARG A 27 -3.30 7.30 5.67
C ARG A 27 -4.32 6.23 6.09
N ARG A 28 -4.62 5.29 5.20
CA ARG A 28 -5.58 4.25 5.51
C ARG A 28 -5.08 3.34 6.64
N ILE A 29 -3.78 3.08 6.62
CA ILE A 29 -3.16 2.22 7.64
C ILE A 29 -3.19 2.91 9.01
N GLN A 30 -2.87 4.19 9.04
CA GLN A 30 -2.89 4.95 10.30
C GLN A 30 -4.29 4.94 10.89
N TYR A 31 -5.32 5.08 10.05
CA TYR A 31 -6.68 5.07 10.57
C TYR A 31 -7.01 3.68 11.13
N ALA A 32 -6.54 2.63 10.46
CA ALA A 32 -6.80 1.25 10.89
C ALA A 32 -6.03 0.88 12.15
N PHE A 33 -4.78 1.36 12.24
CA PHE A 33 -3.91 1.06 13.38
C PHE A 33 -3.53 2.34 14.12
N PRO A 34 -4.34 2.78 15.06
CA PRO A 34 -4.06 4.02 15.83
C PRO A 34 -2.95 3.87 16.87
N ASP A 35 -2.83 2.64 17.38
CA ASP A 35 -1.85 2.32 18.43
C ASP A 35 -0.48 1.87 17.91
N ASN A 36 -0.33 1.57 16.62
CA ASN A 36 0.97 1.07 16.11
C ASN A 36 1.52 1.90 14.96
N GLU A 37 2.78 2.31 15.01
CA GLU A 37 3.38 3.06 13.91
C GLU A 37 3.42 2.21 12.65
N GLY A 38 2.83 2.71 11.58
CA GLY A 38 2.88 1.99 10.30
C GLY A 38 3.76 2.70 9.29
N HIS A 39 4.77 2.03 8.73
CA HIS A 39 5.63 2.67 7.71
C HIS A 39 5.41 1.94 6.40
N VAL A 40 5.02 2.66 5.36
CA VAL A 40 4.73 2.05 4.07
C VAL A 40 5.73 2.49 3.01
N SER A 41 6.29 1.51 2.30
CA SER A 41 7.24 1.80 1.23
C SER A 41 6.80 1.13 -0.06
N VAL A 42 6.97 1.86 -1.17
CA VAL A 42 6.62 1.34 -2.48
C VAL A 42 7.81 1.51 -3.43
N ARG A 43 8.22 0.40 -4.05
CA ARG A 43 9.36 0.44 -4.97
C ARG A 43 9.19 -0.57 -6.09
N TYR A 44 9.91 -0.35 -7.19
CA TYR A 44 9.87 -1.26 -8.32
C TYR A 44 10.78 -2.45 -8.06
N ALA A 45 10.29 -3.65 -8.39
CA ALA A 45 11.05 -4.87 -8.20
C ALA A 45 10.80 -5.81 -9.38
N ALA A 46 11.61 -6.86 -9.51
CA ALA A 46 11.43 -7.78 -10.63
C ALA A 46 10.04 -8.40 -10.55
N ALA A 47 9.46 -8.53 -9.35
CA ALA A 47 8.14 -9.16 -9.20
C ALA A 47 7.25 -8.43 -8.18
N ASN A 48 5.94 -8.53 -8.38
CA ASN A 48 4.99 -7.94 -7.44
C ASN A 48 5.00 -8.76 -6.16
N ASN A 49 5.19 -8.11 -5.02
CA ASN A 49 5.22 -8.82 -3.73
C ASN A 49 4.78 -7.89 -2.60
N LEU A 50 4.18 -8.48 -1.57
CA LEU A 50 3.73 -7.74 -0.39
C LEU A 50 4.34 -8.41 0.82
N SER A 51 5.09 -7.67 1.63
CA SER A 51 5.71 -8.23 2.84
C SER A 51 5.27 -7.46 4.07
N VAL A 52 4.80 -8.18 5.10
CA VAL A 52 4.38 -7.55 6.36
C VAL A 52 5.19 -8.16 7.51
N ILE A 53 5.85 -7.31 8.29
CA ILE A 53 6.66 -7.78 9.42
C ILE A 53 6.17 -7.17 10.74
N GLY A 54 5.95 -8.03 11.75
CA GLY A 54 5.50 -7.55 13.07
C GLY A 54 3.98 -7.59 13.20
N ALA A 55 3.30 -8.33 12.32
CA ALA A 55 1.82 -8.41 12.36
C ALA A 55 1.34 -9.86 12.51
N THR A 56 0.08 -9.95 12.94
CA THR A 56 -0.64 -11.21 13.13
C THR A 56 -1.37 -11.60 11.84
N LYS A 57 -1.69 -12.90 11.71
CA LYS A 57 -2.33 -13.40 10.49
C LYS A 57 -3.67 -12.70 10.22
N GLU A 58 -4.47 -12.47 11.25
CA GLU A 58 -5.75 -11.78 11.05
C GLU A 58 -5.50 -10.36 10.57
N ASP A 59 -4.46 -9.72 11.12
CA ASP A 59 -4.12 -8.36 10.71
C ASP A 59 -3.72 -8.38 9.23
N LYS A 60 -2.93 -9.38 8.87
CA LYS A 60 -2.47 -9.51 7.50
C LYS A 60 -3.64 -9.70 6.54
N GLN A 61 -4.65 -10.49 6.92
CA GLN A 61 -5.79 -10.65 6.03
C GLN A 61 -6.48 -9.30 5.88
N ARG A 62 -6.62 -8.57 7.00
CA ARG A 62 -7.27 -7.26 6.95
C ARG A 62 -6.50 -6.33 6.02
N ILE A 63 -5.18 -6.30 6.16
CA ILE A 63 -4.36 -5.44 5.31
C ILE A 63 -4.56 -5.81 3.85
N SER A 64 -4.58 -7.10 3.54
CA SER A 64 -4.80 -7.50 2.17
C SER A 64 -6.16 -6.96 1.74
N GLU A 65 -7.17 -7.00 2.62
CA GLU A 65 -8.49 -6.49 2.26
C GLU A 65 -8.41 -4.97 2.01
N ILE A 66 -7.68 -4.27 2.87
CA ILE A 66 -7.53 -2.82 2.71
C ILE A 66 -6.89 -2.49 1.36
N LEU A 67 -5.82 -3.21 1.05
CA LEU A 67 -5.14 -2.98 -0.20
C LEU A 67 -6.11 -3.21 -1.33
N GLN A 68 -6.92 -4.24 -1.21
CA GLN A 68 -7.89 -4.53 -2.24
C GLN A 68 -8.89 -3.37 -2.36
N GLU A 69 -9.50 -2.93 -1.24
CA GLU A 69 -10.48 -1.84 -1.30
C GLU A 69 -9.89 -0.54 -1.86
N THR A 70 -8.70 -0.16 -1.42
CA THR A 70 -8.08 1.07 -1.92
C THR A 70 -7.88 0.98 -3.41
N TRP A 71 -7.32 -0.15 -3.80
CA TRP A 71 -7.03 -0.43 -5.20
C TRP A 71 -8.31 -0.36 -6.02
N GLU A 72 -9.41 -0.86 -5.48
CA GLU A 72 -10.69 -0.84 -6.19
C GLU A 72 -11.34 0.55 -6.21
N SER A 73 -10.90 1.48 -5.34
CA SER A 73 -11.51 2.82 -5.30
C SER A 73 -10.56 3.88 -5.88
N ALA A 74 -9.63 3.44 -6.70
CA ALA A 74 -8.60 4.30 -7.28
C ALA A 74 -9.10 5.57 -7.99
N ASP A 75 -10.25 5.52 -8.63
CA ASP A 75 -10.78 6.69 -9.34
C ASP A 75 -11.21 7.82 -8.40
N ASP A 76 -11.47 7.50 -7.14
CA ASP A 76 -11.93 8.53 -6.18
C ASP A 76 -10.77 9.20 -5.44
N TRP A 77 -9.81 8.43 -4.94
CA TRP A 77 -8.70 9.01 -4.17
C TRP A 77 -7.50 9.41 -5.04
N PHE A 78 -7.38 8.87 -6.24
CA PHE A 78 -6.25 9.25 -7.10
C PHE A 78 -6.57 10.47 -7.94
N VAL A 79 -5.72 11.48 -7.85
CA VAL A 79 -5.88 12.73 -8.59
C VAL A 79 -4.63 12.98 -9.42
N SER A 80 -4.79 13.45 -10.66
CA SER A 80 -3.63 13.72 -11.52
C SER A 80 -3.64 15.16 -12.00
N GLU A 81 -2.47 15.79 -11.99
CA GLU A 81 -2.36 17.18 -12.43
C GLU A 81 -2.87 17.33 -13.86
N MET A 1 5.48 -2.05 13.67
CA MET A 1 5.16 -2.93 12.51
C MET A 1 5.66 -2.25 11.24
N ARG A 2 6.19 -3.04 10.30
CA ARG A 2 6.70 -2.48 9.03
C ARG A 2 6.03 -3.15 7.84
N ILE A 3 5.58 -2.34 6.88
CA ILE A 3 4.89 -2.85 5.69
C ILE A 3 5.65 -2.46 4.42
N GLU A 4 5.99 -3.45 3.60
CA GLU A 4 6.71 -3.18 2.35
C GLU A 4 5.96 -3.74 1.14
N VAL A 5 5.75 -2.88 0.13
CA VAL A 5 5.03 -3.28 -1.09
C VAL A 5 5.89 -3.13 -2.33
N THR A 6 5.87 -4.15 -3.19
CA THR A 6 6.66 -4.12 -4.43
C THR A 6 5.74 -4.31 -5.63
N ILE A 7 5.97 -3.51 -6.64
CA ILE A 7 5.19 -3.55 -7.88
C ILE A 7 6.09 -3.95 -9.04
N ALA A 8 5.63 -4.88 -9.85
CA ALA A 8 6.42 -5.33 -10.99
C ALA A 8 6.61 -4.20 -11.98
N LYS A 9 7.86 -4.06 -12.38
CA LYS A 9 8.28 -3.01 -13.30
C LYS A 9 7.55 -3.14 -14.63
N THR A 10 7.07 -4.35 -14.94
CA THR A 10 6.33 -4.57 -16.18
C THR A 10 5.07 -3.72 -16.17
N SER A 11 4.74 -3.14 -15.02
CA SER A 11 3.55 -2.30 -14.88
C SER A 11 3.91 -0.90 -14.40
N PRO A 12 4.37 -0.04 -15.27
CA PRO A 12 4.74 1.36 -14.91
C PRO A 12 3.54 2.26 -14.63
N LEU A 13 3.63 3.03 -13.53
CA LEU A 13 2.58 3.96 -13.15
C LEU A 13 3.09 5.39 -13.43
N PRO A 14 2.22 6.32 -13.78
CA PRO A 14 2.66 7.71 -14.10
C PRO A 14 3.60 8.32 -13.04
N ALA A 15 4.44 9.24 -13.50
CA ALA A 15 5.44 9.92 -12.67
C ALA A 15 4.82 10.67 -11.48
N GLY A 16 3.97 9.98 -10.71
CA GLY A 16 3.34 10.62 -9.55
C GLY A 16 2.51 9.62 -8.78
N ALA A 17 2.21 8.51 -9.45
CA ALA A 17 1.36 7.47 -8.88
C ALA A 17 1.99 6.70 -7.71
N ILE A 18 3.26 6.34 -7.80
CA ILE A 18 3.88 5.60 -6.72
C ILE A 18 3.83 6.40 -5.43
N ASP A 19 4.26 7.65 -5.51
CA ASP A 19 4.25 8.50 -4.33
C ASP A 19 2.81 8.67 -3.85
N ALA A 20 1.87 8.76 -4.78
CA ALA A 20 0.47 8.92 -4.38
C ALA A 20 -0.05 7.66 -3.68
N LEU A 21 0.29 6.50 -4.23
CA LEU A 21 -0.14 5.23 -3.66
C LEU A 21 0.38 5.07 -2.24
N ALA A 22 1.66 5.36 -2.05
CA ALA A 22 2.27 5.26 -0.74
C ALA A 22 1.57 6.20 0.22
N GLY A 23 1.20 7.38 -0.24
CA GLY A 23 0.49 8.33 0.61
C GLY A 23 -0.90 7.83 0.95
N GLU A 24 -1.63 7.32 -0.04
CA GLU A 24 -2.99 6.84 0.24
C GLU A 24 -2.96 5.61 1.14
N LEU A 25 -2.00 4.70 0.90
CA LEU A 25 -1.91 3.49 1.70
C LEU A 25 -1.58 3.79 3.17
N SER A 26 -0.67 4.73 3.38
CA SER A 26 -0.26 5.08 4.74
C SER A 26 -1.43 5.65 5.54
N ARG A 27 -2.18 6.57 4.95
CA ARG A 27 -3.31 7.16 5.66
C ARG A 27 -4.32 6.08 6.06
N ARG A 28 -4.60 5.16 5.14
CA ARG A 28 -5.54 4.07 5.43
C ARG A 28 -5.04 3.22 6.58
N ILE A 29 -3.74 2.99 6.60
CA ILE A 29 -3.12 2.18 7.65
C ILE A 29 -3.23 2.89 9.01
N GLN A 30 -2.98 4.18 9.02
CA GLN A 30 -3.05 4.95 10.26
C GLN A 30 -4.47 4.93 10.83
N TYR A 31 -5.51 5.05 10.01
CA TYR A 31 -6.87 5.01 10.54
C TYR A 31 -7.17 3.62 11.11
N ALA A 32 -6.69 2.57 10.44
CA ALA A 32 -6.96 1.21 10.89
C ALA A 32 -6.19 0.86 12.17
N PHE A 33 -4.96 1.36 12.26
CA PHE A 33 -4.09 1.10 13.42
C PHE A 33 -3.72 2.39 14.13
N PRO A 34 -4.54 2.84 15.04
CA PRO A 34 -4.28 4.10 15.80
C PRO A 34 -3.16 3.96 16.84
N ASP A 35 -3.04 2.73 17.35
CA ASP A 35 -2.07 2.42 18.41
C ASP A 35 -0.70 1.94 17.91
N ASN A 36 -0.55 1.62 16.61
CA ASN A 36 0.75 1.10 16.12
C ASN A 36 1.30 1.89 14.94
N GLU A 37 2.57 2.28 14.99
CA GLU A 37 3.17 3.02 13.89
C GLU A 37 3.24 2.15 12.63
N GLY A 38 2.65 2.64 11.55
CA GLY A 38 2.71 1.91 10.27
C GLY A 38 3.60 2.61 9.25
N HIS A 39 4.61 1.94 8.69
CA HIS A 39 5.47 2.59 7.69
C HIS A 39 5.28 1.84 6.37
N VAL A 40 4.90 2.55 5.31
CA VAL A 40 4.64 1.93 4.03
C VAL A 40 5.66 2.36 2.99
N SER A 41 6.25 1.38 2.30
CA SER A 41 7.23 1.66 1.25
C SER A 41 6.81 0.99 -0.05
N VAL A 42 6.99 1.70 -1.16
CA VAL A 42 6.64 1.16 -2.48
C VAL A 42 7.82 1.32 -3.43
N ARG A 43 8.22 0.23 -4.06
CA ARG A 43 9.34 0.26 -5.00
C ARG A 43 9.13 -0.74 -6.13
N TYR A 44 9.82 -0.53 -7.24
CA TYR A 44 9.71 -1.45 -8.37
C TYR A 44 10.64 -2.64 -8.14
N ALA A 45 10.16 -3.83 -8.49
CA ALA A 45 10.93 -5.06 -8.33
C ALA A 45 10.67 -5.97 -9.51
N ALA A 46 11.48 -7.01 -9.68
CA ALA A 46 11.28 -7.90 -10.81
C ALA A 46 9.90 -8.53 -10.73
N ALA A 47 9.33 -8.65 -9.53
CA ALA A 47 8.00 -9.28 -9.37
C ALA A 47 7.12 -8.56 -8.34
N ASN A 48 5.81 -8.67 -8.52
CA ASN A 48 4.86 -8.10 -7.58
C ASN A 48 4.93 -8.94 -6.30
N ASN A 49 5.16 -8.30 -5.17
CA ASN A 49 5.24 -9.01 -3.89
C ASN A 49 4.79 -8.09 -2.75
N LEU A 50 4.20 -8.69 -1.72
CA LEU A 50 3.74 -7.95 -0.53
C LEU A 50 4.37 -8.63 0.68
N SER A 51 5.13 -7.88 1.48
CA SER A 51 5.77 -8.44 2.68
C SER A 51 5.36 -7.65 3.92
N VAL A 52 4.92 -8.35 4.98
CA VAL A 52 4.54 -7.69 6.23
C VAL A 52 5.36 -8.29 7.38
N ILE A 53 6.04 -7.44 8.15
CA ILE A 53 6.86 -7.91 9.28
C ILE A 53 6.43 -7.24 10.58
N GLY A 54 6.21 -8.05 11.62
CA GLY A 54 5.82 -7.53 12.93
C GLY A 54 4.30 -7.53 13.10
N ALA A 55 3.60 -8.27 12.23
CA ALA A 55 2.13 -8.30 12.28
C ALA A 55 1.61 -9.73 12.44
N THR A 56 0.35 -9.80 12.87
CA THR A 56 -0.39 -11.04 13.06
C THR A 56 -1.14 -11.41 11.79
N LYS A 57 -1.47 -12.69 11.66
CA LYS A 57 -2.15 -13.19 10.46
C LYS A 57 -3.47 -12.45 10.21
N GLU A 58 -4.24 -12.16 11.25
CA GLU A 58 -5.49 -11.43 11.06
C GLU A 58 -5.24 -10.01 10.57
N ASP A 59 -4.18 -9.38 11.10
CA ASP A 59 -3.83 -8.02 10.69
C ASP A 59 -3.46 -8.05 9.21
N LYS A 60 -2.68 -9.06 8.85
CA LYS A 60 -2.24 -9.20 7.46
C LYS A 60 -3.42 -9.40 6.51
N GLN A 61 -4.42 -10.19 6.88
CA GLN A 61 -5.57 -10.37 5.99
C GLN A 61 -6.28 -9.04 5.83
N ARG A 62 -6.45 -8.30 6.93
CA ARG A 62 -7.13 -7.01 6.87
C ARG A 62 -6.37 -6.08 5.94
N ILE A 63 -5.06 -6.04 6.10
CA ILE A 63 -4.25 -5.18 5.25
C ILE A 63 -4.43 -5.58 3.79
N SER A 64 -4.44 -6.88 3.52
CA SER A 64 -4.68 -7.32 2.16
C SER A 64 -6.04 -6.81 1.73
N GLU A 65 -7.05 -6.87 2.61
CA GLU A 65 -8.38 -6.38 2.25
C GLU A 65 -8.33 -4.87 1.97
N ILE A 66 -7.62 -4.13 2.82
CA ILE A 66 -7.51 -2.68 2.64
C ILE A 66 -6.87 -2.36 1.29
N LEU A 67 -5.80 -3.07 0.97
CA LEU A 67 -5.13 -2.85 -0.28
C LEU A 67 -6.10 -3.12 -1.43
N GLN A 68 -6.87 -4.20 -1.30
CA GLN A 68 -7.83 -4.51 -2.33
C GLN A 68 -8.85 -3.37 -2.48
N GLU A 69 -9.46 -2.94 -1.38
CA GLU A 69 -10.46 -1.87 -1.44
C GLU A 69 -9.89 -0.55 -1.99
N THR A 70 -8.70 -0.17 -1.54
CA THR A 70 -8.08 1.06 -2.00
C THR A 70 -7.89 1.01 -3.50
N TRP A 71 -7.34 -0.11 -3.91
CA TRP A 71 -7.04 -0.37 -5.29
C TRP A 71 -8.32 -0.32 -6.13
N GLU A 72 -9.41 -0.85 -5.62
CA GLU A 72 -10.67 -0.86 -6.35
C GLU A 72 -11.34 0.52 -6.35
N SER A 73 -10.94 1.43 -5.46
CA SER A 73 -11.57 2.76 -5.41
C SER A 73 -10.63 3.83 -5.96
N ALA A 74 -9.68 3.41 -6.79
CA ALA A 74 -8.66 4.27 -7.35
C ALA A 74 -9.15 5.53 -8.06
N ASP A 75 -10.29 5.44 -8.73
CA ASP A 75 -10.82 6.60 -9.46
C ASP A 75 -11.25 7.74 -8.53
N ASP A 76 -11.47 7.45 -7.24
CA ASP A 76 -11.91 8.49 -6.30
C ASP A 76 -10.75 9.16 -5.56
N TRP A 77 -9.80 8.39 -5.05
CA TRP A 77 -8.69 8.99 -4.29
C TRP A 77 -7.49 9.38 -5.15
N PHE A 78 -7.36 8.82 -6.34
CA PHE A 78 -6.23 9.19 -7.20
C PHE A 78 -6.57 10.41 -8.05
N VAL A 79 -5.72 11.42 -7.95
CA VAL A 79 -5.90 12.67 -8.68
C VAL A 79 -4.66 12.88 -9.55
N SER A 80 -4.84 13.25 -10.82
CA SER A 80 -3.68 13.46 -11.70
C SER A 80 -3.66 14.90 -12.21
N GLU A 81 -2.46 15.47 -12.27
CA GLU A 81 -2.29 16.84 -12.73
C GLU A 81 -3.04 17.07 -14.04
N MET A 1 5.38 -1.71 13.43
CA MET A 1 5.17 -2.62 12.27
C MET A 1 5.70 -1.95 11.01
N ARG A 2 6.27 -2.75 10.10
CA ARG A 2 6.79 -2.21 8.83
C ARG A 2 6.11 -2.93 7.66
N ILE A 3 5.61 -2.14 6.72
CA ILE A 3 4.91 -2.69 5.55
C ILE A 3 5.65 -2.32 4.28
N GLU A 4 5.99 -3.32 3.47
CA GLU A 4 6.72 -3.06 2.21
C GLU A 4 5.98 -3.64 1.01
N VAL A 5 5.77 -2.79 -0.01
CA VAL A 5 5.06 -3.21 -1.22
C VAL A 5 5.94 -3.08 -2.46
N THR A 6 5.95 -4.13 -3.29
CA THR A 6 6.75 -4.13 -4.52
C THR A 6 5.85 -4.31 -5.73
N ILE A 7 6.08 -3.50 -6.75
CA ILE A 7 5.33 -3.53 -7.99
C ILE A 7 6.26 -3.92 -9.14
N ALA A 8 5.83 -4.87 -9.97
CA ALA A 8 6.65 -5.30 -11.09
C ALA A 8 6.83 -4.17 -12.09
N LYS A 9 8.08 -4.00 -12.47
CA LYS A 9 8.48 -2.95 -13.39
C LYS A 9 7.77 -3.11 -14.74
N THR A 10 7.35 -4.34 -15.05
CA THR A 10 6.65 -4.59 -16.31
C THR A 10 5.34 -3.81 -16.31
N SER A 11 4.96 -3.25 -15.15
CA SER A 11 3.72 -2.48 -15.04
C SER A 11 4.00 -1.05 -14.54
N PRO A 12 4.42 -0.16 -15.41
CA PRO A 12 4.72 1.25 -15.05
C PRO A 12 3.47 2.09 -14.77
N LEU A 13 3.52 2.86 -13.67
CA LEU A 13 2.43 3.75 -13.29
C LEU A 13 2.88 5.20 -13.50
N PRO A 14 2.00 6.11 -13.84
CA PRO A 14 2.40 7.52 -14.12
C PRO A 14 3.33 8.08 -13.03
N ALA A 15 4.21 8.98 -13.49
CA ALA A 15 5.22 9.63 -12.64
C ALA A 15 4.61 10.37 -11.44
N GLY A 16 3.78 9.68 -10.66
CA GLY A 16 3.16 10.33 -9.50
C GLY A 16 2.30 9.34 -8.72
N ALA A 17 1.96 8.23 -9.36
CA ALA A 17 1.08 7.24 -8.75
C ALA A 17 1.69 6.47 -7.58
N ILE A 18 2.95 6.07 -7.68
CA ILE A 18 3.58 5.34 -6.58
C ILE A 18 3.55 6.17 -5.30
N ASP A 19 3.98 7.42 -5.42
CA ASP A 19 3.97 8.31 -4.27
C ASP A 19 2.55 8.46 -3.77
N ALA A 20 1.58 8.53 -4.68
CA ALA A 20 0.20 8.66 -4.26
C ALA A 20 -0.27 7.41 -3.53
N LEU A 21 0.11 6.23 -4.04
CA LEU A 21 -0.25 4.95 -3.44
C LEU A 21 0.28 4.83 -2.02
N ALA A 22 1.56 5.13 -1.84
CA ALA A 22 2.20 5.03 -0.54
C ALA A 22 1.50 5.96 0.46
N GLY A 23 1.14 7.14 0.02
CA GLY A 23 0.43 8.09 0.90
C GLY A 23 -0.95 7.56 1.27
N GLU A 24 -1.70 7.02 0.32
CA GLU A 24 -3.01 6.49 0.66
C GLU A 24 -2.90 5.31 1.61
N LEU A 25 -1.92 4.45 1.39
CA LEU A 25 -1.76 3.28 2.24
C LEU A 25 -1.40 3.65 3.68
N SER A 26 -0.49 4.60 3.85
CA SER A 26 -0.09 5.00 5.19
C SER A 26 -1.26 5.56 5.98
N ARG A 27 -2.06 6.42 5.37
CA ARG A 27 -3.21 6.98 6.08
C ARG A 27 -4.14 5.85 6.51
N ARG A 28 -4.32 4.88 5.63
CA ARG A 28 -5.17 3.73 5.93
C ARG A 28 -4.62 2.94 7.11
N ILE A 29 -3.30 2.78 7.13
CA ILE A 29 -2.63 2.03 8.20
C ILE A 29 -2.80 2.70 9.56
N GLN A 30 -2.55 4.00 9.58
CA GLN A 30 -2.66 4.76 10.82
C GLN A 30 -4.09 4.70 11.37
N TYR A 31 -5.11 4.78 10.51
CA TYR A 31 -6.47 4.72 11.00
C TYR A 31 -6.76 3.34 11.59
N ALA A 32 -6.27 2.30 10.93
CA ALA A 32 -6.50 0.93 11.41
C ALA A 32 -5.74 0.63 12.69
N PHE A 33 -4.53 1.19 12.78
CA PHE A 33 -3.66 0.97 13.93
C PHE A 33 -3.33 2.28 14.63
N PRO A 34 -4.16 2.72 15.54
CA PRO A 34 -3.93 3.99 16.27
C PRO A 34 -2.79 3.92 17.28
N ASP A 35 -2.50 2.71 17.76
CA ASP A 35 -1.47 2.51 18.79
C ASP A 35 -0.12 2.01 18.25
N ASN A 36 0.01 1.72 16.94
CA ASN A 36 1.31 1.20 16.43
C ASN A 36 1.85 2.00 15.26
N GLU A 37 3.12 2.40 15.31
CA GLU A 37 3.72 3.13 14.20
C GLU A 37 3.80 2.28 12.94
N GLY A 38 3.21 2.77 11.85
CA GLY A 38 3.28 2.03 10.57
C GLY A 38 4.12 2.75 9.52
N HIS A 39 5.11 2.07 8.91
CA HIS A 39 5.92 2.71 7.86
C HIS A 39 5.68 1.96 6.56
N VAL A 40 5.24 2.66 5.51
CA VAL A 40 4.95 2.01 4.23
C VAL A 40 5.92 2.45 3.16
N SER A 41 6.51 1.48 2.46
CA SER A 41 7.46 1.77 1.37
C SER A 41 7.01 1.10 0.09
N VAL A 42 7.16 1.82 -1.03
CA VAL A 42 6.77 1.28 -2.34
C VAL A 42 7.93 1.45 -3.32
N ARG A 43 8.31 0.35 -3.98
CA ARG A 43 9.42 0.38 -4.93
C ARG A 43 9.23 -0.66 -6.03
N TYR A 44 9.92 -0.48 -7.15
CA TYR A 44 9.82 -1.44 -8.25
C TYR A 44 10.77 -2.60 -8.01
N ALA A 45 10.31 -3.81 -8.34
CA ALA A 45 11.11 -5.02 -8.18
C ALA A 45 10.83 -5.94 -9.35
N ALA A 46 11.66 -6.97 -9.53
CA ALA A 46 11.45 -7.88 -10.63
C ALA A 46 10.06 -8.52 -10.56
N ALA A 47 9.48 -8.61 -9.34
CA ALA A 47 8.16 -9.25 -9.19
C ALA A 47 7.27 -8.51 -8.18
N ASN A 48 5.96 -8.59 -8.39
CA ASN A 48 4.99 -7.99 -7.47
C ASN A 48 5.02 -8.79 -6.17
N ASN A 49 5.17 -8.12 -5.03
CA ASN A 49 5.21 -8.80 -3.75
C ASN A 49 4.73 -7.89 -2.62
N LEU A 50 4.13 -8.48 -1.58
CA LEU A 50 3.64 -7.74 -0.42
C LEU A 50 4.27 -8.40 0.81
N SER A 51 5.00 -7.63 1.62
CA SER A 51 5.63 -8.18 2.83
C SER A 51 5.19 -7.39 4.07
N VAL A 52 4.74 -8.09 5.10
CA VAL A 52 4.34 -7.44 6.35
C VAL A 52 5.17 -7.99 7.51
N ILE A 53 5.84 -7.12 8.26
CA ILE A 53 6.68 -7.55 9.38
C ILE A 53 6.18 -6.93 10.70
N GLY A 54 5.96 -7.76 11.71
CA GLY A 54 5.51 -7.27 13.01
C GLY A 54 3.99 -7.32 13.13
N ALA A 55 3.32 -8.05 12.22
CA ALA A 55 1.85 -8.13 12.24
C ALA A 55 1.35 -9.57 12.34
N THR A 56 0.07 -9.66 12.69
CA THR A 56 -0.65 -10.92 12.84
C THR A 56 -1.37 -11.27 11.55
N LYS A 57 -1.70 -12.56 11.41
CA LYS A 57 -2.34 -13.08 10.21
C LYS A 57 -3.68 -12.38 9.93
N GLU A 58 -4.47 -12.11 10.96
CA GLU A 58 -5.75 -11.43 10.76
C GLU A 58 -5.52 -10.00 10.27
N ASP A 59 -4.48 -9.35 10.82
CA ASP A 59 -4.14 -8.00 10.42
C ASP A 59 -3.75 -8.00 8.95
N LYS A 60 -2.93 -8.98 8.59
CA LYS A 60 -2.46 -9.11 7.22
C LYS A 60 -3.63 -9.34 6.26
N GLN A 61 -4.63 -10.14 6.65
CA GLN A 61 -5.77 -10.35 5.76
C GLN A 61 -6.50 -9.03 5.59
N ARG A 62 -6.67 -8.28 6.68
CA ARG A 62 -7.37 -7.00 6.61
C ARG A 62 -6.62 -6.07 5.67
N ILE A 63 -5.30 -6.00 5.81
CA ILE A 63 -4.51 -5.13 4.95
C ILE A 63 -4.68 -5.54 3.48
N SER A 64 -4.68 -6.84 3.20
CA SER A 64 -4.89 -7.28 1.82
C SER A 64 -6.26 -6.78 1.37
N GLU A 65 -7.28 -6.85 2.24
CA GLU A 65 -8.62 -6.38 1.86
C GLU A 65 -8.58 -4.87 1.59
N ILE A 66 -7.88 -4.12 2.45
CA ILE A 66 -7.77 -2.67 2.27
C ILE A 66 -7.12 -2.33 0.94
N LEU A 67 -6.03 -3.01 0.63
CA LEU A 67 -5.33 -2.77 -0.61
C LEU A 67 -6.28 -3.04 -1.77
N GLN A 68 -7.05 -4.12 -1.66
CA GLN A 68 -8.01 -4.42 -2.70
C GLN A 68 -9.03 -3.29 -2.83
N GLU A 69 -9.62 -2.84 -1.72
CA GLU A 69 -10.63 -1.78 -1.78
C GLU A 69 -10.09 -0.45 -2.32
N THR A 70 -8.91 -0.02 -1.85
CA THR A 70 -8.33 1.24 -2.33
C THR A 70 -8.11 1.16 -3.82
N TRP A 71 -7.53 0.06 -4.21
CA TRP A 71 -7.21 -0.21 -5.60
C TRP A 71 -8.48 -0.18 -6.43
N GLU A 72 -9.57 -0.74 -5.92
CA GLU A 72 -10.84 -0.75 -6.65
C GLU A 72 -11.50 0.64 -6.67
N SER A 73 -11.09 1.56 -5.78
CA SER A 73 -11.72 2.90 -5.74
C SER A 73 -10.79 3.98 -6.30
N ALA A 74 -9.84 3.56 -7.12
CA ALA A 74 -8.83 4.44 -7.69
C ALA A 74 -9.37 5.67 -8.44
N ASP A 75 -10.46 5.51 -9.17
CA ASP A 75 -11.03 6.61 -9.95
C ASP A 75 -11.50 7.76 -9.05
N ASP A 76 -11.79 7.48 -7.79
CA ASP A 76 -12.25 8.52 -6.87
C ASP A 76 -11.09 9.23 -6.17
N TRP A 77 -10.09 8.48 -5.70
CA TRP A 77 -8.97 9.10 -5.00
C TRP A 77 -7.73 9.35 -5.86
N PHE A 78 -7.60 8.69 -7.00
CA PHE A 78 -6.43 8.97 -7.85
C PHE A 78 -6.74 10.14 -8.75
N VAL A 79 -5.83 11.11 -8.75
CA VAL A 79 -5.96 12.32 -9.53
C VAL A 79 -4.75 12.44 -10.46
N SER A 80 -4.90 13.10 -11.61
CA SER A 80 -3.77 13.25 -12.54
C SER A 80 -3.77 14.65 -13.14
N GLU A 81 -2.57 15.22 -13.28
CA GLU A 81 -2.41 16.56 -13.85
C GLU A 81 -1.18 16.61 -14.74
N MET A 1 5.40 -1.75 13.67
CA MET A 1 5.08 -2.66 12.54
C MET A 1 5.55 -2.00 11.25
N ARG A 2 6.07 -2.80 10.31
CA ARG A 2 6.55 -2.26 9.03
C ARG A 2 5.91 -2.98 7.86
N ILE A 3 5.46 -2.21 6.88
CA ILE A 3 4.80 -2.75 5.69
C ILE A 3 5.57 -2.38 4.44
N GLU A 4 5.95 -3.38 3.65
CA GLU A 4 6.70 -3.13 2.41
C GLU A 4 5.96 -3.71 1.21
N VAL A 5 5.76 -2.87 0.20
CA VAL A 5 5.05 -3.28 -1.02
C VAL A 5 5.94 -3.13 -2.26
N THR A 6 5.96 -4.17 -3.09
CA THR A 6 6.76 -4.15 -4.33
C THR A 6 5.86 -4.35 -5.53
N ILE A 7 6.09 -3.54 -6.55
CA ILE A 7 5.32 -3.60 -7.78
C ILE A 7 6.24 -4.00 -8.93
N ALA A 8 5.79 -4.95 -9.74
CA ALA A 8 6.59 -5.41 -10.87
C ALA A 8 6.76 -4.28 -11.88
N LYS A 9 8.01 -4.11 -12.27
CA LYS A 9 8.41 -3.08 -13.22
C LYS A 9 7.70 -3.25 -14.56
N THR A 10 7.28 -4.48 -14.87
CA THR A 10 6.56 -4.75 -16.11
C THR A 10 5.24 -3.97 -16.13
N SER A 11 4.87 -3.41 -14.98
CA SER A 11 3.62 -2.63 -14.88
C SER A 11 3.92 -1.19 -14.41
N PRO A 12 4.34 -0.33 -15.30
CA PRO A 12 4.66 1.09 -14.96
C PRO A 12 3.43 1.96 -14.68
N LEU A 13 3.49 2.73 -13.58
CA LEU A 13 2.41 3.63 -13.20
C LEU A 13 2.87 5.08 -13.46
N PRO A 14 1.98 5.98 -13.81
CA PRO A 14 2.36 7.39 -14.12
C PRO A 14 3.29 8.00 -13.04
N ALA A 15 4.12 8.92 -13.51
CA ALA A 15 5.11 9.62 -12.67
C ALA A 15 4.48 10.34 -11.47
N GLY A 16 3.68 9.63 -10.68
CA GLY A 16 3.05 10.24 -9.51
C GLY A 16 2.23 9.22 -8.75
N ALA A 17 1.96 8.11 -9.42
CA ALA A 17 1.15 7.05 -8.85
C ALA A 17 1.79 6.31 -7.67
N ILE A 18 3.07 6.00 -7.74
CA ILE A 18 3.71 5.29 -6.63
C ILE A 18 3.63 6.12 -5.36
N ASP A 19 4.03 7.38 -5.47
CA ASP A 19 4.00 8.29 -4.33
C ASP A 19 2.57 8.44 -3.83
N ALA A 20 1.61 8.52 -4.74
CA ALA A 20 0.23 8.68 -4.32
C ALA A 20 -0.27 7.42 -3.59
N LEU A 21 0.10 6.26 -4.11
CA LEU A 21 -0.29 4.99 -3.53
C LEU A 21 0.23 4.84 -2.11
N ALA A 22 1.52 5.13 -1.93
CA ALA A 22 2.16 5.05 -0.61
C ALA A 22 1.46 5.99 0.36
N GLY A 23 1.10 7.17 -0.09
CA GLY A 23 0.40 8.12 0.77
C GLY A 23 -0.98 7.62 1.15
N GLU A 24 -1.75 7.11 0.19
CA GLU A 24 -3.09 6.64 0.51
C GLU A 24 -3.03 5.46 1.49
N LEU A 25 -2.10 4.54 1.26
CA LEU A 25 -1.97 3.37 2.12
C LEU A 25 -1.62 3.75 3.56
N SER A 26 -0.69 4.68 3.72
CA SER A 26 -0.28 5.10 5.06
C SER A 26 -1.45 5.67 5.86
N ARG A 27 -2.25 6.54 5.26
CA ARG A 27 -3.38 7.11 5.98
C ARG A 27 -4.31 5.99 6.42
N ARG A 28 -4.53 5.02 5.55
CA ARG A 28 -5.38 3.88 5.87
C ARG A 28 -4.84 3.07 7.06
N ILE A 29 -3.52 2.86 7.06
CA ILE A 29 -2.86 2.09 8.11
C ILE A 29 -2.98 2.76 9.48
N GLN A 30 -2.71 4.06 9.52
CA GLN A 30 -2.80 4.81 10.77
C GLN A 30 -4.21 4.76 11.34
N TYR A 31 -5.23 4.88 10.49
CA TYR A 31 -6.60 4.83 10.99
C TYR A 31 -6.90 3.45 11.56
N ALA A 32 -6.42 2.41 10.89
CA ALA A 32 -6.65 1.04 11.34
C ALA A 32 -5.89 0.73 12.62
N PHE A 33 -4.66 1.25 12.70
CA PHE A 33 -3.79 1.03 13.85
C PHE A 33 -3.46 2.35 14.53
N PRO A 34 -4.26 2.79 15.46
CA PRO A 34 -4.01 4.07 16.19
C PRO A 34 -2.89 3.94 17.22
N ASP A 35 -2.67 2.71 17.67
CA ASP A 35 -1.68 2.41 18.71
C ASP A 35 -0.32 1.95 18.19
N ASN A 36 -0.17 1.66 16.88
CA ASN A 36 1.13 1.14 16.38
C ASN A 36 1.67 1.96 15.21
N GLU A 37 2.94 2.38 15.26
CA GLU A 37 3.51 3.11 14.15
C GLU A 37 3.56 2.24 12.89
N GLY A 38 2.95 2.72 11.82
CA GLY A 38 2.98 1.98 10.55
C GLY A 38 3.83 2.67 9.51
N HIS A 39 4.83 2.00 8.93
CA HIS A 39 5.66 2.63 7.89
C HIS A 39 5.44 1.89 6.58
N VAL A 40 5.01 2.60 5.53
CA VAL A 40 4.73 1.97 4.26
C VAL A 40 5.72 2.41 3.19
N SER A 41 6.30 1.44 2.48
CA SER A 41 7.25 1.74 1.41
C SER A 41 6.81 1.07 0.12
N VAL A 42 6.97 1.79 -1.00
CA VAL A 42 6.61 1.25 -2.32
C VAL A 42 7.78 1.43 -3.27
N ARG A 43 8.19 0.33 -3.92
CA ARG A 43 9.32 0.38 -4.85
C ARG A 43 9.14 -0.63 -5.98
N TYR A 44 9.84 -0.40 -7.10
CA TYR A 44 9.77 -1.32 -8.23
C TYR A 44 10.71 -2.49 -8.01
N ALA A 45 10.26 -3.68 -8.37
CA ALA A 45 11.07 -4.90 -8.24
C ALA A 45 10.82 -5.79 -9.45
N ALA A 46 11.66 -6.79 -9.64
CA ALA A 46 11.51 -7.68 -10.78
C ALA A 46 10.14 -8.36 -10.75
N ALA A 47 9.56 -8.52 -9.55
CA ALA A 47 8.27 -9.20 -9.42
C ALA A 47 7.36 -8.54 -8.40
N ASN A 48 6.04 -8.69 -8.61
CA ASN A 48 5.07 -8.14 -7.67
C ASN A 48 5.12 -9.00 -6.40
N ASN A 49 5.34 -8.36 -5.27
CA ASN A 49 5.40 -9.08 -4.00
C ASN A 49 4.93 -8.18 -2.86
N LEU A 50 4.34 -8.78 -1.83
CA LEU A 50 3.86 -8.05 -0.66
C LEU A 50 4.48 -8.69 0.57
N SER A 51 5.22 -7.92 1.37
CA SER A 51 5.84 -8.45 2.59
C SER A 51 5.40 -7.66 3.81
N VAL A 52 4.95 -8.35 4.85
CA VAL A 52 4.54 -7.69 6.10
C VAL A 52 5.35 -8.27 7.25
N ILE A 53 6.00 -7.40 8.02
CA ILE A 53 6.81 -7.86 9.16
C ILE A 53 6.37 -7.16 10.44
N GLY A 54 6.17 -7.96 11.50
CA GLY A 54 5.76 -7.42 12.79
C GLY A 54 4.25 -7.43 12.94
N ALA A 55 3.55 -8.15 12.06
CA ALA A 55 2.08 -8.20 12.08
C ALA A 55 1.57 -9.63 12.23
N THR A 56 0.30 -9.72 12.64
CA THR A 56 -0.43 -10.97 12.80
C THR A 56 -1.20 -11.29 11.52
N LYS A 57 -1.57 -12.56 11.38
CA LYS A 57 -2.27 -13.03 10.18
C LYS A 57 -3.58 -12.28 9.92
N GLU A 58 -4.36 -11.99 10.95
CA GLU A 58 -5.62 -11.27 10.75
C GLU A 58 -5.37 -9.85 10.27
N ASP A 59 -4.32 -9.21 10.82
CA ASP A 59 -3.97 -7.86 10.40
C ASP A 59 -3.60 -7.87 8.93
N LYS A 60 -2.79 -8.86 8.57
CA LYS A 60 -2.34 -9.00 7.19
C LYS A 60 -3.52 -9.22 6.24
N GLN A 61 -4.51 -10.03 6.61
CA GLN A 61 -5.65 -10.21 5.72
C GLN A 61 -6.37 -8.87 5.56
N ARG A 62 -6.52 -8.14 6.68
CA ARG A 62 -7.20 -6.85 6.62
C ARG A 62 -6.45 -5.91 5.68
N ILE A 63 -5.13 -5.86 5.82
CA ILE A 63 -4.34 -4.98 4.97
C ILE A 63 -4.52 -5.37 3.51
N SER A 64 -4.53 -6.66 3.22
CA SER A 64 -4.75 -7.09 1.85
C SER A 64 -6.12 -6.57 1.42
N GLU A 65 -7.14 -6.70 2.29
CA GLU A 65 -8.47 -6.21 1.93
C GLU A 65 -8.41 -4.72 1.65
N ILE A 66 -7.69 -3.99 2.49
CA ILE A 66 -7.56 -2.54 2.30
C ILE A 66 -6.92 -2.23 0.95
N LEU A 67 -5.84 -2.92 0.65
CA LEU A 67 -5.17 -2.70 -0.62
C LEU A 67 -6.13 -2.96 -1.75
N GLN A 68 -6.92 -4.02 -1.62
CA GLN A 68 -7.89 -4.32 -2.64
C GLN A 68 -8.89 -3.17 -2.78
N GLU A 69 -9.51 -2.74 -1.68
CA GLU A 69 -10.51 -1.67 -1.74
C GLU A 69 -9.95 -0.34 -2.27
N THR A 70 -8.77 0.08 -1.80
CA THR A 70 -8.20 1.34 -2.27
C THR A 70 -7.98 1.28 -3.77
N TRP A 71 -7.42 0.15 -4.17
CA TRP A 71 -7.12 -0.11 -5.55
C TRP A 71 -8.39 -0.07 -6.37
N GLU A 72 -9.49 -0.60 -5.83
CA GLU A 72 -10.77 -0.61 -6.54
C GLU A 72 -11.43 0.77 -6.55
N SER A 73 -11.03 1.70 -5.66
CA SER A 73 -11.66 3.02 -5.63
C SER A 73 -10.73 4.08 -6.22
N ALA A 74 -9.79 3.63 -7.05
CA ALA A 74 -8.79 4.50 -7.64
C ALA A 74 -9.33 5.71 -8.38
N ASP A 75 -10.44 5.55 -9.10
CA ASP A 75 -11.01 6.67 -9.86
C ASP A 75 -11.45 7.81 -8.94
N ASP A 76 -11.69 7.50 -7.67
CA ASP A 76 -12.13 8.51 -6.71
C ASP A 76 -10.97 9.16 -5.95
N TRP A 77 -10.01 8.37 -5.48
CA TRP A 77 -8.89 8.93 -4.68
C TRP A 77 -7.64 9.29 -5.49
N PHE A 78 -7.45 8.69 -6.66
CA PHE A 78 -6.27 9.03 -7.47
C PHE A 78 -6.60 10.22 -8.36
N VAL A 79 -5.74 11.24 -8.30
CA VAL A 79 -5.93 12.47 -9.07
C VAL A 79 -4.69 12.72 -9.93
N SER A 80 -4.86 13.17 -11.18
CA SER A 80 -3.70 13.43 -12.05
C SER A 80 -3.76 14.87 -12.59
N GLU A 81 -2.60 15.52 -12.63
CA GLU A 81 -2.51 16.88 -13.13
C GLU A 81 -2.88 16.94 -14.61
N MET A 1 5.25 -1.85 13.28
CA MET A 1 5.07 -2.72 12.09
C MET A 1 5.61 -2.03 10.86
N ARG A 2 6.23 -2.81 9.96
CA ARG A 2 6.77 -2.25 8.71
C ARG A 2 6.11 -2.93 7.53
N ILE A 3 5.61 -2.14 6.59
CA ILE A 3 4.93 -2.66 5.41
C ILE A 3 5.69 -2.25 4.14
N GLU A 4 6.08 -3.24 3.34
CA GLU A 4 6.80 -2.97 2.09
C GLU A 4 6.06 -3.53 0.88
N VAL A 5 5.87 -2.68 -0.13
CA VAL A 5 5.15 -3.08 -1.34
C VAL A 5 6.02 -2.94 -2.58
N THR A 6 6.02 -3.97 -3.42
CA THR A 6 6.81 -3.98 -4.66
C THR A 6 5.92 -4.14 -5.87
N ILE A 7 6.19 -3.32 -6.88
CA ILE A 7 5.44 -3.34 -8.14
C ILE A 7 6.37 -3.74 -9.29
N ALA A 8 5.94 -4.68 -10.11
CA ALA A 8 6.75 -5.15 -11.24
C ALA A 8 6.93 -4.05 -12.27
N LYS A 9 8.18 -3.96 -12.71
CA LYS A 9 8.60 -2.99 -13.70
C LYS A 9 7.87 -3.17 -15.03
N THR A 10 7.42 -4.39 -15.33
CA THR A 10 6.68 -4.63 -16.56
C THR A 10 5.38 -3.85 -16.55
N SER A 11 4.99 -3.33 -15.39
CA SER A 11 3.74 -2.57 -15.25
C SER A 11 4.00 -1.16 -14.69
N PRO A 12 4.44 -0.24 -15.51
CA PRO A 12 4.73 1.16 -15.10
C PRO A 12 3.49 2.01 -14.83
N LEU A 13 3.53 2.77 -13.73
CA LEU A 13 2.44 3.66 -13.36
C LEU A 13 2.92 5.11 -13.56
N PRO A 14 2.05 6.03 -13.93
CA PRO A 14 2.48 7.44 -14.19
C PRO A 14 3.40 8.00 -13.09
N ALA A 15 4.28 8.89 -13.54
CA ALA A 15 5.28 9.54 -12.68
C ALA A 15 4.67 10.26 -11.48
N GLY A 16 3.84 9.58 -10.69
CA GLY A 16 3.23 10.20 -9.53
C GLY A 16 2.36 9.22 -8.76
N ALA A 17 2.02 8.11 -9.41
CA ALA A 17 1.15 7.11 -8.82
C ALA A 17 1.75 6.34 -7.65
N ILE A 18 3.01 5.92 -7.74
CA ILE A 18 3.61 5.19 -6.65
C ILE A 18 3.59 6.04 -5.38
N ASP A 19 4.08 7.27 -5.49
CA ASP A 19 4.10 8.17 -4.35
C ASP A 19 2.67 8.37 -3.85
N ALA A 20 1.72 8.50 -4.78
CA ALA A 20 0.35 8.68 -4.37
C ALA A 20 -0.16 7.45 -3.63
N LEU A 21 0.23 6.27 -4.13
CA LEU A 21 -0.16 5.01 -3.53
C LEU A 21 0.37 4.87 -2.10
N ALA A 22 1.66 5.15 -1.92
CA ALA A 22 2.29 5.05 -0.60
C ALA A 22 1.61 5.99 0.39
N GLY A 23 1.28 7.19 -0.04
CA GLY A 23 0.61 8.13 0.84
C GLY A 23 -0.79 7.64 1.20
N GLU A 24 -1.53 7.12 0.24
CA GLU A 24 -2.87 6.64 0.57
C GLU A 24 -2.79 5.44 1.52
N LEU A 25 -1.84 4.55 1.28
CA LEU A 25 -1.71 3.37 2.13
C LEU A 25 -1.34 3.71 3.57
N SER A 26 -0.42 4.66 3.75
CA SER A 26 -0.01 5.04 5.10
C SER A 26 -1.19 5.60 5.89
N ARG A 27 -1.98 6.48 5.27
CA ARG A 27 -3.13 7.04 5.96
C ARG A 27 -4.07 5.90 6.37
N ARG A 28 -4.22 4.92 5.48
CA ARG A 28 -5.08 3.77 5.76
C ARG A 28 -4.54 2.96 6.95
N ILE A 29 -3.22 2.80 6.99
CA ILE A 29 -2.57 2.03 8.04
C ILE A 29 -2.74 2.71 9.41
N GLN A 30 -2.52 4.02 9.46
CA GLN A 30 -2.64 4.77 10.70
C GLN A 30 -4.07 4.72 11.25
N TYR A 31 -5.09 4.85 10.40
CA TYR A 31 -6.46 4.81 10.90
C TYR A 31 -6.77 3.44 11.48
N ALA A 32 -6.29 2.39 10.81
CA ALA A 32 -6.54 1.03 11.27
C ALA A 32 -5.78 0.71 12.56
N PHE A 33 -4.55 1.21 12.66
CA PHE A 33 -3.70 0.97 13.83
C PHE A 33 -3.30 2.28 14.51
N PRO A 34 -4.13 2.78 15.39
CA PRO A 34 -3.86 4.05 16.12
C PRO A 34 -2.74 3.92 17.16
N ASP A 35 -2.57 2.71 17.65
CA ASP A 35 -1.60 2.42 18.71
C ASP A 35 -0.22 1.97 18.19
N ASN A 36 -0.05 1.70 16.89
CA ASN A 36 1.25 1.22 16.38
C ASN A 36 1.78 2.06 15.22
N GLU A 37 3.04 2.49 15.28
CA GLU A 37 3.63 3.23 14.18
C GLU A 37 3.70 2.37 12.91
N GLY A 38 3.09 2.86 11.83
CA GLY A 38 3.14 2.13 10.56
C GLY A 38 4.02 2.83 9.52
N HIS A 39 5.03 2.16 8.96
CA HIS A 39 5.87 2.79 7.93
C HIS A 39 5.67 2.06 6.60
N VAL A 40 5.28 2.78 5.56
CA VAL A 40 5.02 2.15 4.27
C VAL A 40 6.02 2.59 3.21
N SER A 41 6.60 1.61 2.52
CA SER A 41 7.57 1.90 1.45
C SER A 41 7.13 1.21 0.17
N VAL A 42 7.30 1.92 -0.95
CA VAL A 42 6.93 1.36 -2.26
C VAL A 42 8.09 1.55 -3.23
N ARG A 43 8.46 0.46 -3.91
CA ARG A 43 9.56 0.50 -4.87
C ARG A 43 9.36 -0.50 -5.99
N TYR A 44 10.05 -0.31 -7.11
CA TYR A 44 9.94 -1.25 -8.22
C TYR A 44 10.87 -2.43 -7.99
N ALA A 45 10.41 -3.63 -8.34
CA ALA A 45 11.19 -4.85 -8.18
C ALA A 45 10.93 -5.77 -9.38
N ALA A 46 11.75 -6.79 -9.56
CA ALA A 46 11.55 -7.69 -10.69
C ALA A 46 10.16 -8.32 -10.64
N ALA A 47 9.59 -8.44 -9.43
CA ALA A 47 8.26 -9.07 -9.30
C ALA A 47 7.37 -8.35 -8.28
N ASN A 48 6.06 -8.43 -8.49
CA ASN A 48 5.09 -7.84 -7.56
C ASN A 48 5.08 -8.66 -6.27
N ASN A 49 5.21 -7.99 -5.12
CA ASN A 49 5.21 -8.70 -3.84
C ASN A 49 4.71 -7.79 -2.71
N LEU A 50 4.10 -8.39 -1.68
CA LEU A 50 3.60 -7.65 -0.52
C LEU A 50 4.21 -8.29 0.72
N SER A 51 4.91 -7.52 1.55
CA SER A 51 5.53 -8.07 2.77
C SER A 51 5.07 -7.29 4.00
N VAL A 52 4.62 -8.00 5.03
CA VAL A 52 4.19 -7.37 6.29
C VAL A 52 5.00 -7.96 7.45
N ILE A 53 5.67 -7.10 8.23
CA ILE A 53 6.48 -7.57 9.36
C ILE A 53 5.98 -6.98 10.67
N GLY A 54 5.74 -7.84 11.67
CA GLY A 54 5.28 -7.36 12.99
C GLY A 54 3.76 -7.40 13.12
N ALA A 55 3.08 -8.16 12.25
CA ALA A 55 1.61 -8.23 12.29
C ALA A 55 1.11 -9.65 12.43
N THR A 56 -0.16 -9.75 12.84
CA THR A 56 -0.88 -11.01 13.01
C THR A 56 -1.57 -11.37 11.71
N LYS A 57 -1.87 -12.66 11.56
CA LYS A 57 -2.50 -13.16 10.33
C LYS A 57 -3.82 -12.46 10.05
N GLU A 58 -4.62 -12.19 11.08
CA GLU A 58 -5.89 -11.49 10.87
C GLU A 58 -5.65 -10.07 10.41
N ASP A 59 -4.63 -9.42 10.99
CA ASP A 59 -4.30 -8.07 10.60
C ASP A 59 -3.89 -8.06 9.13
N LYS A 60 -3.08 -9.06 8.78
CA LYS A 60 -2.62 -9.19 7.41
C LYS A 60 -3.78 -9.42 6.44
N GLN A 61 -4.77 -10.22 6.81
CA GLN A 61 -5.91 -10.43 5.92
C GLN A 61 -6.63 -9.10 5.75
N ARG A 62 -6.81 -8.36 6.86
CA ARG A 62 -7.50 -7.08 6.80
C ARG A 62 -6.74 -6.14 5.87
N ILE A 63 -5.43 -6.10 6.02
CA ILE A 63 -4.61 -5.25 5.17
C ILE A 63 -4.77 -5.61 3.69
N SER A 64 -4.76 -6.89 3.38
CA SER A 64 -4.95 -7.30 2.00
C SER A 64 -6.32 -6.80 1.54
N GLU A 65 -7.38 -6.95 2.36
CA GLU A 65 -8.70 -6.49 1.96
C GLU A 65 -8.68 -4.98 1.72
N ILE A 66 -8.02 -4.22 2.59
CA ILE A 66 -7.93 -2.76 2.41
C ILE A 66 -7.27 -2.42 1.09
N LEU A 67 -6.16 -3.09 0.80
CA LEU A 67 -5.46 -2.85 -0.43
C LEU A 67 -6.39 -3.13 -1.59
N GLN A 68 -7.15 -4.20 -1.49
CA GLN A 68 -8.10 -4.54 -2.53
C GLN A 68 -9.12 -3.41 -2.70
N GLU A 69 -9.77 -2.99 -1.61
CA GLU A 69 -10.78 -1.94 -1.69
C GLU A 69 -10.21 -0.62 -2.21
N THR A 70 -9.05 -0.22 -1.72
CA THR A 70 -8.44 1.03 -2.18
C THR A 70 -8.18 0.96 -3.67
N TRP A 71 -7.57 -0.16 -4.05
CA TRP A 71 -7.23 -0.43 -5.43
C TRP A 71 -8.48 -0.38 -6.29
N GLU A 72 -9.59 -0.92 -5.78
CA GLU A 72 -10.84 -0.93 -6.53
C GLU A 72 -11.52 0.45 -6.57
N SER A 73 -11.13 1.38 -5.69
CA SER A 73 -11.77 2.71 -5.67
C SER A 73 -10.83 3.78 -6.21
N ALA A 74 -9.87 3.35 -7.03
CA ALA A 74 -8.83 4.23 -7.57
C ALA A 74 -9.33 5.50 -8.29
N ASP A 75 -10.47 5.42 -8.95
CA ASP A 75 -11.00 6.58 -9.67
C ASP A 75 -11.43 7.72 -8.74
N ASP A 76 -11.66 7.43 -7.46
CA ASP A 76 -12.11 8.47 -6.52
C ASP A 76 -10.95 9.16 -5.79
N TRP A 77 -9.97 8.40 -5.30
CA TRP A 77 -8.87 9.01 -4.54
C TRP A 77 -7.65 9.38 -5.37
N PHE A 78 -7.50 8.83 -6.58
CA PHE A 78 -6.34 9.17 -7.40
C PHE A 78 -6.66 10.38 -8.27
N VAL A 79 -5.78 11.38 -8.19
CA VAL A 79 -5.93 12.62 -8.93
C VAL A 79 -4.69 12.88 -9.78
N SER A 80 -4.82 13.58 -10.90
CA SER A 80 -3.67 13.88 -11.76
C SER A 80 -3.75 15.29 -12.31
N GLU A 81 -2.64 16.01 -12.27
CA GLU A 81 -2.60 17.38 -12.77
C GLU A 81 -2.79 17.41 -14.28
N MET A 1 5.40 -2.03 13.56
CA MET A 1 5.11 -2.91 12.39
C MET A 1 5.60 -2.22 11.12
N ARG A 2 6.14 -3.00 10.17
CA ARG A 2 6.64 -2.44 8.91
C ARG A 2 5.98 -3.12 7.72
N ILE A 3 5.51 -2.31 6.77
CA ILE A 3 4.84 -2.83 5.57
C ILE A 3 5.60 -2.42 4.31
N GLU A 4 5.96 -3.41 3.48
CA GLU A 4 6.69 -3.13 2.25
C GLU A 4 5.97 -3.70 1.02
N VAL A 5 5.79 -2.84 0.01
CA VAL A 5 5.10 -3.25 -1.22
C VAL A 5 6.00 -3.10 -2.44
N THR A 6 6.04 -4.13 -3.28
CA THR A 6 6.84 -4.11 -4.51
C THR A 6 5.95 -4.30 -5.73
N ILE A 7 6.20 -3.50 -6.75
CA ILE A 7 5.45 -3.54 -8.00
C ILE A 7 6.37 -3.93 -9.16
N ALA A 8 5.91 -4.86 -9.99
CA ALA A 8 6.70 -5.32 -11.13
C ALA A 8 6.87 -4.23 -12.16
N LYS A 9 8.12 -4.12 -12.59
CA LYS A 9 8.53 -3.12 -13.58
C LYS A 9 7.77 -3.31 -14.89
N THR A 10 7.30 -4.52 -15.19
CA THR A 10 6.54 -4.75 -16.42
C THR A 10 5.27 -3.92 -16.39
N SER A 11 4.94 -3.36 -15.21
CA SER A 11 3.72 -2.55 -15.06
C SER A 11 4.07 -1.14 -14.58
N PRO A 12 4.51 -0.26 -15.46
CA PRO A 12 4.88 1.13 -15.11
C PRO A 12 3.68 2.04 -14.83
N LEU A 13 3.77 2.81 -13.73
CA LEU A 13 2.71 3.75 -13.35
C LEU A 13 3.18 5.18 -13.62
N PRO A 14 2.28 6.11 -13.87
CA PRO A 14 2.69 7.50 -14.20
C PRO A 14 3.63 8.10 -13.14
N ALA A 15 4.48 9.00 -13.62
CA ALA A 15 5.49 9.68 -12.81
C ALA A 15 4.90 10.42 -11.61
N GLY A 16 4.03 9.77 -10.84
CA GLY A 16 3.42 10.41 -9.68
C GLY A 16 2.53 9.44 -8.91
N ALA A 17 2.13 8.36 -9.57
CA ALA A 17 1.23 7.39 -8.97
C ALA A 17 1.82 6.60 -7.80
N ILE A 18 3.08 6.23 -7.89
CA ILE A 18 3.69 5.47 -6.80
C ILE A 18 3.64 6.30 -5.51
N ASP A 19 4.08 7.55 -5.60
CA ASP A 19 4.05 8.42 -4.43
C ASP A 19 2.62 8.57 -3.94
N ALA A 20 1.66 8.67 -4.86
CA ALA A 20 0.27 8.82 -4.45
C ALA A 20 -0.23 7.56 -3.73
N LEU A 21 0.15 6.40 -4.26
CA LEU A 21 -0.25 5.13 -3.70
C LEU A 21 0.28 4.98 -2.28
N ALA A 22 1.56 5.28 -2.09
CA ALA A 22 2.18 5.18 -0.79
C ALA A 22 1.49 6.12 0.19
N GLY A 23 1.11 7.29 -0.25
CA GLY A 23 0.40 8.23 0.62
C GLY A 23 -0.99 7.73 0.97
N GLU A 24 -1.74 7.22 0.00
CA GLU A 24 -3.08 6.74 0.31
C GLU A 24 -3.02 5.55 1.27
N LEU A 25 -2.08 4.65 1.04
CA LEU A 25 -1.96 3.48 1.90
C LEU A 25 -1.62 3.83 3.34
N SER A 26 -0.70 4.76 3.53
CA SER A 26 -0.29 5.17 4.88
C SER A 26 -1.47 5.69 5.67
N ARG A 27 -2.27 6.57 5.07
CA ARG A 27 -3.42 7.13 5.78
C ARG A 27 -4.36 6.00 6.19
N ARG A 28 -4.58 5.04 5.31
CA ARG A 28 -5.45 3.91 5.61
C ARG A 28 -4.90 3.10 6.79
N ILE A 29 -3.58 2.93 6.80
CA ILE A 29 -2.93 2.16 7.85
C ILE A 29 -3.07 2.84 9.21
N GLN A 30 -2.83 4.14 9.24
CA GLN A 30 -2.94 4.91 10.46
C GLN A 30 -4.36 4.85 11.03
N TYR A 31 -5.38 4.99 10.19
CA TYR A 31 -6.75 4.94 10.69
C TYR A 31 -7.06 3.54 11.25
N ALA A 32 -6.57 2.51 10.56
CA ALA A 32 -6.82 1.13 10.99
C ALA A 32 -6.05 0.78 12.27
N PHE A 33 -4.81 1.30 12.37
CA PHE A 33 -3.95 1.01 13.53
C PHE A 33 -3.58 2.31 14.27
N PRO A 34 -4.37 2.73 15.23
CA PRO A 34 -4.09 3.97 16.00
C PRO A 34 -2.97 3.82 17.03
N ASP A 35 -2.76 2.59 17.49
CA ASP A 35 -1.76 2.30 18.53
C ASP A 35 -0.41 1.82 18.00
N ASN A 36 -0.27 1.53 16.69
CA ASN A 36 1.01 1.00 16.18
C ASN A 36 1.55 1.82 15.02
N GLU A 37 2.81 2.23 15.08
CA GLU A 37 3.41 2.97 13.98
C GLU A 37 3.47 2.13 12.71
N GLY A 38 2.85 2.63 11.64
CA GLY A 38 2.88 1.92 10.36
C GLY A 38 3.76 2.62 9.34
N HIS A 39 4.78 1.94 8.79
CA HIS A 39 5.63 2.58 7.76
C HIS A 39 5.41 1.85 6.44
N VAL A 40 5.00 2.57 5.41
CA VAL A 40 4.73 1.95 4.13
C VAL A 40 5.73 2.42 3.07
N SER A 41 6.33 1.45 2.37
CA SER A 41 7.29 1.77 1.31
C SER A 41 6.87 1.10 0.01
N VAL A 42 7.05 1.83 -1.09
CA VAL A 42 6.72 1.30 -2.41
C VAL A 42 7.90 1.49 -3.34
N ARG A 43 8.34 0.39 -3.97
CA ARG A 43 9.47 0.43 -4.87
C ARG A 43 9.29 -0.57 -6.01
N TYR A 44 9.98 -0.34 -7.12
CA TYR A 44 9.90 -1.24 -8.26
C TYR A 44 10.84 -2.43 -8.02
N ALA A 45 10.35 -3.63 -8.36
CA ALA A 45 11.12 -4.86 -8.20
C ALA A 45 10.86 -5.78 -9.39
N ALA A 46 11.68 -6.82 -9.55
CA ALA A 46 11.49 -7.74 -10.66
C ALA A 46 10.11 -8.40 -10.59
N ALA A 47 9.54 -8.55 -9.39
CA ALA A 47 8.23 -9.20 -9.24
C ALA A 47 7.33 -8.52 -8.22
N ASN A 48 6.01 -8.65 -8.42
CA ASN A 48 5.03 -8.10 -7.50
C ASN A 48 5.05 -8.92 -6.21
N ASN A 49 5.21 -8.28 -5.07
CA ASN A 49 5.24 -8.98 -3.79
C ASN A 49 4.79 -8.07 -2.66
N LEU A 50 4.20 -8.67 -1.62
CA LEU A 50 3.75 -7.92 -0.44
C LEU A 50 4.38 -8.59 0.78
N SER A 51 5.13 -7.83 1.59
CA SER A 51 5.78 -8.39 2.78
C SER A 51 5.36 -7.60 4.02
N VAL A 52 4.95 -8.31 5.07
CA VAL A 52 4.55 -7.66 6.33
C VAL A 52 5.36 -8.25 7.48
N ILE A 53 6.01 -7.38 8.27
CA ILE A 53 6.82 -7.83 9.41
C ILE A 53 6.34 -7.17 10.70
N GLY A 54 6.11 -7.98 11.73
CA GLY A 54 5.66 -7.46 13.03
C GLY A 54 4.15 -7.48 13.17
N ALA A 55 3.46 -8.19 12.26
CA ALA A 55 2.00 -8.24 12.27
C ALA A 55 1.48 -9.67 12.38
N THR A 56 0.20 -9.75 12.77
CA THR A 56 -0.53 -11.01 12.92
C THR A 56 -1.27 -11.34 11.63
N LYS A 57 -1.60 -12.63 11.46
CA LYS A 57 -2.27 -13.10 10.25
C LYS A 57 -3.59 -12.40 9.99
N GLU A 58 -4.39 -12.14 11.02
CA GLU A 58 -5.66 -11.45 10.83
C GLU A 58 -5.41 -10.02 10.38
N ASP A 59 -4.36 -9.40 10.92
CA ASP A 59 -4.00 -8.05 10.55
C ASP A 59 -3.62 -8.03 9.08
N LYS A 60 -2.82 -9.02 8.72
CA LYS A 60 -2.36 -9.15 7.34
C LYS A 60 -3.54 -9.36 6.40
N GLN A 61 -4.54 -10.16 6.79
CA GLN A 61 -5.70 -10.35 5.91
C GLN A 61 -6.41 -9.00 5.77
N ARG A 62 -6.58 -8.28 6.89
CA ARG A 62 -7.25 -7.00 6.84
C ARG A 62 -6.49 -6.06 5.92
N ILE A 63 -5.17 -6.02 6.07
CA ILE A 63 -4.37 -5.15 5.23
C ILE A 63 -4.55 -5.54 3.76
N SER A 64 -4.56 -6.82 3.47
CA SER A 64 -4.78 -7.25 2.10
C SER A 64 -6.16 -6.73 1.68
N GLU A 65 -7.17 -6.79 2.56
CA GLU A 65 -8.50 -6.30 2.21
C GLU A 65 -8.44 -4.81 1.95
N ILE A 66 -7.73 -4.07 2.79
CA ILE A 66 -7.61 -2.63 2.62
C ILE A 66 -6.97 -2.29 1.27
N LEU A 67 -5.91 -2.99 0.94
CA LEU A 67 -5.23 -2.77 -0.32
C LEU A 67 -6.21 -3.02 -1.46
N GLN A 68 -7.01 -4.07 -1.32
CA GLN A 68 -8.00 -4.38 -2.34
C GLN A 68 -9.01 -3.24 -2.47
N GLU A 69 -9.62 -2.81 -1.35
CA GLU A 69 -10.62 -1.74 -1.42
C GLU A 69 -10.07 -0.43 -1.95
N THR A 70 -8.90 0.00 -1.47
CA THR A 70 -8.32 1.25 -1.95
C THR A 70 -8.08 1.16 -3.45
N TRP A 71 -7.52 0.04 -3.85
CA TRP A 71 -7.21 -0.23 -5.24
C TRP A 71 -8.48 -0.18 -6.07
N GLU A 72 -9.57 -0.72 -5.55
CA GLU A 72 -10.85 -0.74 -6.27
C GLU A 72 -11.52 0.64 -6.29
N SER A 73 -11.11 1.57 -5.41
CA SER A 73 -11.74 2.90 -5.38
C SER A 73 -10.80 3.96 -5.95
N ALA A 74 -9.86 3.53 -6.77
CA ALA A 74 -8.84 4.40 -7.35
C ALA A 74 -9.36 5.63 -8.07
N ASP A 75 -10.50 5.54 -8.73
CA ASP A 75 -11.04 6.68 -9.47
C ASP A 75 -11.47 7.82 -8.56
N ASP A 76 -11.69 7.52 -7.27
CA ASP A 76 -12.13 8.55 -6.32
C ASP A 76 -10.96 9.21 -5.57
N TRP A 77 -10.00 8.42 -5.07
CA TRP A 77 -8.89 8.99 -4.29
C TRP A 77 -7.67 9.37 -5.14
N PHE A 78 -7.51 8.79 -6.32
CA PHE A 78 -6.36 9.16 -7.16
C PHE A 78 -6.66 10.37 -8.01
N VAL A 79 -5.80 11.37 -7.92
CA VAL A 79 -5.95 12.62 -8.66
C VAL A 79 -4.72 12.82 -9.55
N SER A 80 -4.90 13.23 -10.81
CA SER A 80 -3.76 13.44 -11.71
C SER A 80 -3.73 14.89 -12.20
N GLU A 81 -2.52 15.45 -12.28
CA GLU A 81 -2.36 16.83 -12.75
C GLU A 81 -2.99 17.00 -14.12
N MET A 1 5.45 -1.95 13.65
CA MET A 1 5.12 -2.82 12.49
C MET A 1 5.62 -2.16 11.21
N ARG A 2 6.15 -2.96 10.28
CA ARG A 2 6.65 -2.40 9.01
C ARG A 2 5.96 -3.10 7.82
N ILE A 3 5.50 -2.29 6.88
CA ILE A 3 4.80 -2.81 5.70
C ILE A 3 5.56 -2.41 4.45
N GLU A 4 5.91 -3.40 3.62
CA GLU A 4 6.64 -3.13 2.39
C GLU A 4 5.88 -3.66 1.17
N VAL A 5 5.69 -2.79 0.17
CA VAL A 5 4.97 -3.18 -1.04
C VAL A 5 5.85 -3.03 -2.29
N THR A 6 5.85 -4.04 -3.15
CA THR A 6 6.65 -4.02 -4.38
C THR A 6 5.75 -4.19 -5.60
N ILE A 7 6.02 -3.40 -6.62
CA ILE A 7 5.28 -3.43 -7.87
C ILE A 7 6.19 -3.86 -9.01
N ALA A 8 5.73 -4.81 -9.82
CA ALA A 8 6.52 -5.28 -10.94
C ALA A 8 6.71 -4.16 -11.95
N LYS A 9 7.96 -4.03 -12.34
CA LYS A 9 8.38 -3.02 -13.29
C LYS A 9 7.68 -3.19 -14.63
N THR A 10 7.25 -4.41 -14.94
CA THR A 10 6.55 -4.67 -16.19
C THR A 10 5.23 -3.91 -16.22
N SER A 11 4.84 -3.36 -15.07
CA SER A 11 3.59 -2.59 -14.97
C SER A 11 3.89 -1.17 -14.48
N PRO A 12 4.32 -0.30 -15.35
CA PRO A 12 4.65 1.10 -15.00
C PRO A 12 3.42 1.96 -14.69
N LEU A 13 3.48 2.69 -13.57
CA LEU A 13 2.41 3.59 -13.15
C LEU A 13 2.88 5.03 -13.37
N PRO A 14 2.00 5.95 -13.70
CA PRO A 14 2.41 7.36 -13.98
C PRO A 14 3.37 7.93 -12.92
N ALA A 15 4.22 8.82 -13.40
CA ALA A 15 5.25 9.50 -12.60
C ALA A 15 4.67 10.25 -11.41
N GLY A 16 3.82 9.60 -10.64
CA GLY A 16 3.20 10.23 -9.48
C GLY A 16 2.38 9.22 -8.70
N ALA A 17 2.08 8.12 -9.38
CA ALA A 17 1.27 7.05 -8.82
C ALA A 17 1.92 6.32 -7.65
N ILE A 18 3.19 5.98 -7.75
CA ILE A 18 3.84 5.26 -6.65
C ILE A 18 3.78 6.11 -5.37
N ASP A 19 4.19 7.37 -5.48
CA ASP A 19 4.16 8.25 -4.33
C ASP A 19 2.72 8.42 -3.85
N ALA A 20 1.76 8.53 -4.77
CA ALA A 20 0.37 8.70 -4.36
C ALA A 20 -0.13 7.46 -3.63
N LEU A 21 0.22 6.29 -4.14
CA LEU A 21 -0.18 5.02 -3.56
C LEU A 21 0.34 4.88 -2.12
N ALA A 22 1.62 5.15 -1.95
CA ALA A 22 2.24 5.05 -0.63
C ALA A 22 1.54 6.01 0.34
N GLY A 23 1.16 7.18 -0.14
CA GLY A 23 0.47 8.14 0.72
C GLY A 23 -0.93 7.67 1.09
N GLU A 24 -1.71 7.18 0.11
CA GLU A 24 -3.07 6.74 0.42
C GLU A 24 -3.02 5.54 1.37
N LEU A 25 -2.08 4.64 1.15
CA LEU A 25 -1.98 3.46 2.01
C LEU A 25 -1.62 3.81 3.45
N SER A 26 -0.69 4.74 3.63
CA SER A 26 -0.26 5.12 4.97
C SER A 26 -1.40 5.73 5.79
N ARG A 27 -2.15 6.66 5.21
CA ARG A 27 -3.24 7.29 5.93
C ARG A 27 -4.27 6.25 6.36
N ARG A 28 -4.59 5.31 5.47
CA ARG A 28 -5.56 4.27 5.81
C ARG A 28 -5.04 3.41 6.96
N ILE A 29 -3.76 3.10 6.91
CA ILE A 29 -3.12 2.29 7.94
C ILE A 29 -3.18 2.96 9.31
N GLN A 30 -2.86 4.24 9.32
CA GLN A 30 -2.88 5.02 10.57
C GLN A 30 -4.28 5.02 11.16
N TYR A 31 -5.32 5.17 10.34
CA TYR A 31 -6.68 5.16 10.86
C TYR A 31 -7.01 3.78 11.40
N ALA A 32 -6.57 2.74 10.71
CA ALA A 32 -6.83 1.37 11.14
C ALA A 32 -6.05 1.02 12.40
N PHE A 33 -4.81 1.49 12.48
CA PHE A 33 -3.94 1.22 13.64
C PHE A 33 -3.53 2.52 14.34
N PRO A 34 -4.32 2.98 15.29
CA PRO A 34 -4.01 4.23 16.04
C PRO A 34 -2.89 4.06 17.08
N ASP A 35 -2.74 2.83 17.57
CA ASP A 35 -1.77 2.52 18.62
C ASP A 35 -0.41 2.02 18.10
N ASN A 36 -0.27 1.72 16.81
CA ASN A 36 1.01 1.18 16.31
C ASN A 36 1.56 1.98 15.14
N GLU A 37 2.82 2.37 15.18
CA GLU A 37 3.41 3.09 14.08
C GLU A 37 3.43 2.25 12.80
N GLY A 38 2.82 2.75 11.74
CA GLY A 38 2.82 2.03 10.46
C GLY A 38 3.70 2.72 9.43
N HIS A 39 4.68 2.02 8.85
CA HIS A 39 5.52 2.66 7.83
C HIS A 39 5.31 1.92 6.52
N VAL A 40 4.91 2.63 5.46
CA VAL A 40 4.63 2.00 4.18
C VAL A 40 5.62 2.46 3.11
N SER A 41 6.19 1.49 2.40
CA SER A 41 7.16 1.78 1.33
C SER A 41 6.73 1.11 0.03
N VAL A 42 6.93 1.82 -1.08
CA VAL A 42 6.58 1.29 -2.40
C VAL A 42 7.76 1.45 -3.36
N ARG A 43 8.16 0.35 -4.01
CA ARG A 43 9.29 0.39 -4.95
C ARG A 43 9.10 -0.60 -6.09
N TYR A 44 9.81 -0.36 -7.19
CA TYR A 44 9.74 -1.25 -8.35
C TYR A 44 10.68 -2.44 -8.12
N ALA A 45 10.20 -3.64 -8.48
CA ALA A 45 11.00 -4.86 -8.33
C ALA A 45 10.76 -5.77 -9.53
N ALA A 46 11.58 -6.80 -9.67
CA ALA A 46 11.43 -7.71 -10.80
C ALA A 46 10.05 -8.35 -10.76
N ALA A 47 9.47 -8.48 -9.56
CA ALA A 47 8.16 -9.14 -9.42
C ALA A 47 7.27 -8.44 -8.40
N ASN A 48 5.95 -8.55 -8.59
CA ASN A 48 4.99 -7.98 -7.65
C ASN A 48 5.02 -8.82 -6.38
N ASN A 49 5.22 -8.18 -5.23
CA ASN A 49 5.26 -8.91 -3.97
C ASN A 49 4.83 -7.98 -2.83
N LEU A 50 4.24 -8.57 -1.78
CA LEU A 50 3.80 -7.83 -0.61
C LEU A 50 4.42 -8.52 0.61
N SER A 51 5.19 -7.78 1.41
CA SER A 51 5.82 -8.36 2.60
C SER A 51 5.40 -7.58 3.86
N VAL A 52 4.97 -8.29 4.89
CA VAL A 52 4.57 -7.64 6.15
C VAL A 52 5.40 -8.21 7.29
N ILE A 53 6.06 -7.33 8.06
CA ILE A 53 6.89 -7.77 9.18
C ILE A 53 6.39 -7.16 10.49
N GLY A 54 6.16 -8.01 11.50
CA GLY A 54 5.71 -7.53 12.80
C GLY A 54 4.18 -7.55 12.94
N ALA A 55 3.49 -8.29 12.06
CA ALA A 55 2.02 -8.34 12.10
C ALA A 55 1.50 -9.78 12.25
N THR A 56 0.24 -9.87 12.67
CA THR A 56 -0.48 -11.12 12.84
C THR A 56 -1.21 -11.48 11.55
N LYS A 57 -1.54 -12.77 11.41
CA LYS A 57 -2.19 -13.26 10.21
C LYS A 57 -3.51 -12.53 9.94
N GLU A 58 -4.29 -12.24 10.97
CA GLU A 58 -5.57 -11.54 10.78
C GLU A 58 -5.32 -10.11 10.31
N ASP A 59 -4.30 -9.45 10.87
CA ASP A 59 -3.98 -8.09 10.47
C ASP A 59 -3.60 -8.09 9.00
N LYS A 60 -2.79 -9.06 8.63
CA LYS A 60 -2.34 -9.20 7.26
C LYS A 60 -3.52 -9.41 6.31
N GLN A 61 -4.51 -10.19 6.71
CA GLN A 61 -5.66 -10.37 5.84
C GLN A 61 -6.37 -9.03 5.69
N ARG A 62 -6.51 -8.29 6.81
CA ARG A 62 -7.18 -7.01 6.77
C ARG A 62 -6.43 -6.08 5.82
N ILE A 63 -5.11 -6.06 5.96
CA ILE A 63 -4.30 -5.21 5.09
C ILE A 63 -4.49 -5.59 3.63
N SER A 64 -4.50 -6.87 3.33
CA SER A 64 -4.73 -7.30 1.95
C SER A 64 -6.10 -6.76 1.53
N GLU A 65 -7.13 -6.89 2.39
CA GLU A 65 -8.46 -6.41 2.02
C GLU A 65 -8.38 -4.90 1.75
N ILE A 66 -7.65 -4.17 2.59
CA ILE A 66 -7.49 -2.73 2.40
C ILE A 66 -6.85 -2.40 1.05
N LEU A 67 -5.78 -3.11 0.73
CA LEU A 67 -5.11 -2.88 -0.54
C LEU A 67 -6.09 -3.14 -1.67
N GLN A 68 -6.90 -4.17 -1.52
CA GLN A 68 -7.89 -4.48 -2.53
C GLN A 68 -8.91 -3.33 -2.67
N GLU A 69 -9.53 -2.90 -1.57
CA GLU A 69 -10.53 -1.83 -1.63
C GLU A 69 -9.95 -0.52 -2.17
N THR A 70 -8.76 -0.13 -1.71
CA THR A 70 -8.14 1.12 -2.18
C THR A 70 -7.93 1.05 -3.68
N TRP A 71 -7.37 -0.07 -4.09
CA TRP A 71 -7.07 -0.33 -5.48
C TRP A 71 -8.34 -0.25 -6.31
N GLU A 72 -9.44 -0.77 -5.78
CA GLU A 72 -10.71 -0.75 -6.49
C GLU A 72 -11.36 0.63 -6.49
N SER A 73 -10.93 1.54 -5.59
CA SER A 73 -11.54 2.89 -5.54
C SER A 73 -10.60 3.94 -6.09
N ALA A 74 -9.67 3.50 -6.93
CA ALA A 74 -8.64 4.37 -7.49
C ALA A 74 -9.16 5.62 -8.21
N ASP A 75 -10.28 5.51 -8.91
CA ASP A 75 -10.83 6.66 -9.63
C ASP A 75 -11.26 7.79 -8.70
N ASP A 76 -11.50 7.50 -7.42
CA ASP A 76 -11.95 8.52 -6.47
C ASP A 76 -10.79 9.19 -5.72
N TRP A 77 -9.85 8.41 -5.22
CA TRP A 77 -8.74 8.98 -4.43
C TRP A 77 -7.51 9.35 -5.27
N PHE A 78 -7.35 8.79 -6.46
CA PHE A 78 -6.21 9.14 -7.30
C PHE A 78 -6.51 10.37 -8.13
N VAL A 79 -5.61 11.36 -8.05
CA VAL A 79 -5.75 12.62 -8.77
C VAL A 79 -4.53 12.84 -9.66
N SER A 80 -4.67 13.55 -10.78
CA SER A 80 -3.52 13.79 -11.66
C SER A 80 -3.56 15.21 -12.21
N GLU A 81 -2.39 15.85 -12.27
CA GLU A 81 -2.28 17.22 -12.77
C GLU A 81 -0.91 17.46 -13.39
N MET A 1 5.01 -1.92 13.33
CA MET A 1 4.85 -2.79 12.13
C MET A 1 5.43 -2.09 10.91
N ARG A 2 6.03 -2.87 10.00
CA ARG A 2 6.58 -2.31 8.77
C ARG A 2 5.92 -2.99 7.57
N ILE A 3 5.48 -2.18 6.61
CA ILE A 3 4.81 -2.69 5.42
C ILE A 3 5.61 -2.29 4.17
N GLU A 4 6.00 -3.28 3.37
CA GLU A 4 6.75 -3.01 2.15
C GLU A 4 6.01 -3.57 0.93
N VAL A 5 5.81 -2.72 -0.07
CA VAL A 5 5.10 -3.12 -1.29
C VAL A 5 5.99 -2.97 -2.53
N THR A 6 6.01 -4.00 -3.37
CA THR A 6 6.81 -3.97 -4.60
C THR A 6 5.90 -4.15 -5.81
N ILE A 7 6.16 -3.35 -6.83
CA ILE A 7 5.39 -3.38 -8.08
C ILE A 7 6.31 -3.79 -9.24
N ALA A 8 5.86 -4.72 -10.07
CA ALA A 8 6.66 -5.17 -11.20
C ALA A 8 6.87 -4.03 -12.18
N LYS A 9 8.14 -3.87 -12.54
CA LYS A 9 8.57 -2.84 -13.46
C LYS A 9 7.88 -2.98 -14.81
N THR A 10 7.47 -4.21 -15.13
CA THR A 10 6.79 -4.48 -16.39
C THR A 10 5.46 -3.72 -16.41
N SER A 11 5.06 -3.20 -15.25
CA SER A 11 3.81 -2.43 -15.13
C SER A 11 4.10 -1.02 -14.62
N PRO A 12 4.51 -0.11 -15.48
CA PRO A 12 4.82 1.28 -15.09
C PRO A 12 3.57 2.13 -14.80
N LEU A 13 3.61 2.86 -13.69
CA LEU A 13 2.51 3.75 -13.30
C LEU A 13 2.95 5.19 -13.56
N PRO A 14 2.06 6.08 -13.93
CA PRO A 14 2.46 7.49 -14.22
C PRO A 14 3.39 8.07 -13.16
N ALA A 15 4.24 8.98 -13.64
CA ALA A 15 5.25 9.65 -12.81
C ALA A 15 4.65 10.39 -11.61
N GLY A 16 3.82 9.71 -10.83
CA GLY A 16 3.19 10.34 -9.67
C GLY A 16 2.35 9.35 -8.88
N ALA A 17 2.04 8.24 -9.55
CA ALA A 17 1.20 7.21 -8.97
C ALA A 17 1.81 6.44 -7.79
N ILE A 18 3.07 6.03 -7.89
CA ILE A 18 3.66 5.27 -6.79
C ILE A 18 3.65 6.11 -5.51
N ASP A 19 4.13 7.35 -5.61
CA ASP A 19 4.15 8.22 -4.44
C ASP A 19 2.72 8.42 -3.94
N ALA A 20 1.77 8.56 -4.86
CA ALA A 20 0.39 8.74 -4.45
C ALA A 20 -0.11 7.49 -3.73
N LEU A 21 0.26 6.32 -4.25
CA LEU A 21 -0.14 5.06 -3.66
C LEU A 21 0.38 4.91 -2.24
N ALA A 22 1.67 5.20 -2.07
CA ALA A 22 2.30 5.10 -0.75
C ALA A 22 1.61 6.04 0.23
N GLY A 23 1.26 7.23 -0.21
CA GLY A 23 0.57 8.17 0.67
C GLY A 23 -0.83 7.68 1.02
N GLU A 24 -1.57 7.16 0.05
CA GLU A 24 -2.92 6.69 0.34
C GLU A 24 -2.86 5.49 1.29
N LEU A 25 -1.89 4.60 1.08
CA LEU A 25 -1.78 3.41 1.93
C LEU A 25 -1.42 3.75 3.37
N SER A 26 -0.51 4.70 3.57
CA SER A 26 -0.11 5.07 4.93
C SER A 26 -1.28 5.63 5.73
N ARG A 27 -2.06 6.53 5.13
CA ARG A 27 -3.19 7.09 5.86
C ARG A 27 -4.15 5.97 6.27
N ARG A 28 -4.34 5.00 5.36
CA ARG A 28 -5.22 3.88 5.66
C ARG A 28 -4.69 3.03 6.81
N ILE A 29 -3.37 2.84 6.83
CA ILE A 29 -2.74 2.05 7.87
C ILE A 29 -2.88 2.72 9.23
N GLN A 30 -2.64 4.02 9.27
CA GLN A 30 -2.76 4.77 10.52
C GLN A 30 -4.17 4.73 11.06
N TYR A 31 -5.20 4.83 10.20
CA TYR A 31 -6.57 4.78 10.70
C TYR A 31 -6.88 3.40 11.27
N ALA A 32 -6.40 2.36 10.60
CA ALA A 32 -6.66 0.98 11.07
C ALA A 32 -5.88 0.67 12.34
N PHE A 33 -4.66 1.20 12.43
CA PHE A 33 -3.78 0.96 13.57
C PHE A 33 -3.42 2.27 14.27
N PRO A 34 -4.24 2.73 15.19
CA PRO A 34 -3.98 4.00 15.93
C PRO A 34 -2.86 3.87 16.98
N ASP A 35 -2.70 2.66 17.49
CA ASP A 35 -1.73 2.38 18.55
C ASP A 35 -0.36 1.93 18.04
N ASN A 36 -0.19 1.66 16.74
CA ASN A 36 1.11 1.17 16.24
C ASN A 36 1.65 2.01 15.10
N GLU A 37 2.89 2.45 15.17
CA GLU A 37 3.49 3.20 14.08
C GLU A 37 3.55 2.35 12.81
N GLY A 38 2.95 2.85 11.73
CA GLY A 38 2.99 2.11 10.46
C GLY A 38 3.85 2.82 9.42
N HIS A 39 4.84 2.14 8.84
CA HIS A 39 5.69 2.77 7.82
C HIS A 39 5.50 2.02 6.49
N VAL A 40 5.13 2.73 5.44
CA VAL A 40 4.88 2.11 4.14
C VAL A 40 5.88 2.56 3.09
N SER A 41 6.47 1.58 2.39
CA SER A 41 7.43 1.87 1.32
C SER A 41 7.01 1.20 0.03
N VAL A 42 7.21 1.88 -1.09
CA VAL A 42 6.85 1.34 -2.40
C VAL A 42 8.02 1.48 -3.37
N ARG A 43 8.40 0.38 -4.04
CA ARG A 43 9.51 0.42 -4.99
C ARG A 43 9.29 -0.58 -6.13
N TYR A 44 9.99 -0.38 -7.24
CA TYR A 44 9.88 -1.29 -8.38
C TYR A 44 10.81 -2.47 -8.14
N ALA A 45 10.33 -3.67 -8.50
CA ALA A 45 11.11 -4.89 -8.34
C ALA A 45 10.84 -5.81 -9.53
N ALA A 46 11.65 -6.85 -9.69
CA ALA A 46 11.44 -7.77 -10.80
C ALA A 46 10.05 -8.38 -10.71
N ALA A 47 9.48 -8.49 -9.50
CA ALA A 47 8.15 -9.10 -9.34
C ALA A 47 7.28 -8.36 -8.30
N ASN A 48 5.96 -8.46 -8.47
CA ASN A 48 5.03 -7.86 -7.52
C ASN A 48 5.03 -8.70 -6.23
N ASN A 49 5.19 -8.05 -5.07
CA ASN A 49 5.19 -8.76 -3.79
C ASN A 49 4.73 -7.85 -2.65
N LEU A 50 4.13 -8.45 -1.62
CA LEU A 50 3.66 -7.71 -0.44
C LEU A 50 4.28 -8.38 0.79
N SER A 51 5.02 -7.62 1.61
CA SER A 51 5.63 -8.18 2.82
C SER A 51 5.18 -7.39 4.05
N VAL A 52 4.71 -8.09 5.08
CA VAL A 52 4.30 -7.45 6.33
C VAL A 52 5.10 -8.05 7.49
N ILE A 53 5.76 -7.19 8.27
CA ILE A 53 6.56 -7.66 9.42
C ILE A 53 6.05 -7.06 10.72
N GLY A 54 5.84 -7.92 11.72
CA GLY A 54 5.38 -7.45 13.04
C GLY A 54 3.85 -7.48 13.17
N ALA A 55 3.16 -8.21 12.29
CA ALA A 55 1.69 -8.27 12.34
C ALA A 55 1.16 -9.69 12.49
N THR A 56 -0.09 -9.78 12.92
CA THR A 56 -0.81 -11.03 13.10
C THR A 56 -1.52 -11.42 11.81
N LYS A 57 -1.82 -12.71 11.67
CA LYS A 57 -2.44 -13.21 10.45
C LYS A 57 -3.79 -12.52 10.18
N GLU A 58 -4.58 -12.26 11.21
CA GLU A 58 -5.86 -11.57 11.01
C GLU A 58 -5.61 -10.15 10.53
N ASP A 59 -4.56 -9.53 11.07
CA ASP A 59 -4.21 -8.17 10.68
C ASP A 59 -3.81 -8.18 9.22
N LYS A 60 -3.02 -9.17 8.86
CA LYS A 60 -2.55 -9.31 7.48
C LYS A 60 -3.72 -9.50 6.53
N GLN A 61 -4.73 -10.28 6.90
CA GLN A 61 -5.88 -10.45 6.00
C GLN A 61 -6.59 -9.10 5.85
N ARG A 62 -6.75 -8.37 6.95
CA ARG A 62 -7.43 -7.08 6.89
C ARG A 62 -6.66 -6.16 5.96
N ILE A 63 -5.35 -6.12 6.11
CA ILE A 63 -4.54 -5.26 5.26
C ILE A 63 -4.71 -5.65 3.80
N SER A 64 -4.72 -6.93 3.51
CA SER A 64 -4.93 -7.36 2.13
C SER A 64 -6.28 -6.82 1.69
N GLU A 65 -7.31 -6.94 2.54
CA GLU A 65 -8.62 -6.45 2.19
C GLU A 65 -8.56 -4.95 1.93
N ILE A 66 -7.84 -4.22 2.79
CA ILE A 66 -7.72 -2.77 2.62
C ILE A 66 -7.06 -2.44 1.28
N LEU A 67 -5.99 -3.16 0.96
CA LEU A 67 -5.30 -2.93 -0.28
C LEU A 67 -6.24 -3.16 -1.44
N GLN A 68 -7.03 -4.22 -1.35
CA GLN A 68 -7.98 -4.51 -2.39
C GLN A 68 -8.98 -3.36 -2.54
N GLU A 69 -9.59 -2.93 -1.43
CA GLU A 69 -10.59 -1.86 -1.50
C GLU A 69 -10.01 -0.55 -2.04
N THR A 70 -8.84 -0.15 -1.56
CA THR A 70 -8.23 1.10 -2.03
C THR A 70 -8.00 1.01 -3.54
N TRP A 71 -7.41 -0.11 -3.92
CA TRP A 71 -7.10 -0.39 -5.30
C TRP A 71 -8.37 -0.33 -6.13
N GLU A 72 -9.48 -0.83 -5.59
CA GLU A 72 -10.76 -0.83 -6.30
C GLU A 72 -11.41 0.56 -6.32
N SER A 73 -10.99 1.49 -5.44
CA SER A 73 -11.61 2.83 -5.42
C SER A 73 -10.66 3.87 -5.99
N ALA A 74 -9.73 3.41 -6.82
CA ALA A 74 -8.70 4.28 -7.41
C ALA A 74 -9.20 5.53 -8.13
N ASP A 75 -10.34 5.43 -8.80
CA ASP A 75 -10.87 6.59 -9.53
C ASP A 75 -11.29 7.73 -8.60
N ASP A 76 -11.52 7.44 -7.33
CA ASP A 76 -11.97 8.46 -6.37
C ASP A 76 -10.80 9.12 -5.61
N TRP A 77 -9.87 8.33 -5.10
CA TRP A 77 -8.76 8.91 -4.30
C TRP A 77 -7.54 9.30 -5.14
N PHE A 78 -7.39 8.76 -6.34
CA PHE A 78 -6.23 9.12 -7.17
C PHE A 78 -6.55 10.34 -8.03
N VAL A 79 -5.69 11.34 -7.94
CA VAL A 79 -5.84 12.58 -8.69
C VAL A 79 -4.60 12.78 -9.55
N SER A 80 -4.76 13.24 -10.80
CA SER A 80 -3.60 13.45 -11.68
C SER A 80 -3.58 14.87 -12.21
N GLU A 81 -2.38 15.44 -12.27
CA GLU A 81 -2.21 16.82 -12.76
C GLU A 81 -2.76 16.95 -14.17
N MET A 1 5.38 -1.92 13.52
CA MET A 1 5.10 -2.79 12.35
C MET A 1 5.60 -2.12 11.09
N ARG A 2 6.15 -2.90 10.15
CA ARG A 2 6.66 -2.34 8.89
C ARG A 2 5.98 -3.03 7.71
N ILE A 3 5.51 -2.23 6.76
CA ILE A 3 4.83 -2.75 5.57
C ILE A 3 5.58 -2.36 4.30
N GLU A 4 5.95 -3.34 3.48
CA GLU A 4 6.66 -3.07 2.22
C GLU A 4 5.92 -3.63 1.02
N VAL A 5 5.73 -2.78 0.01
CA VAL A 5 5.02 -3.17 -1.21
C VAL A 5 5.92 -3.03 -2.45
N THR A 6 5.93 -4.07 -3.29
CA THR A 6 6.75 -4.06 -4.52
C THR A 6 5.84 -4.22 -5.73
N ILE A 7 6.09 -3.39 -6.73
CA ILE A 7 5.33 -3.42 -7.98
C ILE A 7 6.23 -3.84 -9.13
N ALA A 8 5.76 -4.79 -9.94
CA ALA A 8 6.56 -5.27 -11.06
C ALA A 8 6.74 -4.15 -12.08
N LYS A 9 8.00 -4.00 -12.48
CA LYS A 9 8.41 -2.98 -13.42
C LYS A 9 7.68 -3.13 -14.77
N THR A 10 7.25 -4.34 -15.09
CA THR A 10 6.52 -4.58 -16.35
C THR A 10 5.21 -3.81 -16.34
N SER A 11 4.84 -3.28 -15.17
CA SER A 11 3.60 -2.51 -15.03
C SER A 11 3.90 -1.11 -14.51
N PRO A 12 4.31 -0.21 -15.38
CA PRO A 12 4.64 1.19 -15.00
C PRO A 12 3.41 2.05 -14.69
N LEU A 13 3.48 2.79 -13.58
CA LEU A 13 2.40 3.69 -13.18
C LEU A 13 2.86 5.13 -13.44
N PRO A 14 1.97 6.04 -13.77
CA PRO A 14 2.38 7.44 -14.08
C PRO A 14 3.34 8.01 -13.02
N ALA A 15 4.21 8.90 -13.51
CA ALA A 15 5.24 9.55 -12.69
C ALA A 15 4.66 10.31 -11.49
N GLY A 16 3.81 9.65 -10.72
CA GLY A 16 3.21 10.29 -9.55
C GLY A 16 2.34 9.32 -8.77
N ALA A 17 1.98 8.23 -9.44
CA ALA A 17 1.11 7.23 -8.84
C ALA A 17 1.71 6.46 -7.68
N ILE A 18 2.96 6.03 -7.80
CA ILE A 18 3.56 5.27 -6.71
C ILE A 18 3.59 6.12 -5.43
N ASP A 19 4.08 7.34 -5.55
CA ASP A 19 4.13 8.22 -4.38
C ASP A 19 2.71 8.42 -3.88
N ALA A 20 1.75 8.58 -4.80
CA ALA A 20 0.37 8.77 -4.39
C ALA A 20 -0.15 7.53 -3.67
N LEU A 21 0.19 6.36 -4.21
CA LEU A 21 -0.22 5.09 -3.63
C LEU A 21 0.31 4.91 -2.21
N ALA A 22 1.60 5.17 -2.04
CA ALA A 22 2.23 5.04 -0.74
C ALA A 22 1.55 5.98 0.25
N GLY A 23 1.20 7.18 -0.19
CA GLY A 23 0.52 8.13 0.67
C GLY A 23 -0.88 7.66 1.04
N GLU A 24 -1.65 7.18 0.07
CA GLU A 24 -3.00 6.72 0.38
C GLU A 24 -2.95 5.52 1.32
N LEU A 25 -2.04 4.59 1.06
CA LEU A 25 -1.93 3.40 1.91
C LEU A 25 -1.57 3.76 3.34
N SER A 26 -0.64 4.69 3.51
CA SER A 26 -0.23 5.08 4.86
C SER A 26 -1.40 5.63 5.68
N ARG A 27 -2.19 6.51 5.08
CA ARG A 27 -3.33 7.07 5.79
C ARG A 27 -4.29 5.96 6.22
N ARG A 28 -4.52 5.00 5.33
CA ARG A 28 -5.42 3.89 5.66
C ARG A 28 -4.88 3.05 6.82
N ILE A 29 -3.56 2.84 6.83
CA ILE A 29 -2.92 2.06 7.88
C ILE A 29 -3.03 2.74 9.24
N GLN A 30 -2.76 4.03 9.27
CA GLN A 30 -2.84 4.80 10.50
C GLN A 30 -4.25 4.77 11.06
N TYR A 31 -5.27 4.93 10.23
CA TYR A 31 -6.64 4.90 10.72
C TYR A 31 -6.97 3.51 11.27
N ALA A 32 -6.51 2.47 10.59
CA ALA A 32 -6.77 1.10 11.02
C ALA A 32 -5.99 0.75 12.29
N PHE A 33 -4.77 1.27 12.39
CA PHE A 33 -3.89 1.00 13.54
C PHE A 33 -3.54 2.29 14.26
N PRO A 34 -4.34 2.72 15.20
CA PRO A 34 -4.10 3.98 15.96
C PRO A 34 -2.97 3.86 17.00
N ASP A 35 -2.79 2.64 17.51
CA ASP A 35 -1.80 2.39 18.56
C ASP A 35 -0.45 1.89 18.03
N ASN A 36 -0.31 1.62 16.72
CA ASN A 36 0.98 1.09 16.20
C ASN A 36 1.51 1.91 15.03
N GLU A 37 2.77 2.33 15.08
CA GLU A 37 3.35 3.09 13.99
C GLU A 37 3.39 2.25 12.71
N GLY A 38 2.80 2.76 11.64
CA GLY A 38 2.82 2.06 10.35
C GLY A 38 3.71 2.76 9.33
N HIS A 39 4.72 2.09 8.77
CA HIS A 39 5.57 2.73 7.76
C HIS A 39 5.39 1.99 6.45
N VAL A 40 5.03 2.71 5.38
CA VAL A 40 4.78 2.07 4.09
C VAL A 40 5.81 2.52 3.06
N SER A 41 6.41 1.54 2.39
CA SER A 41 7.39 1.84 1.34
C SER A 41 6.97 1.16 0.05
N VAL A 42 7.14 1.87 -1.06
CA VAL A 42 6.78 1.32 -2.37
C VAL A 42 7.94 1.50 -3.35
N ARG A 43 8.31 0.40 -4.02
CA ARG A 43 9.43 0.44 -4.97
C ARG A 43 9.23 -0.59 -6.08
N TYR A 44 9.93 -0.40 -7.20
CA TYR A 44 9.83 -1.34 -8.31
C TYR A 44 10.76 -2.53 -8.07
N ALA A 45 10.28 -3.72 -8.41
CA ALA A 45 11.06 -4.95 -8.25
C ALA A 45 10.80 -5.87 -9.44
N ALA A 46 11.60 -6.90 -9.60
CA ALA A 46 11.41 -7.82 -10.72
C ALA A 46 10.01 -8.45 -10.65
N ALA A 47 9.45 -8.57 -9.44
CA ALA A 47 8.13 -9.20 -9.28
C ALA A 47 7.26 -8.47 -8.26
N ASN A 48 5.94 -8.54 -8.45
CA ASN A 48 5.00 -7.94 -7.51
C ASN A 48 5.06 -8.76 -6.22
N ASN A 49 5.26 -8.11 -5.08
CA ASN A 49 5.32 -8.82 -3.80
C ASN A 49 4.86 -7.92 -2.66
N LEU A 50 4.27 -8.52 -1.63
CA LEU A 50 3.80 -7.78 -0.44
C LEU A 50 4.43 -8.46 0.77
N SER A 51 5.20 -7.71 1.57
CA SER A 51 5.84 -8.26 2.76
C SER A 51 5.41 -7.47 4.00
N VAL A 52 4.96 -8.18 5.05
CA VAL A 52 4.55 -7.53 6.29
C VAL A 52 5.36 -8.13 7.45
N ILE A 53 6.01 -7.28 8.23
CA ILE A 53 6.81 -7.74 9.37
C ILE A 53 6.30 -7.14 10.68
N GLY A 54 6.08 -8.00 11.69
CA GLY A 54 5.63 -7.52 13.00
C GLY A 54 4.10 -7.54 13.13
N ALA A 55 3.42 -8.29 12.24
CA ALA A 55 1.94 -8.34 12.28
C ALA A 55 1.43 -9.77 12.41
N THR A 56 0.16 -9.87 12.82
CA THR A 56 -0.57 -11.12 12.97
C THR A 56 -1.34 -11.44 11.70
N LYS A 57 -1.70 -12.71 11.58
CA LYS A 57 -2.42 -13.19 10.41
C LYS A 57 -3.72 -12.44 10.16
N GLU A 58 -4.47 -12.10 11.21
CA GLU A 58 -5.72 -11.36 11.01
C GLU A 58 -5.44 -9.95 10.52
N ASP A 59 -4.37 -9.33 11.05
CA ASP A 59 -4.01 -7.99 10.63
C ASP A 59 -3.64 -8.02 9.15
N LYS A 60 -2.88 -9.04 8.78
CA LYS A 60 -2.44 -9.18 7.39
C LYS A 60 -3.62 -9.39 6.45
N GLN A 61 -4.61 -10.19 6.84
CA GLN A 61 -5.77 -10.38 5.96
C GLN A 61 -6.46 -9.04 5.80
N ARG A 62 -6.61 -8.31 6.90
CA ARG A 62 -7.28 -7.01 6.84
C ARG A 62 -6.52 -6.08 5.89
N ILE A 63 -5.20 -6.04 6.03
CA ILE A 63 -4.38 -5.19 5.17
C ILE A 63 -4.57 -5.56 3.70
N SER A 64 -4.58 -6.85 3.41
CA SER A 64 -4.79 -7.27 2.02
C SER A 64 -6.15 -6.74 1.59
N GLU A 65 -7.18 -6.86 2.44
CA GLU A 65 -8.51 -6.37 2.07
C GLU A 65 -8.45 -4.86 1.80
N ILE A 66 -7.73 -4.14 2.65
CA ILE A 66 -7.59 -2.69 2.47
C ILE A 66 -6.94 -2.38 1.13
N LEU A 67 -5.88 -3.10 0.82
CA LEU A 67 -5.19 -2.88 -0.43
C LEU A 67 -6.15 -3.14 -1.58
N GLN A 68 -6.93 -4.19 -1.46
CA GLN A 68 -7.90 -4.49 -2.50
C GLN A 68 -8.89 -3.34 -2.65
N GLU A 69 -9.50 -2.89 -1.54
CA GLU A 69 -10.47 -1.80 -1.61
C GLU A 69 -9.89 -0.50 -2.14
N THR A 70 -8.70 -0.12 -1.67
CA THR A 70 -8.08 1.13 -2.12
C THR A 70 -7.85 1.06 -3.62
N TRP A 71 -7.28 -0.06 -4.02
CA TRP A 71 -6.98 -0.32 -5.41
C TRP A 71 -8.25 -0.25 -6.23
N GLU A 72 -9.36 -0.74 -5.70
CA GLU A 72 -10.64 -0.72 -6.42
C GLU A 72 -11.30 0.67 -6.42
N SER A 73 -10.90 1.58 -5.53
CA SER A 73 -11.53 2.91 -5.49
C SER A 73 -10.59 3.97 -6.05
N ALA A 74 -9.65 3.52 -6.86
CA ALA A 74 -8.63 4.38 -7.44
C ALA A 74 -9.14 5.63 -8.16
N ASP A 75 -10.31 5.55 -8.78
CA ASP A 75 -10.84 6.70 -9.52
C ASP A 75 -11.27 7.85 -8.59
N ASP A 76 -11.50 7.56 -7.31
CA ASP A 76 -11.94 8.59 -6.36
C ASP A 76 -10.79 9.27 -5.62
N TRP A 77 -9.83 8.49 -5.12
CA TRP A 77 -8.72 9.08 -4.36
C TRP A 77 -7.51 9.48 -5.21
N PHE A 78 -7.39 8.96 -6.42
CA PHE A 78 -6.25 9.35 -7.28
C PHE A 78 -6.61 10.56 -8.12
N VAL A 79 -5.81 11.62 -8.00
CA VAL A 79 -6.03 12.86 -8.72
C VAL A 79 -4.78 13.21 -9.53
N SER A 80 -4.94 13.63 -10.80
CA SER A 80 -3.77 13.98 -11.62
C SER A 80 -3.89 15.40 -12.13
N GLU A 81 -2.78 16.12 -12.11
CA GLU A 81 -2.75 17.50 -12.58
C GLU A 81 -1.31 17.97 -12.79
N MET A 1 5.37 -1.78 13.53
CA MET A 1 5.04 -2.67 12.37
C MET A 1 5.51 -1.99 11.08
N ARG A 2 6.01 -2.79 10.13
CA ARG A 2 6.49 -2.24 8.86
C ARG A 2 5.82 -2.95 7.68
N ILE A 3 5.35 -2.15 6.71
CA ILE A 3 4.67 -2.68 5.52
C ILE A 3 5.44 -2.30 4.25
N GLU A 4 5.78 -3.30 3.43
CA GLU A 4 6.51 -3.03 2.18
C GLU A 4 5.77 -3.60 0.97
N VAL A 5 5.57 -2.74 -0.04
CA VAL A 5 4.87 -3.14 -1.27
C VAL A 5 5.76 -3.00 -2.49
N THR A 6 5.80 -4.04 -3.33
CA THR A 6 6.60 -4.03 -4.56
C THR A 6 5.71 -4.21 -5.78
N ILE A 7 5.98 -3.42 -6.80
CA ILE A 7 5.23 -3.46 -8.05
C ILE A 7 6.17 -3.87 -9.20
N ALA A 8 5.72 -4.81 -10.02
CA ALA A 8 6.52 -5.28 -11.15
C ALA A 8 6.72 -4.17 -12.18
N LYS A 9 7.97 -4.07 -12.58
CA LYS A 9 8.40 -3.07 -13.55
C LYS A 9 7.66 -3.24 -14.88
N THR A 10 7.20 -4.47 -15.17
CA THR A 10 6.46 -4.72 -16.40
C THR A 10 5.19 -3.88 -16.40
N SER A 11 4.87 -3.26 -15.27
CA SER A 11 3.66 -2.42 -15.17
C SER A 11 4.01 -1.02 -14.68
N PRO A 12 4.50 -0.16 -15.56
CA PRO A 12 4.87 1.24 -15.21
C PRO A 12 3.67 2.13 -14.94
N LEU A 13 3.74 2.90 -13.85
CA LEU A 13 2.67 3.81 -13.45
C LEU A 13 3.13 5.27 -13.63
N PRO A 14 2.25 6.19 -13.95
CA PRO A 14 2.63 7.61 -14.18
C PRO A 14 3.51 8.19 -13.06
N ALA A 15 4.34 9.15 -13.47
CA ALA A 15 5.29 9.83 -12.57
C ALA A 15 4.61 10.51 -11.38
N GLY A 16 3.81 9.77 -10.61
CA GLY A 16 3.11 10.34 -9.45
C GLY A 16 2.37 9.26 -8.70
N ALA A 17 2.21 8.12 -9.37
CA ALA A 17 1.49 6.98 -8.83
C ALA A 17 2.16 6.33 -7.61
N ILE A 18 3.45 6.07 -7.66
CA ILE A 18 4.09 5.40 -6.53
C ILE A 18 3.94 6.24 -5.26
N ASP A 19 4.29 7.51 -5.38
CA ASP A 19 4.20 8.40 -4.23
C ASP A 19 2.75 8.53 -3.77
N ALA A 20 1.80 8.61 -4.70
CA ALA A 20 0.42 8.74 -4.30
C ALA A 20 -0.07 7.49 -3.56
N LEU A 21 0.33 6.33 -4.07
CA LEU A 21 -0.05 5.06 -3.48
C LEU A 21 0.45 4.92 -2.04
N ALA A 22 1.72 5.22 -1.85
CA ALA A 22 2.34 5.13 -0.53
C ALA A 22 1.63 6.08 0.45
N GLY A 23 1.26 7.26 0.00
CA GLY A 23 0.58 8.22 0.87
C GLY A 23 -0.83 7.76 1.25
N GLU A 24 -1.62 7.28 0.29
CA GLU A 24 -2.97 6.84 0.63
C GLU A 24 -2.91 5.67 1.61
N LEU A 25 -1.98 4.75 1.37
CA LEU A 25 -1.86 3.57 2.23
C LEU A 25 -1.46 3.94 3.65
N SER A 26 -0.53 4.85 3.81
CA SER A 26 -0.08 5.25 5.15
C SER A 26 -1.22 5.82 5.97
N ARG A 27 -2.00 6.73 5.39
CA ARG A 27 -3.11 7.33 6.12
C ARG A 27 -4.10 6.25 6.55
N ARG A 28 -4.35 5.28 5.67
CA ARG A 28 -5.28 4.20 6.00
C ARG A 28 -4.76 3.35 7.16
N ILE A 29 -3.46 3.08 7.15
CA ILE A 29 -2.83 2.28 8.19
C ILE A 29 -2.91 2.97 9.56
N GLN A 30 -2.59 4.25 9.58
CA GLN A 30 -2.64 5.01 10.82
C GLN A 30 -4.05 5.01 11.40
N TYR A 31 -5.08 5.17 10.56
CA TYR A 31 -6.45 5.17 11.06
C TYR A 31 -6.79 3.79 11.64
N ALA A 32 -6.33 2.75 10.96
CA ALA A 32 -6.60 1.38 11.40
C ALA A 32 -5.82 1.02 12.66
N PHE A 33 -4.61 1.55 12.77
CA PHE A 33 -3.74 1.28 13.92
C PHE A 33 -3.35 2.57 14.64
N PRO A 34 -4.15 3.04 15.57
CA PRO A 34 -3.88 4.29 16.31
C PRO A 34 -2.75 4.16 17.35
N ASP A 35 -2.57 2.92 17.83
CA ASP A 35 -1.59 2.63 18.88
C ASP A 35 -0.23 2.16 18.36
N ASN A 36 -0.08 1.86 17.06
CA ASN A 36 1.21 1.33 16.54
C ASN A 36 1.74 2.14 15.36
N GLU A 37 3.01 2.55 15.39
CA GLU A 37 3.58 3.29 14.28
C GLU A 37 3.61 2.42 13.01
N GLY A 38 3.01 2.91 11.93
CA GLY A 38 3.03 2.16 10.67
C GLY A 38 3.89 2.85 9.61
N HIS A 39 4.86 2.15 9.00
CA HIS A 39 5.68 2.77 7.95
C HIS A 39 5.46 2.03 6.64
N VAL A 40 5.07 2.74 5.58
CA VAL A 40 4.79 2.10 4.31
C VAL A 40 5.78 2.53 3.23
N SER A 41 6.35 1.55 2.54
CA SER A 41 7.30 1.83 1.46
C SER A 41 6.83 1.17 0.17
N VAL A 42 6.99 1.89 -0.95
CA VAL A 42 6.58 1.37 -2.26
C VAL A 42 7.74 1.54 -3.24
N ARG A 43 8.10 0.45 -3.93
CA ARG A 43 9.21 0.50 -4.89
C ARG A 43 9.02 -0.51 -6.02
N TYR A 44 9.72 -0.26 -7.13
CA TYR A 44 9.68 -1.15 -8.28
C TYR A 44 10.61 -2.34 -8.04
N ALA A 45 10.13 -3.54 -8.39
CA ALA A 45 10.90 -4.77 -8.23
C ALA A 45 10.65 -5.67 -9.44
N ALA A 46 11.46 -6.71 -9.61
CA ALA A 46 11.28 -7.61 -10.75
C ALA A 46 9.89 -8.27 -10.71
N ALA A 47 9.32 -8.42 -9.52
CA ALA A 47 8.01 -9.08 -9.40
C ALA A 47 7.10 -8.41 -8.38
N ASN A 48 5.79 -8.58 -8.59
CA ASN A 48 4.80 -8.02 -7.66
C ASN A 48 4.82 -8.88 -6.39
N ASN A 49 5.02 -8.23 -5.24
CA ASN A 49 5.06 -8.94 -3.96
C ASN A 49 4.60 -8.01 -2.84
N LEU A 50 4.01 -8.59 -1.79
CA LEU A 50 3.55 -7.83 -0.63
C LEU A 50 4.17 -8.49 0.60
N SER A 51 4.93 -7.73 1.40
CA SER A 51 5.55 -8.28 2.61
C SER A 51 5.12 -7.50 3.85
N VAL A 52 4.67 -8.20 4.89
CA VAL A 52 4.26 -7.55 6.14
C VAL A 52 5.09 -8.14 7.29
N ILE A 53 5.76 -7.27 8.05
CA ILE A 53 6.59 -7.72 9.17
C ILE A 53 6.10 -7.11 10.49
N GLY A 54 5.92 -7.96 11.50
CA GLY A 54 5.47 -7.48 12.82
C GLY A 54 3.95 -7.50 12.96
N ALA A 55 3.27 -8.26 12.09
CA ALA A 55 1.79 -8.32 12.14
C ALA A 55 1.29 -9.76 12.28
N THR A 56 0.03 -9.86 12.70
CA THR A 56 -0.69 -11.12 12.87
C THR A 56 -1.41 -11.49 11.58
N LYS A 57 -1.73 -12.78 11.45
CA LYS A 57 -2.39 -13.30 10.25
C LYS A 57 -3.71 -12.58 9.98
N GLU A 58 -4.50 -12.29 11.00
CA GLU A 58 -5.76 -11.59 10.80
C GLU A 58 -5.49 -10.16 10.32
N ASP A 59 -4.44 -9.53 10.85
CA ASP A 59 -4.09 -8.18 10.45
C ASP A 59 -3.70 -8.18 8.98
N LYS A 60 -2.89 -9.17 8.62
CA LYS A 60 -2.43 -9.31 7.24
C LYS A 60 -3.60 -9.53 6.28
N GLN A 61 -4.60 -10.32 6.66
CA GLN A 61 -5.73 -10.51 5.78
C GLN A 61 -6.44 -9.18 5.63
N ARG A 62 -6.61 -8.44 6.73
CA ARG A 62 -7.28 -7.15 6.68
C ARG A 62 -6.51 -6.22 5.75
N ILE A 63 -5.19 -6.22 5.88
CA ILE A 63 -4.36 -5.37 5.03
C ILE A 63 -4.55 -5.75 3.56
N SER A 64 -4.58 -7.04 3.27
CA SER A 64 -4.81 -7.47 1.90
C SER A 64 -6.17 -6.95 1.48
N GLU A 65 -7.19 -7.04 2.35
CA GLU A 65 -8.51 -6.55 1.99
C GLU A 65 -8.44 -5.04 1.72
N ILE A 66 -7.70 -4.32 2.55
CA ILE A 66 -7.56 -2.88 2.38
C ILE A 66 -6.92 -2.56 1.03
N LEU A 67 -5.85 -3.26 0.71
CA LEU A 67 -5.17 -3.04 -0.53
C LEU A 67 -6.13 -3.30 -1.68
N GLN A 68 -6.95 -4.33 -1.55
CA GLN A 68 -7.91 -4.62 -2.59
C GLN A 68 -8.92 -3.49 -2.74
N GLU A 69 -9.55 -3.07 -1.64
CA GLU A 69 -10.57 -2.01 -1.71
C GLU A 69 -9.99 -0.70 -2.26
N THR A 70 -8.81 -0.29 -1.79
CA THR A 70 -8.21 0.95 -2.27
C THR A 70 -7.98 0.85 -3.76
N TRP A 71 -7.43 -0.28 -4.16
CA TRP A 71 -7.11 -0.55 -5.54
C TRP A 71 -8.39 -0.50 -6.38
N GLU A 72 -9.49 -1.02 -5.85
CA GLU A 72 -10.76 -1.02 -6.58
C GLU A 72 -11.41 0.37 -6.62
N SER A 73 -10.99 1.31 -5.74
CA SER A 73 -11.59 2.64 -5.73
C SER A 73 -10.65 3.68 -6.32
N ALA A 74 -9.71 3.21 -7.14
CA ALA A 74 -8.69 4.06 -7.73
C ALA A 74 -9.19 5.31 -8.47
N ASP A 75 -10.33 5.21 -9.12
CA ASP A 75 -10.87 6.36 -9.86
C ASP A 75 -11.29 7.50 -8.94
N ASP A 76 -11.53 7.20 -7.65
CA ASP A 76 -11.97 8.23 -6.70
C ASP A 76 -10.80 8.89 -5.96
N TRP A 77 -9.85 8.10 -5.46
CA TRP A 77 -8.74 8.68 -4.67
C TRP A 77 -7.51 9.06 -5.50
N PHE A 78 -7.35 8.52 -6.70
CA PHE A 78 -6.18 8.87 -7.52
C PHE A 78 -6.50 10.09 -8.39
N VAL A 79 -5.62 11.09 -8.31
CA VAL A 79 -5.78 12.34 -9.06
C VAL A 79 -4.53 12.60 -9.91
N SER A 80 -4.68 13.19 -11.09
CA SER A 80 -3.52 13.49 -11.95
C SER A 80 -3.58 14.93 -12.45
N GLU A 81 -2.41 15.58 -12.47
CA GLU A 81 -2.31 16.96 -12.92
C GLU A 81 -2.73 17.09 -14.38
N MET A 1 4.95 -1.90 13.56
CA MET A 1 4.79 -2.75 12.34
C MET A 1 5.40 -2.04 11.14
N ARG A 2 6.01 -2.81 10.24
CA ARG A 2 6.59 -2.25 9.02
C ARG A 2 5.95 -2.92 7.81
N ILE A 3 5.49 -2.10 6.86
CA ILE A 3 4.82 -2.62 5.67
C ILE A 3 5.57 -2.23 4.41
N GLU A 4 5.91 -3.23 3.58
CA GLU A 4 6.64 -2.96 2.33
C GLU A 4 5.88 -3.51 1.12
N VAL A 5 5.70 -2.65 0.12
CA VAL A 5 4.97 -3.02 -1.10
C VAL A 5 5.85 -2.89 -2.34
N THR A 6 5.83 -3.91 -3.20
CA THR A 6 6.63 -3.88 -4.44
C THR A 6 5.72 -4.08 -5.64
N ILE A 7 5.98 -3.28 -6.67
CA ILE A 7 5.22 -3.33 -7.91
C ILE A 7 6.12 -3.75 -9.06
N ALA A 8 5.66 -4.69 -9.89
CA ALA A 8 6.46 -5.16 -11.01
C ALA A 8 6.69 -4.04 -12.02
N LYS A 9 7.96 -3.92 -12.38
CA LYS A 9 8.42 -2.92 -13.32
C LYS A 9 7.75 -3.06 -14.68
N THR A 10 7.34 -4.28 -15.02
CA THR A 10 6.66 -4.53 -16.29
C THR A 10 5.35 -3.76 -16.32
N SER A 11 4.96 -3.22 -15.17
CA SER A 11 3.72 -2.44 -15.05
C SER A 11 4.02 -1.03 -14.54
N PRO A 12 4.45 -0.15 -15.40
CA PRO A 12 4.79 1.26 -15.02
C PRO A 12 3.56 2.13 -14.73
N LEU A 13 3.61 2.85 -13.60
CA LEU A 13 2.54 3.76 -13.22
C LEU A 13 3.01 5.19 -13.50
N PRO A 14 2.14 6.10 -13.87
CA PRO A 14 2.56 7.49 -14.21
C PRO A 14 3.54 8.07 -13.17
N ALA A 15 4.44 8.92 -13.68
CA ALA A 15 5.49 9.57 -12.89
C ALA A 15 4.94 10.36 -11.70
N GLY A 16 4.07 9.74 -10.90
CA GLY A 16 3.50 10.42 -9.74
C GLY A 16 2.62 9.49 -8.93
N ALA A 17 2.25 8.38 -9.57
CA ALA A 17 1.34 7.41 -8.97
C ALA A 17 1.93 6.61 -7.80
N ILE A 18 3.19 6.20 -7.90
CA ILE A 18 3.78 5.42 -6.81
C ILE A 18 3.78 6.25 -5.53
N ASP A 19 4.25 7.48 -5.62
CA ASP A 19 4.26 8.36 -4.46
C ASP A 19 2.82 8.54 -3.97
N ALA A 20 1.87 8.64 -4.89
CA ALA A 20 0.48 8.81 -4.49
C ALA A 20 -0.04 7.56 -3.77
N LEU A 21 0.31 6.39 -4.30
CA LEU A 21 -0.10 5.12 -3.71
C LEU A 21 0.42 4.98 -2.28
N ALA A 22 1.70 5.27 -2.10
CA ALA A 22 2.32 5.18 -0.79
C ALA A 22 1.61 6.14 0.18
N GLY A 23 1.25 7.32 -0.28
CA GLY A 23 0.56 8.28 0.57
C GLY A 23 -0.84 7.82 0.95
N GLU A 24 -1.62 7.33 -0.03
CA GLU A 24 -2.97 6.88 0.30
C GLU A 24 -2.92 5.70 1.26
N LEU A 25 -1.96 4.79 1.05
CA LEU A 25 -1.85 3.61 1.91
C LEU A 25 -1.48 3.96 3.36
N SER A 26 -0.53 4.86 3.54
CA SER A 26 -0.10 5.24 4.89
C SER A 26 -1.25 5.81 5.70
N ARG A 27 -2.01 6.71 5.11
CA ARG A 27 -3.13 7.31 5.82
C ARG A 27 -4.12 6.22 6.23
N ARG A 28 -4.37 5.27 5.35
CA ARG A 28 -5.29 4.18 5.66
C ARG A 28 -4.77 3.33 6.81
N ILE A 29 -3.47 3.07 6.82
CA ILE A 29 -2.85 2.25 7.86
C ILE A 29 -2.94 2.94 9.23
N GLN A 30 -2.64 4.23 9.25
CA GLN A 30 -2.71 4.97 10.50
C GLN A 30 -4.12 4.96 11.05
N TYR A 31 -5.14 5.09 10.19
CA TYR A 31 -6.51 5.09 10.69
C TYR A 31 -6.86 3.71 11.25
N ALA A 32 -6.40 2.66 10.59
CA ALA A 32 -6.68 1.29 11.05
C ALA A 32 -5.92 0.96 12.33
N PHE A 33 -4.70 1.48 12.43
CA PHE A 33 -3.84 1.22 13.60
C PHE A 33 -3.48 2.54 14.30
N PRO A 34 -4.29 2.99 15.22
CA PRO A 34 -4.01 4.27 15.96
C PRO A 34 -2.90 4.14 17.00
N ASP A 35 -2.73 2.91 17.51
CA ASP A 35 -1.75 2.63 18.56
C ASP A 35 -0.40 2.13 18.05
N ASN A 36 -0.25 1.84 16.76
CA ASN A 36 1.03 1.30 16.26
C ASN A 36 1.60 2.10 15.10
N GLU A 37 2.85 2.50 15.15
CA GLU A 37 3.45 3.24 14.05
C GLU A 37 3.49 2.37 12.79
N GLY A 38 2.90 2.87 11.72
CA GLY A 38 2.93 2.13 10.44
C GLY A 38 3.81 2.82 9.40
N HIS A 39 4.80 2.12 8.83
CA HIS A 39 5.65 2.75 7.81
C HIS A 39 5.44 2.01 6.49
N VAL A 40 5.05 2.73 5.45
CA VAL A 40 4.77 2.12 4.16
C VAL A 40 5.78 2.56 3.10
N SER A 41 6.35 1.58 2.38
CA SER A 41 7.31 1.87 1.32
C SER A 41 6.87 1.20 0.02
N VAL A 42 7.05 1.93 -1.09
CA VAL A 42 6.68 1.40 -2.41
C VAL A 42 7.85 1.55 -3.37
N ARG A 43 8.23 0.45 -4.03
CA ARG A 43 9.35 0.48 -4.98
C ARG A 43 9.12 -0.50 -6.12
N TYR A 44 9.82 -0.29 -7.23
CA TYR A 44 9.71 -1.19 -8.38
C TYR A 44 10.63 -2.39 -8.16
N ALA A 45 10.14 -3.57 -8.52
CA ALA A 45 10.91 -4.81 -8.38
C ALA A 45 10.65 -5.71 -9.58
N ALA A 46 11.46 -6.76 -9.73
CA ALA A 46 11.27 -7.67 -10.85
C ALA A 46 9.88 -8.30 -10.79
N ALA A 47 9.30 -8.42 -9.59
CA ALA A 47 7.99 -9.06 -9.44
C ALA A 47 7.10 -8.35 -8.43
N ASN A 48 5.78 -8.44 -8.62
CA ASN A 48 4.83 -7.86 -7.68
C ASN A 48 4.86 -8.69 -6.41
N ASN A 49 5.07 -8.05 -5.26
CA ASN A 49 5.11 -8.76 -3.98
C ASN A 49 4.69 -7.84 -2.85
N LEU A 50 4.10 -8.42 -1.80
CA LEU A 50 3.66 -7.66 -0.62
C LEU A 50 4.27 -8.34 0.61
N SER A 51 5.02 -7.60 1.42
CA SER A 51 5.63 -8.16 2.62
C SER A 51 5.22 -7.36 3.86
N VAL A 52 4.77 -8.05 4.91
CA VAL A 52 4.39 -7.39 6.17
C VAL A 52 5.22 -7.95 7.30
N ILE A 53 5.92 -7.06 8.02
CA ILE A 53 6.75 -7.49 9.15
C ILE A 53 6.11 -7.00 10.44
N GLY A 54 5.92 -7.92 11.40
CA GLY A 54 5.32 -7.56 12.67
C GLY A 54 3.80 -7.61 12.59
N ALA A 55 3.19 -8.79 12.53
CA ALA A 55 1.74 -8.84 12.47
C ALA A 55 1.21 -10.26 12.61
N THR A 56 -0.07 -10.31 12.97
CA THR A 56 -0.82 -11.55 13.14
C THR A 56 -1.57 -11.88 11.85
N LYS A 57 -1.92 -13.16 11.70
CA LYS A 57 -2.60 -13.64 10.50
C LYS A 57 -3.90 -12.87 10.22
N GLU A 58 -4.68 -12.56 11.25
CA GLU A 58 -5.91 -11.82 11.03
C GLU A 58 -5.62 -10.40 10.57
N ASP A 59 -4.55 -9.82 11.09
CA ASP A 59 -4.16 -8.47 10.69
C ASP A 59 -3.75 -8.46 9.23
N LYS A 60 -2.95 -9.47 8.86
CA LYS A 60 -2.49 -9.60 7.48
C LYS A 60 -3.66 -9.77 6.52
N GLN A 61 -4.68 -10.55 6.89
CA GLN A 61 -5.82 -10.72 6.01
C GLN A 61 -6.50 -9.36 5.86
N ARG A 62 -6.67 -8.63 6.97
CA ARG A 62 -7.33 -7.33 6.91
C ARG A 62 -6.55 -6.40 5.98
N ILE A 63 -5.23 -6.39 6.12
CA ILE A 63 -4.40 -5.53 5.27
C ILE A 63 -4.59 -5.92 3.80
N SER A 64 -4.64 -7.21 3.51
CA SER A 64 -4.89 -7.63 2.14
C SER A 64 -6.23 -7.07 1.71
N GLU A 65 -7.27 -7.16 2.56
CA GLU A 65 -8.58 -6.64 2.19
C GLU A 65 -8.49 -5.13 1.92
N ILE A 66 -7.76 -4.42 2.77
CA ILE A 66 -7.59 -2.97 2.58
C ILE A 66 -6.93 -2.65 1.24
N LEU A 67 -5.86 -3.35 0.94
CA LEU A 67 -5.17 -3.11 -0.31
C LEU A 67 -6.13 -3.35 -1.46
N GLN A 68 -6.92 -4.39 -1.36
CA GLN A 68 -7.90 -4.67 -2.38
C GLN A 68 -8.89 -3.50 -2.50
N GLU A 69 -9.49 -3.07 -1.39
CA GLU A 69 -10.47 -1.99 -1.44
C GLU A 69 -9.89 -0.67 -1.97
N THR A 70 -8.71 -0.27 -1.49
CA THR A 70 -8.10 0.97 -1.95
C THR A 70 -7.86 0.92 -3.44
N TRP A 71 -7.30 -0.21 -3.84
CA TRP A 71 -6.98 -0.45 -5.23
C TRP A 71 -8.25 -0.38 -6.08
N GLU A 72 -9.35 -0.91 -5.57
CA GLU A 72 -10.62 -0.90 -6.31
C GLU A 72 -11.27 0.49 -6.31
N SER A 73 -10.87 1.40 -5.40
CA SER A 73 -11.48 2.74 -5.36
C SER A 73 -10.55 3.79 -5.92
N ALA A 74 -9.61 3.34 -6.74
CA ALA A 74 -8.59 4.20 -7.32
C ALA A 74 -9.10 5.46 -8.03
N ASP A 75 -10.20 5.34 -8.75
CA ASP A 75 -10.75 6.48 -9.49
C ASP A 75 -11.17 7.64 -8.57
N ASP A 76 -11.44 7.35 -7.30
CA ASP A 76 -11.88 8.39 -6.37
C ASP A 76 -10.71 9.06 -5.63
N TRP A 77 -9.76 8.29 -5.12
CA TRP A 77 -8.64 8.89 -4.37
C TRP A 77 -7.43 9.25 -5.25
N PHE A 78 -7.31 8.66 -6.44
CA PHE A 78 -6.16 8.99 -7.30
C PHE A 78 -6.47 10.19 -8.19
N VAL A 79 -5.59 11.19 -8.14
CA VAL A 79 -5.73 12.41 -8.92
C VAL A 79 -4.49 12.55 -9.82
N SER A 80 -4.65 13.00 -11.05
CA SER A 80 -3.51 13.17 -11.97
C SER A 80 -3.44 14.60 -12.49
N GLU A 81 -2.23 15.13 -12.57
CA GLU A 81 -2.02 16.49 -13.05
C GLU A 81 -2.87 16.75 -14.29
N MET A 1 5.44 -1.99 13.51
CA MET A 1 5.14 -2.85 12.34
C MET A 1 5.61 -2.15 11.07
N ARG A 2 6.14 -2.92 10.11
CA ARG A 2 6.61 -2.35 8.85
C ARG A 2 5.91 -3.04 7.67
N ILE A 3 5.42 -2.23 6.73
CA ILE A 3 4.72 -2.75 5.55
C ILE A 3 5.49 -2.37 4.28
N GLU A 4 5.84 -3.37 3.47
CA GLU A 4 6.59 -3.10 2.23
C GLU A 4 5.86 -3.66 1.00
N VAL A 5 5.68 -2.81 -0.01
CA VAL A 5 4.98 -3.21 -1.24
C VAL A 5 5.89 -3.06 -2.46
N THR A 6 5.94 -4.11 -3.31
CA THR A 6 6.75 -4.07 -4.54
C THR A 6 5.87 -4.27 -5.76
N ILE A 7 6.15 -3.48 -6.79
CA ILE A 7 5.40 -3.53 -8.04
C ILE A 7 6.34 -3.90 -9.20
N ALA A 8 5.91 -4.84 -10.05
CA ALA A 8 6.71 -5.28 -11.19
C ALA A 8 6.89 -4.16 -12.21
N LYS A 9 8.15 -4.06 -12.64
CA LYS A 9 8.56 -3.07 -13.62
C LYS A 9 7.80 -3.25 -14.93
N THR A 10 7.34 -4.47 -15.21
CA THR A 10 6.58 -4.71 -16.43
C THR A 10 5.31 -3.86 -16.40
N SER A 11 4.99 -3.31 -15.23
CA SER A 11 3.78 -2.48 -15.06
C SER A 11 4.14 -1.07 -14.57
N PRO A 12 4.56 -0.20 -15.46
CA PRO A 12 4.92 1.21 -15.10
C PRO A 12 3.70 2.09 -14.80
N LEU A 13 3.77 2.85 -13.69
CA LEU A 13 2.69 3.75 -13.30
C LEU A 13 3.13 5.21 -13.53
N PRO A 14 2.22 6.12 -13.84
CA PRO A 14 2.60 7.53 -14.12
C PRO A 14 3.51 8.13 -13.03
N ALA A 15 4.33 9.07 -13.48
CA ALA A 15 5.31 9.78 -12.64
C ALA A 15 4.67 10.50 -11.45
N GLY A 16 3.81 9.82 -10.69
CA GLY A 16 3.16 10.45 -9.54
C GLY A 16 2.33 9.44 -8.76
N ALA A 17 2.04 8.33 -9.42
CA ALA A 17 1.20 7.29 -8.85
C ALA A 17 1.82 6.52 -7.68
N ILE A 18 3.08 6.15 -7.78
CA ILE A 18 3.70 5.40 -6.69
C ILE A 18 3.65 6.22 -5.41
N ASP A 19 4.09 7.47 -5.50
CA ASP A 19 4.07 8.33 -4.34
C ASP A 19 2.64 8.49 -3.84
N ALA A 20 1.69 8.59 -4.77
CA ALA A 20 0.30 8.74 -4.37
C ALA A 20 -0.21 7.47 -3.66
N LEU A 21 0.16 6.31 -4.20
CA LEU A 21 -0.23 5.03 -3.63
C LEU A 21 0.29 4.88 -2.21
N ALA A 22 1.58 5.16 -2.02
CA ALA A 22 2.20 5.07 -0.71
C ALA A 22 1.49 6.01 0.26
N GLY A 23 1.12 7.19 -0.19
CA GLY A 23 0.42 8.14 0.67
C GLY A 23 -0.97 7.66 1.04
N GLU A 24 -1.74 7.15 0.07
CA GLU A 24 -3.08 6.68 0.39
C GLU A 24 -3.01 5.48 1.34
N LEU A 25 -2.06 4.59 1.09
CA LEU A 25 -1.94 3.39 1.93
C LEU A 25 -1.58 3.76 3.37
N SER A 26 -0.66 4.69 3.55
CA SER A 26 -0.25 5.09 4.88
C SER A 26 -1.42 5.66 5.68
N ARG A 27 -2.20 6.54 5.06
CA ARG A 27 -3.34 7.11 5.77
C ARG A 27 -4.30 6.00 6.18
N ARG A 28 -4.52 5.04 5.29
CA ARG A 28 -5.40 3.91 5.61
C ARG A 28 -4.85 3.12 6.79
N ILE A 29 -3.53 2.95 6.81
CA ILE A 29 -2.87 2.19 7.87
C ILE A 29 -3.00 2.88 9.23
N GLN A 30 -2.76 4.18 9.25
CA GLN A 30 -2.85 4.95 10.48
C GLN A 30 -4.26 4.93 11.06
N TYR A 31 -5.29 5.07 10.23
CA TYR A 31 -6.65 5.04 10.74
C TYR A 31 -6.97 3.64 11.28
N ALA A 32 -6.47 2.62 10.60
CA ALA A 32 -6.72 1.23 11.02
C ALA A 32 -5.95 0.88 12.29
N PHE A 33 -4.74 1.41 12.41
CA PHE A 33 -3.88 1.13 13.56
C PHE A 33 -3.51 2.42 14.30
N PRO A 34 -4.34 2.86 15.24
CA PRO A 34 -4.08 4.10 16.01
C PRO A 34 -2.95 3.96 17.05
N ASP A 35 -2.77 2.74 17.54
CA ASP A 35 -1.78 2.45 18.59
C ASP A 35 -0.41 2.01 18.06
N ASN A 36 -0.26 1.71 16.76
CA ASN A 36 1.04 1.21 16.26
C ASN A 36 1.60 2.02 15.09
N GLU A 37 2.86 2.41 15.15
CA GLU A 37 3.47 3.15 14.05
C GLU A 37 3.54 2.29 12.78
N GLY A 38 2.96 2.79 11.70
CA GLY A 38 3.01 2.05 10.42
C GLY A 38 3.87 2.75 9.39
N HIS A 39 4.87 2.08 8.80
CA HIS A 39 5.70 2.71 7.77
C HIS A 39 5.48 1.96 6.46
N VAL A 40 5.04 2.66 5.42
CA VAL A 40 4.77 2.02 4.14
C VAL A 40 5.77 2.45 3.08
N SER A 41 6.35 1.48 2.39
CA SER A 41 7.31 1.77 1.33
C SER A 41 6.88 1.10 0.03
N VAL A 42 7.06 1.81 -1.07
CA VAL A 42 6.71 1.28 -2.39
C VAL A 42 7.88 1.46 -3.33
N ARG A 43 8.31 0.34 -3.96
CA ARG A 43 9.44 0.40 -4.89
C ARG A 43 9.25 -0.62 -6.00
N TYR A 44 9.95 -0.44 -7.11
CA TYR A 44 9.84 -1.39 -8.21
C TYR A 44 10.78 -2.57 -7.98
N ALA A 45 10.32 -3.77 -8.33
CA ALA A 45 11.11 -4.99 -8.19
C ALA A 45 10.86 -5.88 -9.39
N ALA A 46 11.70 -6.89 -9.58
CA ALA A 46 11.52 -7.79 -10.72
C ALA A 46 10.14 -8.44 -10.68
N ALA A 47 9.57 -8.58 -9.47
CA ALA A 47 8.27 -9.23 -9.34
C ALA A 47 7.37 -8.53 -8.32
N ASN A 48 6.05 -8.62 -8.53
CA ASN A 48 5.10 -8.04 -7.60
C ASN A 48 5.10 -8.89 -6.33
N ASN A 49 5.27 -8.25 -5.18
CA ASN A 49 5.29 -8.97 -3.90
C ASN A 49 4.83 -8.07 -2.76
N LEU A 50 4.24 -8.67 -1.73
CA LEU A 50 3.78 -7.93 -0.55
C LEU A 50 4.41 -8.59 0.67
N SER A 51 5.16 -7.84 1.47
CA SER A 51 5.79 -8.38 2.67
C SER A 51 5.34 -7.60 3.90
N VAL A 52 4.89 -8.30 4.95
CA VAL A 52 4.45 -7.65 6.20
C VAL A 52 5.27 -8.21 7.35
N ILE A 53 5.93 -7.32 8.11
CA ILE A 53 6.75 -7.74 9.25
C ILE A 53 6.24 -7.10 10.55
N GLY A 54 6.02 -7.92 11.57
CA GLY A 54 5.57 -7.42 12.88
C GLY A 54 4.05 -7.43 13.03
N ALA A 55 3.35 -8.18 12.16
CA ALA A 55 1.88 -8.22 12.22
C ALA A 55 1.36 -9.65 12.38
N THR A 56 0.10 -9.72 12.80
CA THR A 56 -0.63 -10.97 12.98
C THR A 56 -1.35 -11.32 11.69
N LYS A 57 -1.66 -12.61 11.54
CA LYS A 57 -2.30 -13.11 10.32
C LYS A 57 -3.64 -12.44 10.04
N GLU A 58 -4.44 -12.19 11.06
CA GLU A 58 -5.72 -11.51 10.86
C GLU A 58 -5.50 -10.07 10.41
N ASP A 59 -4.46 -9.43 10.97
CA ASP A 59 -4.14 -8.07 10.58
C ASP A 59 -3.74 -8.06 9.11
N LYS A 60 -2.93 -9.06 8.75
CA LYS A 60 -2.47 -9.19 7.38
C LYS A 60 -3.63 -9.41 6.42
N GLN A 61 -4.62 -10.21 6.81
CA GLN A 61 -5.78 -10.41 5.93
C GLN A 61 -6.49 -9.08 5.78
N ARG A 62 -6.66 -8.34 6.89
CA ARG A 62 -7.34 -7.05 6.83
C ARG A 62 -6.57 -6.11 5.90
N ILE A 63 -5.26 -6.08 6.04
CA ILE A 63 -4.44 -5.22 5.20
C ILE A 63 -4.60 -5.60 3.73
N SER A 64 -4.59 -6.88 3.43
CA SER A 64 -4.78 -7.31 2.05
C SER A 64 -6.16 -6.80 1.61
N GLU A 65 -7.18 -6.93 2.46
CA GLU A 65 -8.52 -6.46 2.11
C GLU A 65 -8.46 -4.95 1.84
N ILE A 66 -7.76 -4.21 2.71
CA ILE A 66 -7.64 -2.76 2.54
C ILE A 66 -6.99 -2.41 1.21
N LEU A 67 -5.91 -3.10 0.89
CA LEU A 67 -5.22 -2.84 -0.35
C LEU A 67 -6.17 -3.10 -1.50
N GLN A 68 -6.95 -4.16 -1.38
CA GLN A 68 -7.91 -4.46 -2.41
C GLN A 68 -8.93 -3.32 -2.54
N GLU A 69 -9.53 -2.90 -1.42
CA GLU A 69 -10.53 -1.82 -1.46
C GLU A 69 -9.97 -0.50 -2.00
N THR A 70 -8.79 -0.10 -1.53
CA THR A 70 -8.20 1.16 -2.00
C THR A 70 -7.98 1.09 -3.49
N TRP A 71 -7.41 -0.03 -3.90
CA TRP A 71 -7.11 -0.29 -5.28
C TRP A 71 -8.39 -0.23 -6.11
N GLU A 72 -9.48 -0.76 -5.58
CA GLU A 72 -10.76 -0.76 -6.29
C GLU A 72 -11.43 0.62 -6.30
N SER A 73 -11.02 1.54 -5.41
CA SER A 73 -11.66 2.88 -5.36
C SER A 73 -10.72 3.94 -5.93
N ALA A 74 -9.78 3.52 -6.76
CA ALA A 74 -8.77 4.41 -7.32
C ALA A 74 -9.30 5.64 -8.05
N ASP A 75 -10.40 5.51 -8.77
CA ASP A 75 -10.96 6.63 -9.51
C ASP A 75 -11.39 7.79 -8.59
N ASP A 76 -11.62 7.50 -7.31
CA ASP A 76 -12.07 8.52 -6.36
C ASP A 76 -10.90 9.19 -5.61
N TRP A 77 -9.95 8.40 -5.09
CA TRP A 77 -8.85 8.98 -4.31
C TRP A 77 -7.62 9.37 -5.14
N PHE A 78 -7.46 8.80 -6.33
CA PHE A 78 -6.32 9.16 -7.17
C PHE A 78 -6.63 10.38 -8.02
N VAL A 79 -5.74 11.37 -7.95
CA VAL A 79 -5.90 12.63 -8.68
C VAL A 79 -4.69 12.84 -9.57
N SER A 80 -4.84 13.53 -10.71
CA SER A 80 -3.70 13.77 -11.59
C SER A 80 -3.78 15.18 -12.18
N GLU A 81 -2.63 15.85 -12.22
CA GLU A 81 -2.56 17.21 -12.76
C GLU A 81 -2.70 17.19 -14.28
N MET A 1 5.28 -2.13 13.57
CA MET A 1 4.96 -2.98 12.39
C MET A 1 5.46 -2.27 11.13
N ARG A 2 6.02 -3.04 10.18
CA ARG A 2 6.52 -2.47 8.92
C ARG A 2 5.88 -3.16 7.72
N ILE A 3 5.44 -2.36 6.75
CA ILE A 3 4.78 -2.89 5.56
C ILE A 3 5.56 -2.49 4.30
N GLU A 4 5.93 -3.47 3.49
CA GLU A 4 6.67 -3.20 2.24
C GLU A 4 5.94 -3.76 1.02
N VAL A 5 5.75 -2.90 0.02
CA VAL A 5 5.04 -3.29 -1.21
C VAL A 5 5.94 -3.14 -2.44
N THR A 6 5.96 -4.17 -3.30
CA THR A 6 6.77 -4.14 -4.53
C THR A 6 5.89 -4.33 -5.76
N ILE A 7 6.17 -3.54 -6.79
CA ILE A 7 5.44 -3.59 -8.05
C ILE A 7 6.39 -3.96 -9.20
N ALA A 8 5.97 -4.91 -10.04
CA ALA A 8 6.79 -5.35 -11.17
C ALA A 8 6.95 -4.23 -12.20
N LYS A 9 8.19 -4.12 -12.63
CA LYS A 9 8.59 -3.12 -13.61
C LYS A 9 7.82 -3.30 -14.92
N THR A 10 7.36 -4.52 -15.19
CA THR A 10 6.58 -4.76 -16.41
C THR A 10 5.31 -3.91 -16.38
N SER A 11 4.99 -3.35 -15.21
CA SER A 11 3.77 -2.53 -15.06
C SER A 11 4.12 -1.12 -14.54
N PRO A 12 4.55 -0.24 -15.40
CA PRO A 12 4.90 1.16 -15.02
C PRO A 12 3.68 2.06 -14.73
N LEU A 13 3.76 2.83 -13.64
CA LEU A 13 2.69 3.76 -13.26
C LEU A 13 3.13 5.19 -13.55
N PRO A 14 2.23 6.09 -13.90
CA PRO A 14 2.61 7.49 -14.24
C PRO A 14 3.56 8.10 -13.19
N ALA A 15 4.40 9.01 -13.68
CA ALA A 15 5.40 9.71 -12.87
C ALA A 15 4.82 10.46 -11.67
N GLY A 16 3.95 9.81 -10.89
CA GLY A 16 3.35 10.48 -9.73
C GLY A 16 2.49 9.52 -8.92
N ALA A 17 2.12 8.42 -9.56
CA ALA A 17 1.23 7.44 -8.95
C ALA A 17 1.83 6.66 -7.77
N ILE A 18 3.09 6.26 -7.87
CA ILE A 18 3.69 5.51 -6.77
C ILE A 18 3.68 6.34 -5.49
N ASP A 19 4.14 7.58 -5.58
CA ASP A 19 4.14 8.46 -4.43
C ASP A 19 2.72 8.65 -3.92
N ALA A 20 1.76 8.78 -4.85
CA ALA A 20 0.38 8.96 -4.42
C ALA A 20 -0.12 7.71 -3.70
N LEU A 21 0.28 6.54 -4.22
CA LEU A 21 -0.10 5.26 -3.66
C LEU A 21 0.41 5.09 -2.23
N ALA A 22 1.71 5.36 -2.05
CA ALA A 22 2.33 5.24 -0.74
C ALA A 22 1.63 6.18 0.24
N GLY A 23 1.21 7.34 -0.23
CA GLY A 23 0.51 8.28 0.64
C GLY A 23 -0.89 7.80 1.00
N GLU A 24 -1.64 7.29 0.02
CA GLU A 24 -2.99 6.81 0.32
C GLU A 24 -2.94 5.62 1.27
N LEU A 25 -1.99 4.72 1.06
CA LEU A 25 -1.89 3.54 1.92
C LEU A 25 -1.54 3.89 3.36
N SER A 26 -0.62 4.84 3.55
CA SER A 26 -0.22 5.23 4.89
C SER A 26 -1.40 5.77 5.70
N ARG A 27 -2.21 6.65 5.11
CA ARG A 27 -3.35 7.20 5.83
C ARG A 27 -4.30 6.08 6.27
N ARG A 28 -4.51 5.12 5.38
CA ARG A 28 -5.40 3.98 5.68
C ARG A 28 -4.86 3.14 6.83
N ILE A 29 -3.55 2.93 6.84
CA ILE A 29 -2.90 2.13 7.88
C ILE A 29 -3.01 2.80 9.25
N GLN A 30 -2.75 4.09 9.30
CA GLN A 30 -2.84 4.84 10.55
C GLN A 30 -4.25 4.82 11.11
N TYR A 31 -5.26 4.95 10.26
CA TYR A 31 -6.63 4.94 10.74
C TYR A 31 -6.96 3.54 11.28
N ALA A 32 -6.49 2.51 10.60
CA ALA A 32 -6.75 1.14 11.01
C ALA A 32 -5.99 0.80 12.29
N PHE A 33 -4.79 1.36 12.42
CA PHE A 33 -3.94 1.10 13.58
C PHE A 33 -3.62 2.40 14.30
N PRO A 34 -4.47 2.83 15.21
CA PRO A 34 -4.26 4.10 15.97
C PRO A 34 -3.15 3.99 17.02
N ASP A 35 -2.93 2.77 17.50
CA ASP A 35 -1.93 2.53 18.57
C ASP A 35 -0.58 2.01 18.05
N ASN A 36 -0.42 1.70 16.75
CA ASN A 36 0.87 1.16 16.25
C ASN A 36 1.42 1.95 15.08
N GLU A 37 2.70 2.33 15.12
CA GLU A 37 3.29 3.07 14.02
C GLU A 37 3.36 2.20 12.76
N GLY A 38 2.76 2.68 11.69
CA GLY A 38 2.81 1.94 10.42
C GLY A 38 3.68 2.64 9.38
N HIS A 39 4.68 1.97 8.80
CA HIS A 39 5.52 2.60 7.78
C HIS A 39 5.34 1.85 6.47
N VAL A 40 4.95 2.55 5.42
CA VAL A 40 4.69 1.92 4.13
C VAL A 40 5.70 2.39 3.09
N SER A 41 6.31 1.42 2.40
CA SER A 41 7.27 1.74 1.34
C SER A 41 6.85 1.08 0.04
N VAL A 42 7.03 1.79 -1.07
CA VAL A 42 6.69 1.26 -2.38
C VAL A 42 7.88 1.45 -3.31
N ARG A 43 8.30 0.35 -3.95
CA ARG A 43 9.44 0.39 -4.87
C ARG A 43 9.26 -0.64 -5.97
N TYR A 44 9.96 -0.45 -7.09
CA TYR A 44 9.87 -1.40 -8.19
C TYR A 44 10.81 -2.57 -7.96
N ALA A 45 10.35 -3.77 -8.30
CA ALA A 45 11.15 -4.99 -8.14
C ALA A 45 10.90 -5.89 -9.35
N ALA A 46 11.72 -6.92 -9.53
CA ALA A 46 11.55 -7.81 -10.67
C ALA A 46 10.17 -8.46 -10.63
N ALA A 47 9.60 -8.60 -9.43
CA ALA A 47 8.28 -9.24 -9.29
C ALA A 47 7.38 -8.55 -8.27
N ASN A 48 6.07 -8.66 -8.49
CA ASN A 48 5.11 -8.10 -7.54
C ASN A 48 5.15 -8.94 -6.28
N ASN A 49 5.35 -8.30 -5.13
CA ASN A 49 5.40 -9.02 -3.85
C ASN A 49 4.94 -8.10 -2.72
N LEU A 50 4.35 -8.70 -1.68
CA LEU A 50 3.90 -7.96 -0.51
C LEU A 50 4.53 -8.63 0.71
N SER A 51 5.28 -7.88 1.51
CA SER A 51 5.92 -8.44 2.71
C SER A 51 5.50 -7.65 3.94
N VAL A 52 5.09 -8.36 5.00
CA VAL A 52 4.70 -7.71 6.25
C VAL A 52 5.53 -8.30 7.39
N ILE A 53 6.20 -7.44 8.16
CA ILE A 53 7.02 -7.90 9.29
C ILE A 53 6.56 -7.27 10.59
N GLY A 54 6.34 -8.10 11.61
CA GLY A 54 5.91 -7.61 12.93
C GLY A 54 4.39 -7.63 13.08
N ALA A 55 3.70 -8.40 12.23
CA ALA A 55 2.23 -8.47 12.28
C ALA A 55 1.72 -9.91 12.40
N THR A 56 0.44 -9.99 12.77
CA THR A 56 -0.31 -11.24 12.93
C THR A 56 -1.10 -11.54 11.67
N LYS A 57 -1.52 -12.79 11.54
CA LYS A 57 -2.23 -13.25 10.36
C LYS A 57 -3.54 -12.48 10.10
N GLU A 58 -4.31 -12.15 11.14
CA GLU A 58 -5.58 -11.42 10.93
C GLU A 58 -5.34 -9.98 10.47
N ASP A 59 -4.34 -9.29 11.02
CA ASP A 59 -4.07 -7.92 10.61
C ASP A 59 -3.70 -7.90 9.14
N LYS A 60 -2.89 -8.88 8.77
CA LYS A 60 -2.43 -9.00 7.38
C LYS A 60 -3.60 -9.23 6.43
N GLN A 61 -4.59 -10.05 6.80
CA GLN A 61 -5.73 -10.24 5.92
C GLN A 61 -6.46 -8.92 5.77
N ARG A 62 -6.64 -8.20 6.88
CA ARG A 62 -7.34 -6.93 6.84
C ARG A 62 -6.60 -5.98 5.91
N ILE A 63 -5.29 -5.93 6.05
CA ILE A 63 -4.49 -5.07 5.20
C ILE A 63 -4.67 -5.46 3.73
N SER A 64 -4.68 -6.76 3.44
CA SER A 64 -4.89 -7.20 2.07
C SER A 64 -6.27 -6.69 1.65
N GLU A 65 -7.30 -6.82 2.52
CA GLU A 65 -8.63 -6.35 2.15
C GLU A 65 -8.59 -4.85 1.87
N ILE A 66 -7.88 -4.09 2.71
CA ILE A 66 -7.78 -2.65 2.52
C ILE A 66 -7.15 -2.32 1.17
N LEU A 67 -6.07 -3.01 0.85
CA LEU A 67 -5.39 -2.76 -0.40
C LEU A 67 -6.36 -3.05 -1.54
N GLN A 68 -7.13 -4.12 -1.41
CA GLN A 68 -8.10 -4.44 -2.44
C GLN A 68 -9.13 -3.32 -2.59
N GLU A 69 -9.76 -2.91 -1.48
CA GLU A 69 -10.78 -1.85 -1.54
C GLU A 69 -10.22 -0.53 -2.06
N THR A 70 -9.05 -0.11 -1.56
CA THR A 70 -8.46 1.14 -2.02
C THR A 70 -8.22 1.08 -3.51
N TRP A 71 -7.62 -0.03 -3.89
CA TRP A 71 -7.30 -0.28 -5.28
C TRP A 71 -8.56 -0.25 -6.12
N GLU A 72 -9.66 -0.77 -5.61
CA GLU A 72 -10.92 -0.79 -6.34
C GLU A 72 -11.58 0.59 -6.35
N SER A 73 -11.18 1.51 -5.45
CA SER A 73 -11.81 2.85 -5.41
C SER A 73 -10.87 3.91 -5.96
N ALA A 74 -9.92 3.48 -6.77
CA ALA A 74 -8.89 4.36 -7.34
C ALA A 74 -9.41 5.62 -8.04
N ASP A 75 -10.53 5.51 -8.73
CA ASP A 75 -11.08 6.66 -9.45
C ASP A 75 -11.49 7.80 -8.51
N ASP A 76 -11.69 7.51 -7.23
CA ASP A 76 -12.12 8.55 -6.27
C ASP A 76 -10.94 9.22 -5.54
N TRP A 77 -9.97 8.44 -5.06
CA TRP A 77 -8.85 9.04 -4.29
C TRP A 77 -7.66 9.45 -5.16
N PHE A 78 -7.55 8.91 -6.36
CA PHE A 78 -6.42 9.28 -7.22
C PHE A 78 -6.75 10.48 -8.09
N VAL A 79 -5.90 11.49 -8.02
CA VAL A 79 -6.08 12.72 -8.78
C VAL A 79 -4.83 12.98 -9.62
N SER A 80 -5.00 13.45 -10.86
CA SER A 80 -3.84 13.73 -11.73
C SER A 80 -3.89 15.17 -12.22
N GLU A 81 -2.73 15.80 -12.23
CA GLU A 81 -2.64 17.18 -12.68
C GLU A 81 -2.95 17.29 -14.17
N MET A 1 5.47 -1.85 13.58
CA MET A 1 5.20 -2.72 12.40
C MET A 1 5.73 -2.06 11.14
N ARG A 2 6.28 -2.84 10.22
CA ARG A 2 6.80 -2.30 8.96
C ARG A 2 6.13 -2.99 7.77
N ILE A 3 5.66 -2.19 6.82
CA ILE A 3 4.96 -2.72 5.64
C ILE A 3 5.72 -2.34 4.37
N GLU A 4 6.06 -3.33 3.55
CA GLU A 4 6.78 -3.06 2.29
C GLU A 4 6.02 -3.62 1.09
N VAL A 5 5.84 -2.77 0.08
CA VAL A 5 5.12 -3.16 -1.14
C VAL A 5 6.01 -3.02 -2.37
N THR A 6 6.02 -4.05 -3.21
CA THR A 6 6.82 -4.05 -4.44
C THR A 6 5.91 -4.24 -5.64
N ILE A 7 6.17 -3.45 -6.66
CA ILE A 7 5.40 -3.51 -7.91
C ILE A 7 6.32 -3.93 -9.05
N ALA A 8 5.86 -4.89 -9.84
CA ALA A 8 6.65 -5.37 -10.96
C ALA A 8 6.85 -4.25 -11.96
N LYS A 9 8.11 -4.09 -12.35
CA LYS A 9 8.52 -3.07 -13.28
C LYS A 9 7.81 -3.22 -14.62
N THR A 10 7.38 -4.45 -14.93
CA THR A 10 6.67 -4.69 -16.18
C THR A 10 5.38 -3.89 -16.19
N SER A 11 5.02 -3.31 -15.04
CA SER A 11 3.79 -2.51 -14.91
C SER A 11 4.13 -1.09 -14.43
N PRO A 12 4.59 -0.23 -15.31
CA PRO A 12 4.94 1.18 -14.95
C PRO A 12 3.73 2.06 -14.65
N LEU A 13 3.81 2.81 -13.55
CA LEU A 13 2.75 3.74 -13.16
C LEU A 13 3.22 5.17 -13.45
N PRO A 14 2.33 6.08 -13.83
CA PRO A 14 2.73 7.48 -14.18
C PRO A 14 3.68 8.10 -13.15
N ALA A 15 4.53 8.99 -13.65
CA ALA A 15 5.53 9.69 -12.86
C ALA A 15 4.95 10.46 -11.67
N GLY A 16 4.09 9.81 -10.89
CA GLY A 16 3.48 10.46 -9.73
C GLY A 16 2.63 9.48 -8.94
N ALA A 17 2.29 8.37 -9.60
CA ALA A 17 1.42 7.36 -9.01
C ALA A 17 2.03 6.58 -7.84
N ILE A 18 3.30 6.23 -7.92
CA ILE A 18 3.92 5.47 -6.83
C ILE A 18 3.84 6.29 -5.54
N ASP A 19 4.27 7.54 -5.63
CA ASP A 19 4.23 8.41 -4.46
C ASP A 19 2.79 8.55 -3.99
N ALA A 20 1.83 8.63 -4.92
CA ALA A 20 0.44 8.77 -4.52
C ALA A 20 -0.07 7.50 -3.82
N LEU A 21 0.31 6.34 -4.35
CA LEU A 21 -0.09 5.07 -3.78
C LEU A 21 0.41 4.92 -2.35
N ALA A 22 1.69 5.22 -2.15
CA ALA A 22 2.29 5.12 -0.82
C ALA A 22 1.58 6.05 0.15
N GLY A 23 1.21 7.24 -0.28
CA GLY A 23 0.50 8.18 0.58
C GLY A 23 -0.90 7.68 0.92
N GLU A 24 -1.64 7.17 -0.06
CA GLU A 24 -2.98 6.69 0.23
C GLU A 24 -2.93 5.46 1.14
N LEU A 25 -1.98 4.56 0.89
CA LEU A 25 -1.88 3.36 1.71
C LEU A 25 -1.53 3.69 3.16
N SER A 26 -0.63 4.64 3.36
CA SER A 26 -0.23 5.00 4.72
C SER A 26 -1.42 5.52 5.52
N ARG A 27 -2.23 6.40 4.91
CA ARG A 27 -3.38 6.94 5.60
C ARG A 27 -4.33 5.81 6.00
N ARG A 28 -4.53 4.86 5.11
CA ARG A 28 -5.41 3.73 5.37
C ARG A 28 -4.89 2.89 6.54
N ILE A 29 -3.57 2.71 6.57
CA ILE A 29 -2.94 1.93 7.62
C ILE A 29 -3.07 2.60 8.99
N GLN A 30 -2.88 3.90 9.02
CA GLN A 30 -2.98 4.64 10.27
C GLN A 30 -4.40 4.62 10.82
N TYR A 31 -5.42 4.73 9.97
CA TYR A 31 -6.79 4.71 10.45
C TYR A 31 -7.13 3.33 11.02
N ALA A 32 -6.66 2.28 10.36
CA ALA A 32 -6.93 0.92 10.81
C ALA A 32 -6.16 0.56 12.08
N PHE A 33 -4.94 1.09 12.18
CA PHE A 33 -4.07 0.83 13.34
C PHE A 33 -3.72 2.13 14.07
N PRO A 34 -4.53 2.53 15.01
CA PRO A 34 -4.29 3.79 15.78
C PRO A 34 -3.18 3.65 16.82
N ASP A 35 -3.01 2.42 17.32
CA ASP A 35 -2.03 2.11 18.37
C ASP A 35 -0.65 1.67 17.85
N ASN A 36 -0.50 1.37 16.57
CA ASN A 36 0.82 0.89 16.06
C ASN A 36 1.35 1.73 14.91
N GLU A 37 2.60 2.15 14.99
CA GLU A 37 3.20 2.94 13.93
C GLU A 37 3.30 2.12 12.63
N GLY A 38 2.74 2.65 11.56
CA GLY A 38 2.81 1.95 10.27
C GLY A 38 3.69 2.69 9.27
N HIS A 39 4.72 2.04 8.72
CA HIS A 39 5.58 2.70 7.72
C HIS A 39 5.40 1.98 6.39
N VAL A 40 5.02 2.70 5.34
CA VAL A 40 4.76 2.08 4.05
C VAL A 40 5.76 2.53 2.98
N SER A 41 6.34 1.56 2.28
CA SER A 41 7.30 1.85 1.21
C SER A 41 6.87 1.17 -0.08
N VAL A 42 7.07 1.87 -1.19
CA VAL A 42 6.72 1.31 -2.51
C VAL A 42 7.90 1.47 -3.46
N ARG A 43 8.30 0.36 -4.12
CA ARG A 43 9.42 0.39 -5.06
C ARG A 43 9.23 -0.60 -6.20
N TYR A 44 9.94 -0.37 -7.30
CA TYR A 44 9.86 -1.28 -8.45
C TYR A 44 10.78 -2.47 -8.20
N ALA A 45 10.30 -3.67 -8.53
CA ALA A 45 11.07 -4.89 -8.35
C ALA A 45 10.84 -5.83 -9.53
N ALA A 46 11.65 -6.87 -9.65
CA ALA A 46 11.49 -7.81 -10.76
C ALA A 46 10.10 -8.46 -10.71
N ALA A 47 9.52 -8.58 -9.50
CA ALA A 47 8.20 -9.22 -9.36
C ALA A 47 7.31 -8.50 -8.35
N ASN A 48 5.99 -8.59 -8.56
CA ASN A 48 5.04 -8.00 -7.62
C ASN A 48 5.08 -8.83 -6.35
N ASN A 49 5.29 -8.20 -5.20
CA ASN A 49 5.34 -8.91 -3.92
C ASN A 49 4.88 -8.01 -2.78
N LEU A 50 4.29 -8.62 -1.76
CA LEU A 50 3.82 -7.88 -0.58
C LEU A 50 4.45 -8.54 0.64
N SER A 51 5.19 -7.77 1.45
CA SER A 51 5.81 -8.32 2.65
C SER A 51 5.38 -7.52 3.87
N VAL A 52 4.92 -8.20 4.92
CA VAL A 52 4.51 -7.54 6.16
C VAL A 52 5.33 -8.10 7.32
N ILE A 53 5.99 -7.22 8.08
CA ILE A 53 6.81 -7.65 9.21
C ILE A 53 6.33 -7.01 10.51
N GLY A 54 6.11 -7.83 11.54
CA GLY A 54 5.67 -7.33 12.84
C GLY A 54 4.15 -7.34 12.99
N ALA A 55 3.46 -8.09 12.13
CA ALA A 55 1.99 -8.16 12.20
C ALA A 55 1.48 -9.59 12.38
N THR A 56 0.23 -9.66 12.83
CA THR A 56 -0.50 -10.90 13.04
C THR A 56 -1.26 -11.25 11.77
N LYS A 57 -1.63 -12.52 11.65
CA LYS A 57 -2.31 -13.00 10.45
C LYS A 57 -3.63 -12.28 10.20
N GLU A 58 -4.42 -12.00 11.23
CA GLU A 58 -5.68 -11.29 11.05
C GLU A 58 -5.41 -9.88 10.56
N ASP A 59 -4.34 -9.27 11.09
CA ASP A 59 -3.96 -7.92 10.67
C ASP A 59 -3.59 -7.96 9.20
N LYS A 60 -2.83 -8.98 8.84
CA LYS A 60 -2.39 -9.15 7.46
C LYS A 60 -3.59 -9.33 6.52
N GLN A 61 -4.62 -10.09 6.93
CA GLN A 61 -5.78 -10.25 6.06
C GLN A 61 -6.46 -8.89 5.91
N ARG A 62 -6.61 -8.14 7.02
CA ARG A 62 -7.27 -6.84 6.92
C ARG A 62 -6.50 -5.95 5.96
N ILE A 63 -5.18 -5.96 6.09
CA ILE A 63 -4.38 -5.14 5.20
C ILE A 63 -4.61 -5.57 3.76
N SER A 64 -4.67 -6.87 3.53
CA SER A 64 -4.94 -7.34 2.18
C SER A 64 -6.30 -6.80 1.75
N GLU A 65 -7.33 -6.90 2.61
CA GLU A 65 -8.66 -6.41 2.26
C GLU A 65 -8.62 -4.90 2.04
N ILE A 66 -7.94 -4.19 2.94
CA ILE A 66 -7.84 -2.74 2.84
C ILE A 66 -7.18 -2.36 1.52
N LEU A 67 -6.10 -3.05 1.19
CA LEU A 67 -5.42 -2.79 -0.05
C LEU A 67 -6.37 -3.03 -1.22
N GLN A 68 -7.14 -4.10 -1.13
CA GLN A 68 -8.10 -4.37 -2.18
C GLN A 68 -9.09 -3.22 -2.30
N GLU A 69 -9.70 -2.81 -1.18
CA GLU A 69 -10.69 -1.75 -1.21
C GLU A 69 -10.12 -0.43 -1.74
N THR A 70 -8.96 -0.01 -1.27
CA THR A 70 -8.36 1.25 -1.74
C THR A 70 -8.13 1.18 -3.23
N TRP A 71 -7.55 0.06 -3.63
CA TRP A 71 -7.24 -0.19 -5.01
C TRP A 71 -8.52 -0.15 -5.85
N GLU A 72 -9.61 -0.68 -5.33
CA GLU A 72 -10.88 -0.68 -6.06
C GLU A 72 -11.55 0.70 -6.06
N SER A 73 -11.13 1.62 -5.17
CA SER A 73 -11.76 2.96 -5.13
C SER A 73 -10.82 4.03 -5.69
N ALA A 74 -9.88 3.59 -6.53
CA ALA A 74 -8.86 4.46 -7.10
C ALA A 74 -9.38 5.71 -7.82
N ASP A 75 -10.46 5.57 -8.57
CA ASP A 75 -11.01 6.71 -9.31
C ASP A 75 -11.40 7.87 -8.40
N ASP A 76 -11.63 7.58 -7.12
CA ASP A 76 -12.04 8.61 -6.17
C ASP A 76 -10.86 9.27 -5.44
N TRP A 77 -9.92 8.48 -4.93
CA TRP A 77 -8.80 9.07 -4.18
C TRP A 77 -7.59 9.42 -5.05
N PHE A 78 -7.48 8.80 -6.24
CA PHE A 78 -6.34 9.12 -7.12
C PHE A 78 -6.67 10.31 -8.00
N VAL A 79 -5.80 11.31 -7.93
CA VAL A 79 -5.96 12.55 -8.70
C VAL A 79 -4.71 12.75 -9.56
N SER A 80 -4.88 13.17 -10.82
CA SER A 80 -3.73 13.40 -11.71
C SER A 80 -3.69 14.84 -12.18
N GLU A 81 -2.49 15.40 -12.22
CA GLU A 81 -2.31 16.78 -12.66
C GLU A 81 -2.38 16.87 -14.18
#